data_1EXG
# 
_entry.id   1EXG 
# 
_audit_conform.dict_name       mmcif_pdbx.dic 
_audit_conform.dict_version    5.397 
_audit_conform.dict_location   http://mmcif.pdb.org/dictionaries/ascii/mmcif_pdbx.dic 
# 
loop_
_database_2.database_id 
_database_2.database_code 
_database_2.pdbx_database_accession 
_database_2.pdbx_DOI 
PDB   1EXG         pdb_00001exg 10.2210/pdb1exg/pdb 
WWPDB D_1000173185 ?            ?                   
# 
loop_
_pdbx_audit_revision_history.ordinal 
_pdbx_audit_revision_history.data_content_type 
_pdbx_audit_revision_history.major_revision 
_pdbx_audit_revision_history.minor_revision 
_pdbx_audit_revision_history.revision_date 
1 'Structure model' 1 0 1995-06-03 
2 'Structure model' 1 1 2008-03-24 
3 'Structure model' 1 2 2011-07-13 
4 'Structure model' 1 3 2022-02-16 
5 'Structure model' 1 4 2024-10-23 
# 
_pdbx_audit_revision_details.ordinal             1 
_pdbx_audit_revision_details.revision_ordinal    1 
_pdbx_audit_revision_details.data_content_type   'Structure model' 
_pdbx_audit_revision_details.provider            repository 
_pdbx_audit_revision_details.type                'Initial release' 
_pdbx_audit_revision_details.description         ? 
_pdbx_audit_revision_details.details             ? 
# 
loop_
_pdbx_audit_revision_group.ordinal 
_pdbx_audit_revision_group.revision_ordinal 
_pdbx_audit_revision_group.data_content_type 
_pdbx_audit_revision_group.group 
1 2 'Structure model' 'Version format compliance' 
2 3 'Structure model' 'Version format compliance' 
3 4 'Structure model' 'Database references'       
4 4 'Structure model' 'Derived calculations'      
5 4 'Structure model' Other                       
6 5 'Structure model' 'Data collection'           
7 5 'Structure model' 'Structure summary'         
# 
loop_
_pdbx_audit_revision_category.ordinal 
_pdbx_audit_revision_category.revision_ordinal 
_pdbx_audit_revision_category.data_content_type 
_pdbx_audit_revision_category.category 
1 4 'Structure model' database_2                
2 4 'Structure model' pdbx_database_status      
3 4 'Structure model' pdbx_struct_assembly      
4 4 'Structure model' pdbx_struct_oper_list     
5 5 'Structure model' chem_comp_atom            
6 5 'Structure model' chem_comp_bond            
7 5 'Structure model' pdbx_entry_details        
8 5 'Structure model' pdbx_modification_feature 
# 
loop_
_pdbx_audit_revision_item.ordinal 
_pdbx_audit_revision_item.revision_ordinal 
_pdbx_audit_revision_item.data_content_type 
_pdbx_audit_revision_item.item 
1 4 'Structure model' '_database_2.pdbx_DOI'                
2 4 'Structure model' '_database_2.pdbx_database_accession' 
3 4 'Structure model' '_pdbx_database_status.process_site'  
# 
_pdbx_database_status.status_code                     REL 
_pdbx_database_status.entry_id                        1EXG 
_pdbx_database_status.recvd_initial_deposition_date   1995-03-14 
_pdbx_database_status.deposit_site                    ? 
_pdbx_database_status.process_site                    BNL 
_pdbx_database_status.SG_entry                        . 
_pdbx_database_status.pdb_format_compatible           Y 
_pdbx_database_status.status_code_mr                  ? 
_pdbx_database_status.status_code_sf                  ? 
_pdbx_database_status.status_code_cs                  ? 
_pdbx_database_status.status_code_nmr_data            ? 
_pdbx_database_status.methods_development_category    ? 
# 
_pdbx_database_related.db_name        PDB 
_pdbx_database_related.db_id          1EXH 
_pdbx_database_related.details        . 
_pdbx_database_related.content_type   ensemble 
# 
loop_
_audit_author.name 
_audit_author.pdbx_ordinal 
'Xu, G.-Y.'          1 
'Ong, E.'            2 
'Gilkes, N.R.'       3 
'Kilburn, D.G.'      4 
'Muhandiram, D.R.'   5 
'Harris-Brandts, M.' 6 
'Carver, J.P.'       7 
'Kay, L.E.'          8 
'Harvey, T.S.'       9 
# 
_citation.id                        primary 
_citation.title                     
'Solution structure of a cellulose-binding domain from Cellulomonas fimi by nuclear magnetic resonance spectroscopy.' 
_citation.journal_abbrev            Biochemistry 
_citation.journal_volume            34 
_citation.page_first                6993 
_citation.page_last                 7009 
_citation.year                      1995 
_citation.journal_id_ASTM           BICHAW 
_citation.country                   US 
_citation.journal_id_ISSN           0006-2960 
_citation.journal_id_CSD            0033 
_citation.book_publisher            ? 
_citation.pdbx_database_id_PubMed   7766609 
_citation.pdbx_database_id_DOI      10.1021/bi00021a011 
# 
loop_
_citation_author.citation_id 
_citation_author.name 
_citation_author.ordinal 
_citation_author.identifier_ORCID 
primary 'Xu, G.Y.'           1 ? 
primary 'Ong, E.'            2 ? 
primary 'Gilkes, N.R.'       3 ? 
primary 'Kilburn, D.G.'      4 ? 
primary 'Muhandiram, D.R.'   5 ? 
primary 'Harris-Brandts, M.' 6 ? 
primary 'Carver, J.P.'       7 ? 
primary 'Kay, L.E.'          8 ? 
primary 'Harvey, T.S.'       9 ? 
# 
_entity.id                         1 
_entity.type                       polymer 
_entity.src_method                 man 
_entity.pdbx_description           EXO-1,4-BETA-D-GLYCANASE 
_entity.formula_weight             11083.954 
_entity.pdbx_number_of_molecules   1 
_entity.pdbx_ec                    3.2.1.91 
_entity.pdbx_mutation              ? 
_entity.pdbx_fragment              ? 
_entity.details                    ? 
# 
_entity_poly.entity_id                      1 
_entity_poly.type                           'polypeptide(L)' 
_entity_poly.nstd_linkage                   no 
_entity_poly.nstd_monomer                   no 
_entity_poly.pdbx_seq_one_letter_code       
;ASSGPAGCQVLWGVNQWNTGFTANVTVKNTSSAPVDGWTLTFSFPSGQQVTQAWSSTVTQSGSAVTVRNAPWNGSIPAGG
TAQFGFNGSHTGTNAAPTAFSLNGTPCTVG
;
_entity_poly.pdbx_seq_one_letter_code_can   
;ASSGPAGCQVLWGVNQWNTGFTANVTVKNTSSAPVDGWTLTFSFPSGQQVTQAWSSTVTQSGSAVTVRNAPWNGSIPAGG
TAQFGFNGSHTGTNAAPTAFSLNGTPCTVG
;
_entity_poly.pdbx_strand_id                 A 
_entity_poly.pdbx_target_identifier         ? 
# 
loop_
_entity_poly_seq.entity_id 
_entity_poly_seq.num 
_entity_poly_seq.mon_id 
_entity_poly_seq.hetero 
1 1   ALA n 
1 2   SER n 
1 3   SER n 
1 4   GLY n 
1 5   PRO n 
1 6   ALA n 
1 7   GLY n 
1 8   CYS n 
1 9   GLN n 
1 10  VAL n 
1 11  LEU n 
1 12  TRP n 
1 13  GLY n 
1 14  VAL n 
1 15  ASN n 
1 16  GLN n 
1 17  TRP n 
1 18  ASN n 
1 19  THR n 
1 20  GLY n 
1 21  PHE n 
1 22  THR n 
1 23  ALA n 
1 24  ASN n 
1 25  VAL n 
1 26  THR n 
1 27  VAL n 
1 28  LYS n 
1 29  ASN n 
1 30  THR n 
1 31  SER n 
1 32  SER n 
1 33  ALA n 
1 34  PRO n 
1 35  VAL n 
1 36  ASP n 
1 37  GLY n 
1 38  TRP n 
1 39  THR n 
1 40  LEU n 
1 41  THR n 
1 42  PHE n 
1 43  SER n 
1 44  PHE n 
1 45  PRO n 
1 46  SER n 
1 47  GLY n 
1 48  GLN n 
1 49  GLN n 
1 50  VAL n 
1 51  THR n 
1 52  GLN n 
1 53  ALA n 
1 54  TRP n 
1 55  SER n 
1 56  SER n 
1 57  THR n 
1 58  VAL n 
1 59  THR n 
1 60  GLN n 
1 61  SER n 
1 62  GLY n 
1 63  SER n 
1 64  ALA n 
1 65  VAL n 
1 66  THR n 
1 67  VAL n 
1 68  ARG n 
1 69  ASN n 
1 70  ALA n 
1 71  PRO n 
1 72  TRP n 
1 73  ASN n 
1 74  GLY n 
1 75  SER n 
1 76  ILE n 
1 77  PRO n 
1 78  ALA n 
1 79  GLY n 
1 80  GLY n 
1 81  THR n 
1 82  ALA n 
1 83  GLN n 
1 84  PHE n 
1 85  GLY n 
1 86  PHE n 
1 87  ASN n 
1 88  GLY n 
1 89  SER n 
1 90  HIS n 
1 91  THR n 
1 92  GLY n 
1 93  THR n 
1 94  ASN n 
1 95  ALA n 
1 96  ALA n 
1 97  PRO n 
1 98  THR n 
1 99  ALA n 
1 100 PHE n 
1 101 SER n 
1 102 LEU n 
1 103 ASN n 
1 104 GLY n 
1 105 THR n 
1 106 PRO n 
1 107 CYS n 
1 108 THR n 
1 109 VAL n 
1 110 GLY n 
# 
_entity_src_gen.entity_id                          1 
_entity_src_gen.pdbx_src_id                        1 
_entity_src_gen.pdbx_alt_source_flag               sample 
_entity_src_gen.pdbx_seq_type                      ? 
_entity_src_gen.pdbx_beg_seq_num                   ? 
_entity_src_gen.pdbx_end_seq_num                   ? 
_entity_src_gen.gene_src_common_name               ? 
_entity_src_gen.gene_src_genus                     ? 
_entity_src_gen.pdbx_gene_src_gene                 ? 
_entity_src_gen.gene_src_species                   ? 
_entity_src_gen.gene_src_strain                    ? 
_entity_src_gen.gene_src_tissue                    ? 
_entity_src_gen.gene_src_tissue_fraction           ? 
_entity_src_gen.gene_src_details                   ? 
_entity_src_gen.pdbx_gene_src_fragment             ? 
_entity_src_gen.pdbx_gene_src_scientific_name      'Cellulomonas fimi' 
_entity_src_gen.pdbx_gene_src_ncbi_taxonomy_id     1708 
_entity_src_gen.pdbx_gene_src_variant              ? 
_entity_src_gen.pdbx_gene_src_cell_line            ? 
_entity_src_gen.pdbx_gene_src_atcc                 ? 
_entity_src_gen.pdbx_gene_src_organ                ? 
_entity_src_gen.pdbx_gene_src_organelle            ? 
_entity_src_gen.pdbx_gene_src_cell                 ? 
_entity_src_gen.pdbx_gene_src_cellular_location    ? 
_entity_src_gen.host_org_common_name               ? 
_entity_src_gen.pdbx_host_org_scientific_name      ? 
_entity_src_gen.pdbx_host_org_ncbi_taxonomy_id     ? 
_entity_src_gen.host_org_genus                     ? 
_entity_src_gen.pdbx_host_org_gene                 ? 
_entity_src_gen.pdbx_host_org_organ                ? 
_entity_src_gen.host_org_species                   ? 
_entity_src_gen.pdbx_host_org_tissue               ? 
_entity_src_gen.pdbx_host_org_tissue_fraction      ? 
_entity_src_gen.pdbx_host_org_strain               ? 
_entity_src_gen.pdbx_host_org_variant              ? 
_entity_src_gen.pdbx_host_org_cell_line            ? 
_entity_src_gen.pdbx_host_org_atcc                 ? 
_entity_src_gen.pdbx_host_org_culture_collection   ? 
_entity_src_gen.pdbx_host_org_cell                 ? 
_entity_src_gen.pdbx_host_org_organelle            ? 
_entity_src_gen.pdbx_host_org_cellular_location    ? 
_entity_src_gen.pdbx_host_org_vector_type          ? 
_entity_src_gen.pdbx_host_org_vector               ? 
_entity_src_gen.host_org_details                   ? 
_entity_src_gen.expression_system_id               ? 
_entity_src_gen.plasmid_name                       ? 
_entity_src_gen.plasmid_details                    ? 
_entity_src_gen.pdbx_description                   ? 
# 
loop_
_chem_comp.id 
_chem_comp.type 
_chem_comp.mon_nstd_flag 
_chem_comp.name 
_chem_comp.pdbx_synonyms 
_chem_comp.formula 
_chem_comp.formula_weight 
ALA 'L-peptide linking' y ALANINE         ? 'C3 H7 N O2'     89.093  
ARG 'L-peptide linking' y ARGININE        ? 'C6 H15 N4 O2 1' 175.209 
ASN 'L-peptide linking' y ASPARAGINE      ? 'C4 H8 N2 O3'    132.118 
ASP 'L-peptide linking' y 'ASPARTIC ACID' ? 'C4 H7 N O4'     133.103 
CYS 'L-peptide linking' y CYSTEINE        ? 'C3 H7 N O2 S'   121.158 
GLN 'L-peptide linking' y GLUTAMINE       ? 'C5 H10 N2 O3'   146.144 
GLY 'peptide linking'   y GLYCINE         ? 'C2 H5 N O2'     75.067  
HIS 'L-peptide linking' y HISTIDINE       ? 'C6 H10 N3 O2 1' 156.162 
ILE 'L-peptide linking' y ISOLEUCINE      ? 'C6 H13 N O2'    131.173 
LEU 'L-peptide linking' y LEUCINE         ? 'C6 H13 N O2'    131.173 
LYS 'L-peptide linking' y LYSINE          ? 'C6 H15 N2 O2 1' 147.195 
PHE 'L-peptide linking' y PHENYLALANINE   ? 'C9 H11 N O2'    165.189 
PRO 'L-peptide linking' y PROLINE         ? 'C5 H9 N O2'     115.130 
SER 'L-peptide linking' y SERINE          ? 'C3 H7 N O3'     105.093 
THR 'L-peptide linking' y THREONINE       ? 'C4 H9 N O3'     119.119 
TRP 'L-peptide linking' y TRYPTOPHAN      ? 'C11 H12 N2 O2'  204.225 
VAL 'L-peptide linking' y VALINE          ? 'C5 H11 N O2'    117.146 
# 
loop_
_pdbx_poly_seq_scheme.asym_id 
_pdbx_poly_seq_scheme.entity_id 
_pdbx_poly_seq_scheme.seq_id 
_pdbx_poly_seq_scheme.mon_id 
_pdbx_poly_seq_scheme.ndb_seq_num 
_pdbx_poly_seq_scheme.pdb_seq_num 
_pdbx_poly_seq_scheme.auth_seq_num 
_pdbx_poly_seq_scheme.pdb_mon_id 
_pdbx_poly_seq_scheme.auth_mon_id 
_pdbx_poly_seq_scheme.pdb_strand_id 
_pdbx_poly_seq_scheme.pdb_ins_code 
_pdbx_poly_seq_scheme.hetero 
A 1 1   ALA 1   1   1   ALA ALA A . n 
A 1 2   SER 2   2   2   SER SER A . n 
A 1 3   SER 3   3   3   SER SER A . n 
A 1 4   GLY 4   4   4   GLY GLY A . n 
A 1 5   PRO 5   5   5   PRO PRO A . n 
A 1 6   ALA 6   6   6   ALA ALA A . n 
A 1 7   GLY 7   7   7   GLY GLY A . n 
A 1 8   CYS 8   8   8   CYS CYS A . n 
A 1 9   GLN 9   9   9   GLN GLN A . n 
A 1 10  VAL 10  10  10  VAL VAL A . n 
A 1 11  LEU 11  11  11  LEU LEU A . n 
A 1 12  TRP 12  12  12  TRP TRP A . n 
A 1 13  GLY 13  13  13  GLY GLY A . n 
A 1 14  VAL 14  14  14  VAL VAL A . n 
A 1 15  ASN 15  15  15  ASN ASN A . n 
A 1 16  GLN 16  16  16  GLN GLN A . n 
A 1 17  TRP 17  17  17  TRP TRP A . n 
A 1 18  ASN 18  18  18  ASN ASN A . n 
A 1 19  THR 19  19  19  THR THR A . n 
A 1 20  GLY 20  20  20  GLY GLY A . n 
A 1 21  PHE 21  21  21  PHE PHE A . n 
A 1 22  THR 22  22  22  THR THR A . n 
A 1 23  ALA 23  23  23  ALA ALA A . n 
A 1 24  ASN 24  24  24  ASN ASN A . n 
A 1 25  VAL 25  25  25  VAL VAL A . n 
A 1 26  THR 26  26  26  THR THR A . n 
A 1 27  VAL 27  27  27  VAL VAL A . n 
A 1 28  LYS 28  28  28  LYS LYS A . n 
A 1 29  ASN 29  29  29  ASN ASN A . n 
A 1 30  THR 30  30  30  THR THR A . n 
A 1 31  SER 31  31  31  SER SER A . n 
A 1 32  SER 32  32  32  SER SER A . n 
A 1 33  ALA 33  33  33  ALA ALA A . n 
A 1 34  PRO 34  34  34  PRO PRO A . n 
A 1 35  VAL 35  35  35  VAL VAL A . n 
A 1 36  ASP 36  36  36  ASP ASP A . n 
A 1 37  GLY 37  37  37  GLY GLY A . n 
A 1 38  TRP 38  38  38  TRP TRP A . n 
A 1 39  THR 39  39  39  THR THR A . n 
A 1 40  LEU 40  40  40  LEU LEU A . n 
A 1 41  THR 41  41  41  THR THR A . n 
A 1 42  PHE 42  42  42  PHE PHE A . n 
A 1 43  SER 43  43  43  SER SER A . n 
A 1 44  PHE 44  44  44  PHE PHE A . n 
A 1 45  PRO 45  45  45  PRO PRO A . n 
A 1 46  SER 46  46  46  SER SER A . n 
A 1 47  GLY 47  47  47  GLY GLY A . n 
A 1 48  GLN 48  48  48  GLN GLN A . n 
A 1 49  GLN 49  49  49  GLN GLN A . n 
A 1 50  VAL 50  50  50  VAL VAL A . n 
A 1 51  THR 51  51  51  THR THR A . n 
A 1 52  GLN 52  52  52  GLN GLN A . n 
A 1 53  ALA 53  53  53  ALA ALA A . n 
A 1 54  TRP 54  54  54  TRP TRP A . n 
A 1 55  SER 55  55  55  SER SER A . n 
A 1 56  SER 56  56  56  SER SER A . n 
A 1 57  THR 57  57  57  THR THR A . n 
A 1 58  VAL 58  58  58  VAL VAL A . n 
A 1 59  THR 59  59  59  THR THR A . n 
A 1 60  GLN 60  60  60  GLN GLN A . n 
A 1 61  SER 61  61  61  SER SER A . n 
A 1 62  GLY 62  62  62  GLY GLY A . n 
A 1 63  SER 63  63  63  SER SER A . n 
A 1 64  ALA 64  64  64  ALA ALA A . n 
A 1 65  VAL 65  65  65  VAL VAL A . n 
A 1 66  THR 66  66  66  THR THR A . n 
A 1 67  VAL 67  67  67  VAL VAL A . n 
A 1 68  ARG 68  68  68  ARG ARG A . n 
A 1 69  ASN 69  69  69  ASN ASN A . n 
A 1 70  ALA 70  70  70  ALA ALA A . n 
A 1 71  PRO 71  71  71  PRO PRO A . n 
A 1 72  TRP 72  72  72  TRP TRP A . n 
A 1 73  ASN 73  73  73  ASN ASN A . n 
A 1 74  GLY 74  74  74  GLY GLY A . n 
A 1 75  SER 75  75  75  SER SER A . n 
A 1 76  ILE 76  76  76  ILE ILE A . n 
A 1 77  PRO 77  77  77  PRO PRO A . n 
A 1 78  ALA 78  78  78  ALA ALA A . n 
A 1 79  GLY 79  79  79  GLY GLY A . n 
A 1 80  GLY 80  80  80  GLY GLY A . n 
A 1 81  THR 81  81  81  THR THR A . n 
A 1 82  ALA 82  82  82  ALA ALA A . n 
A 1 83  GLN 83  83  83  GLN GLN A . n 
A 1 84  PHE 84  84  84  PHE PHE A . n 
A 1 85  GLY 85  85  85  GLY GLY A . n 
A 1 86  PHE 86  86  86  PHE PHE A . n 
A 1 87  ASN 87  87  87  ASN ASN A . n 
A 1 88  GLY 88  88  88  GLY GLY A . n 
A 1 89  SER 89  89  89  SER SER A . n 
A 1 90  HIS 90  90  90  HIS HIS A . n 
A 1 91  THR 91  91  91  THR THR A . n 
A 1 92  GLY 92  92  92  GLY GLY A . n 
A 1 93  THR 93  93  93  THR THR A . n 
A 1 94  ASN 94  94  94  ASN ASN A . n 
A 1 95  ALA 95  95  95  ALA ALA A . n 
A 1 96  ALA 96  96  96  ALA ALA A . n 
A 1 97  PRO 97  97  97  PRO PRO A . n 
A 1 98  THR 98  98  98  THR THR A . n 
A 1 99  ALA 99  99  99  ALA ALA A . n 
A 1 100 PHE 100 100 100 PHE PHE A . n 
A 1 101 SER 101 101 101 SER SER A . n 
A 1 102 LEU 102 102 102 LEU LEU A . n 
A 1 103 ASN 103 103 103 ASN ASN A . n 
A 1 104 GLY 104 104 104 GLY GLY A . n 
A 1 105 THR 105 105 105 THR THR A . n 
A 1 106 PRO 106 106 106 PRO PRO A . n 
A 1 107 CYS 107 107 107 CYS CYS A . n 
A 1 108 THR 108 108 108 THR THR A . n 
A 1 109 VAL 109 109 109 VAL VAL A . n 
A 1 110 GLY 110 110 110 GLY GLY A . n 
# 
loop_
_software.name 
_software.classification 
_software.version 
_software.citation_id 
_software.pdbx_ordinal 
X-PLOR 'model building' . ? 1 
X-PLOR refinement       . ? 2 
X-PLOR phasing          . ? 3 
# 
_cell.entry_id           1EXG 
_cell.length_a           1.000 
_cell.length_b           1.000 
_cell.length_c           1.000 
_cell.angle_alpha        90.00 
_cell.angle_beta         90.00 
_cell.angle_gamma        90.00 
_cell.Z_PDB              1 
_cell.pdbx_unique_axis   ? 
# 
_symmetry.entry_id                         1EXG 
_symmetry.space_group_name_H-M             'P 1' 
_symmetry.pdbx_full_space_group_name_H-M   ? 
_symmetry.cell_setting                     ? 
_symmetry.Int_Tables_number                1 
# 
_exptl.entry_id          1EXG 
_exptl.method            'SOLUTION NMR' 
_exptl.crystals_number   ? 
# 
_struct.entry_id                  1EXG 
_struct.title                     
'SOLUTION STRUCTURE OF A CELLULOSE BINDING DOMAIN FROM CELLULOMONAS FIMI BY NUCLEAR MAGNETIC RESONANCE SPECTROSCOPY' 
_struct.pdbx_model_details        ? 
_struct.pdbx_CASP_flag            ? 
_struct.pdbx_model_type_details   ? 
# 
_struct_keywords.entry_id        1EXG 
_struct_keywords.pdbx_keywords   'CELLULOSE DEGRADATION' 
_struct_keywords.text            'CELLULOSE BINDING DOMAIN, CELLULOSE DEGRADATION' 
# 
_struct_asym.id                            A 
_struct_asym.pdbx_blank_PDB_chainid_flag   Y 
_struct_asym.pdbx_modified                 N 
_struct_asym.entity_id                     1 
_struct_asym.details                       ? 
# 
_struct_ref.id                         1 
_struct_ref.db_name                    UNP 
_struct_ref.db_code                    GUX_CELFI 
_struct_ref.entity_id                  1 
_struct_ref.pdbx_db_accession          P07986 
_struct_ref.pdbx_align_begin           1 
_struct_ref.pdbx_seq_one_letter_code   
;ASSGPAGCQVLWGVNQWNTGFTANVTVKNTSSAPVDGWTLTFSFPSGQQVTQAWSSTVTQSGSAVTVRNAPWNGSIPAGG
TAQFGFNGSHTGTNAAPTAFSLNGTPCTVG
;
_struct_ref.pdbx_db_isoform            ? 
# 
_struct_ref_seq.align_id                      1 
_struct_ref_seq.ref_id                        1 
_struct_ref_seq.pdbx_PDB_id_code              1EXG 
_struct_ref_seq.pdbx_strand_id                A 
_struct_ref_seq.seq_align_beg                 1 
_struct_ref_seq.pdbx_seq_align_beg_ins_code   ? 
_struct_ref_seq.seq_align_end                 110 
_struct_ref_seq.pdbx_seq_align_end_ins_code   ? 
_struct_ref_seq.pdbx_db_accession             P07986 
_struct_ref_seq.db_align_beg                  1 
_struct_ref_seq.pdbx_db_align_beg_ins_code    ? 
_struct_ref_seq.db_align_end                  110 
_struct_ref_seq.pdbx_db_align_end_ins_code    ? 
_struct_ref_seq.pdbx_auth_seq_align_beg       1 
_struct_ref_seq.pdbx_auth_seq_align_end       110 
# 
_pdbx_struct_assembly.id                   1 
_pdbx_struct_assembly.details              author_defined_assembly 
_pdbx_struct_assembly.method_details       ? 
_pdbx_struct_assembly.oligomeric_details   monomeric 
_pdbx_struct_assembly.oligomeric_count     1 
# 
_pdbx_struct_assembly_gen.assembly_id       1 
_pdbx_struct_assembly_gen.oper_expression   1 
_pdbx_struct_assembly_gen.asym_id_list      A 
# 
_pdbx_struct_oper_list.id                   1 
_pdbx_struct_oper_list.type                 'identity operation' 
_pdbx_struct_oper_list.name                 1_555 
_pdbx_struct_oper_list.symmetry_operation   x,y,z 
_pdbx_struct_oper_list.matrix[1][1]         1.0000000000 
_pdbx_struct_oper_list.matrix[1][2]         0.0000000000 
_pdbx_struct_oper_list.matrix[1][3]         0.0000000000 
_pdbx_struct_oper_list.vector[1]            0.0000000000 
_pdbx_struct_oper_list.matrix[2][1]         0.0000000000 
_pdbx_struct_oper_list.matrix[2][2]         1.0000000000 
_pdbx_struct_oper_list.matrix[2][3]         0.0000000000 
_pdbx_struct_oper_list.vector[2]            0.0000000000 
_pdbx_struct_oper_list.matrix[3][1]         0.0000000000 
_pdbx_struct_oper_list.matrix[3][2]         0.0000000000 
_pdbx_struct_oper_list.matrix[3][3]         1.0000000000 
_pdbx_struct_oper_list.vector[3]            0.0000000000 
# 
_struct_biol.id   1 
# 
_struct_conf.conf_type_id            HELX_P 
_struct_conf.id                      HELX_P1 
_struct_conf.pdbx_PDB_helix_id       1 
_struct_conf.beg_label_comp_id       TRP 
_struct_conf.beg_label_asym_id       A 
_struct_conf.beg_label_seq_id        72 
_struct_conf.pdbx_beg_PDB_ins_code   ? 
_struct_conf.end_label_comp_id       GLY 
_struct_conf.end_label_asym_id       A 
_struct_conf.end_label_seq_id        74 
_struct_conf.pdbx_end_PDB_ins_code   ? 
_struct_conf.beg_auth_comp_id        TRP 
_struct_conf.beg_auth_asym_id        A 
_struct_conf.beg_auth_seq_id         72 
_struct_conf.end_auth_comp_id        GLY 
_struct_conf.end_auth_asym_id        A 
_struct_conf.end_auth_seq_id         74 
_struct_conf.pdbx_PDB_helix_class    5 
_struct_conf.details                 ? 
_struct_conf.pdbx_PDB_helix_length   3 
# 
_struct_conf_type.id          HELX_P 
_struct_conf_type.criteria    ? 
_struct_conf_type.reference   ? 
# 
_struct_conn.id                            disulf1 
_struct_conn.conn_type_id                  disulf 
_struct_conn.pdbx_leaving_atom_flag        ? 
_struct_conn.pdbx_PDB_id                   ? 
_struct_conn.ptnr1_label_asym_id           A 
_struct_conn.ptnr1_label_comp_id           CYS 
_struct_conn.ptnr1_label_seq_id            8 
_struct_conn.ptnr1_label_atom_id           SG 
_struct_conn.pdbx_ptnr1_label_alt_id       ? 
_struct_conn.pdbx_ptnr1_PDB_ins_code       ? 
_struct_conn.pdbx_ptnr1_standard_comp_id   ? 
_struct_conn.ptnr1_symmetry                1_555 
_struct_conn.ptnr2_label_asym_id           A 
_struct_conn.ptnr2_label_comp_id           CYS 
_struct_conn.ptnr2_label_seq_id            107 
_struct_conn.ptnr2_label_atom_id           SG 
_struct_conn.pdbx_ptnr2_label_alt_id       ? 
_struct_conn.pdbx_ptnr2_PDB_ins_code       ? 
_struct_conn.ptnr1_auth_asym_id            A 
_struct_conn.ptnr1_auth_comp_id            CYS 
_struct_conn.ptnr1_auth_seq_id             8 
_struct_conn.ptnr2_auth_asym_id            A 
_struct_conn.ptnr2_auth_comp_id            CYS 
_struct_conn.ptnr2_auth_seq_id             107 
_struct_conn.ptnr2_symmetry                1_555 
_struct_conn.pdbx_ptnr3_label_atom_id      ? 
_struct_conn.pdbx_ptnr3_label_seq_id       ? 
_struct_conn.pdbx_ptnr3_label_comp_id      ? 
_struct_conn.pdbx_ptnr3_label_asym_id      ? 
_struct_conn.pdbx_ptnr3_label_alt_id       ? 
_struct_conn.pdbx_ptnr3_PDB_ins_code       ? 
_struct_conn.details                       ? 
_struct_conn.pdbx_dist_value               2.025 
_struct_conn.pdbx_value_order              ? 
_struct_conn.pdbx_role                     ? 
# 
_struct_conn_type.id          disulf 
_struct_conn_type.criteria    ? 
_struct_conn_type.reference   ? 
# 
_pdbx_modification_feature.ordinal                            1 
_pdbx_modification_feature.label_comp_id                      CYS 
_pdbx_modification_feature.label_asym_id                      A 
_pdbx_modification_feature.label_seq_id                       8 
_pdbx_modification_feature.label_alt_id                       ? 
_pdbx_modification_feature.modified_residue_label_comp_id     CYS 
_pdbx_modification_feature.modified_residue_label_asym_id     A 
_pdbx_modification_feature.modified_residue_label_seq_id      107 
_pdbx_modification_feature.modified_residue_label_alt_id      ? 
_pdbx_modification_feature.auth_comp_id                       CYS 
_pdbx_modification_feature.auth_asym_id                       A 
_pdbx_modification_feature.auth_seq_id                        8 
_pdbx_modification_feature.PDB_ins_code                       ? 
_pdbx_modification_feature.symmetry                           1_555 
_pdbx_modification_feature.modified_residue_auth_comp_id      CYS 
_pdbx_modification_feature.modified_residue_auth_asym_id      A 
_pdbx_modification_feature.modified_residue_auth_seq_id       107 
_pdbx_modification_feature.modified_residue_PDB_ins_code      ? 
_pdbx_modification_feature.modified_residue_symmetry          1_555 
_pdbx_modification_feature.comp_id_linking_atom               SG 
_pdbx_modification_feature.modified_residue_id_linking_atom   SG 
_pdbx_modification_feature.modified_residue_id                . 
_pdbx_modification_feature.ref_pcm_id                         . 
_pdbx_modification_feature.ref_comp_id                        . 
_pdbx_modification_feature.type                               None 
_pdbx_modification_feature.category                           'Disulfide bridge' 
# 
loop_
_struct_sheet.id 
_struct_sheet.type 
_struct_sheet.number_strands 
_struct_sheet.details 
A ? 6 ? 
B ? 2 ? 
C ? 3 ? 
# 
loop_
_struct_sheet_order.sheet_id 
_struct_sheet_order.range_id_1 
_struct_sheet_order.range_id_2 
_struct_sheet_order.offset 
_struct_sheet_order.sense 
A 1 2 ? anti-parallel 
A 2 3 ? anti-parallel 
A 3 4 ? anti-parallel 
A 4 5 ? parallel      
A 5 6 ? anti-parallel 
B 1 2 ? anti-parallel 
C 1 2 ? anti-parallel 
C 2 3 ? anti-parallel 
# 
loop_
_struct_sheet_range.sheet_id 
_struct_sheet_range.id 
_struct_sheet_range.beg_label_comp_id 
_struct_sheet_range.beg_label_asym_id 
_struct_sheet_range.beg_label_seq_id 
_struct_sheet_range.pdbx_beg_PDB_ins_code 
_struct_sheet_range.end_label_comp_id 
_struct_sheet_range.end_label_asym_id 
_struct_sheet_range.end_label_seq_id 
_struct_sheet_range.pdbx_end_PDB_ins_code 
_struct_sheet_range.beg_auth_comp_id 
_struct_sheet_range.beg_auth_asym_id 
_struct_sheet_range.beg_auth_seq_id 
_struct_sheet_range.end_auth_comp_id 
_struct_sheet_range.end_auth_asym_id 
_struct_sheet_range.end_auth_seq_id 
A 1 GLN A 49  ? TRP A 54  ? GLN A 49  TRP A 54  
A 2 GLY A 80  ? SER A 89  ? GLY A 80  SER A 89  
A 3 GLY A 20  ? ASN A 29  ? GLY A 20  ASN A 29  
A 4 GLY A 7   ? LEU A 11  ? GLY A 7   LEU A 11  
A 5 THR A 105 ? VAL A 109 ? THR A 105 VAL A 109 
A 6 PHE A 100 ? LEU A 102 ? PHE A 100 LEU A 102 
B 1 VAL A 14  ? GLN A 16  ? VAL A 14  GLN A 16  
B 2 PHE A 21  ? ALA A 23  ? PHE A 21  ALA A 23  
C 1 TRP A 38  ? SER A 43  ? TRP A 38  SER A 43  
C 2 ALA A 64  ? ASN A 69  ? ALA A 64  ASN A 69  
C 3 THR A 57  ? SER A 61  ? THR A 57  SER A 61  
# 
loop_
_pdbx_struct_sheet_hbond.sheet_id 
_pdbx_struct_sheet_hbond.range_id_1 
_pdbx_struct_sheet_hbond.range_id_2 
_pdbx_struct_sheet_hbond.range_1_label_atom_id 
_pdbx_struct_sheet_hbond.range_1_label_comp_id 
_pdbx_struct_sheet_hbond.range_1_label_asym_id 
_pdbx_struct_sheet_hbond.range_1_label_seq_id 
_pdbx_struct_sheet_hbond.range_1_PDB_ins_code 
_pdbx_struct_sheet_hbond.range_1_auth_atom_id 
_pdbx_struct_sheet_hbond.range_1_auth_comp_id 
_pdbx_struct_sheet_hbond.range_1_auth_asym_id 
_pdbx_struct_sheet_hbond.range_1_auth_seq_id 
_pdbx_struct_sheet_hbond.range_2_label_atom_id 
_pdbx_struct_sheet_hbond.range_2_label_comp_id 
_pdbx_struct_sheet_hbond.range_2_label_asym_id 
_pdbx_struct_sheet_hbond.range_2_label_seq_id 
_pdbx_struct_sheet_hbond.range_2_PDB_ins_code 
_pdbx_struct_sheet_hbond.range_2_auth_atom_id 
_pdbx_struct_sheet_hbond.range_2_auth_comp_id 
_pdbx_struct_sheet_hbond.range_2_auth_asym_id 
_pdbx_struct_sheet_hbond.range_2_auth_seq_id 
A 1 2 O GLN A 49  ? O GLN A 49  N SER A 89  ? N SER A 89  
A 2 3 O GLY A 80  ? O GLY A 80  N ASN A 29  ? N ASN A 29  
A 3 4 O THR A 26  ? O THR A 26  N LEU A 11  ? N LEU A 11  
A 4 5 O CYS A 8   ? O CYS A 8   N PRO A 106 ? N PRO A 106 
A 5 6 O THR A 105 ? O THR A 105 N LEU A 102 ? N LEU A 102 
B 1 2 O ASN A 15  ? O ASN A 15  N THR A 22  ? N THR A 22  
C 1 2 O TRP A 38  ? O TRP A 38  N ASN A 69  ? N ASN A 69  
C 2 3 O ALA A 64  ? O ALA A 64  N SER A 61  ? N SER A 61  
# 
_pdbx_entry_details.entry_id                   1EXG 
_pdbx_entry_details.compound_details           ? 
_pdbx_entry_details.source_details             ? 
_pdbx_entry_details.nonpolymer_details         ? 
_pdbx_entry_details.sequence_details           ? 
_pdbx_entry_details.has_ligand_of_interest     ? 
_pdbx_entry_details.has_protein_modification   Y 
# 
loop_
_pdbx_validate_rmsd_bond.id 
_pdbx_validate_rmsd_bond.PDB_model_num 
_pdbx_validate_rmsd_bond.auth_atom_id_1 
_pdbx_validate_rmsd_bond.auth_asym_id_1 
_pdbx_validate_rmsd_bond.auth_comp_id_1 
_pdbx_validate_rmsd_bond.auth_seq_id_1 
_pdbx_validate_rmsd_bond.PDB_ins_code_1 
_pdbx_validate_rmsd_bond.label_alt_id_1 
_pdbx_validate_rmsd_bond.auth_atom_id_2 
_pdbx_validate_rmsd_bond.auth_asym_id_2 
_pdbx_validate_rmsd_bond.auth_comp_id_2 
_pdbx_validate_rmsd_bond.auth_seq_id_2 
_pdbx_validate_rmsd_bond.PDB_ins_code_2 
_pdbx_validate_rmsd_bond.label_alt_id_2 
_pdbx_validate_rmsd_bond.bond_value 
_pdbx_validate_rmsd_bond.bond_target_value 
_pdbx_validate_rmsd_bond.bond_deviation 
_pdbx_validate_rmsd_bond.bond_standard_deviation 
_pdbx_validate_rmsd_bond.linker_flag 
1 1 CG A TRP 12 ? ? CD2 A TRP 12 ? ? 1.319 1.432 -0.113 0.017 N 
2 1 CG A TRP 17 ? ? CD2 A TRP 17 ? ? 1.309 1.432 -0.123 0.017 N 
3 1 CG A TRP 38 ? ? CD2 A TRP 38 ? ? 1.321 1.432 -0.111 0.017 N 
4 1 CG A TRP 54 ? ? CD2 A TRP 54 ? ? 1.309 1.432 -0.123 0.017 N 
5 1 CG A TRP 72 ? ? CD2 A TRP 72 ? ? 1.317 1.432 -0.115 0.017 N 
6 1 CG A HIS 90 ? ? ND1 A HIS 90 ? ? 1.248 1.369 -0.121 0.015 N 
# 
loop_
_pdbx_validate_rmsd_angle.id 
_pdbx_validate_rmsd_angle.PDB_model_num 
_pdbx_validate_rmsd_angle.auth_atom_id_1 
_pdbx_validate_rmsd_angle.auth_asym_id_1 
_pdbx_validate_rmsd_angle.auth_comp_id_1 
_pdbx_validate_rmsd_angle.auth_seq_id_1 
_pdbx_validate_rmsd_angle.PDB_ins_code_1 
_pdbx_validate_rmsd_angle.label_alt_id_1 
_pdbx_validate_rmsd_angle.auth_atom_id_2 
_pdbx_validate_rmsd_angle.auth_asym_id_2 
_pdbx_validate_rmsd_angle.auth_comp_id_2 
_pdbx_validate_rmsd_angle.auth_seq_id_2 
_pdbx_validate_rmsd_angle.PDB_ins_code_2 
_pdbx_validate_rmsd_angle.label_alt_id_2 
_pdbx_validate_rmsd_angle.auth_atom_id_3 
_pdbx_validate_rmsd_angle.auth_asym_id_3 
_pdbx_validate_rmsd_angle.auth_comp_id_3 
_pdbx_validate_rmsd_angle.auth_seq_id_3 
_pdbx_validate_rmsd_angle.PDB_ins_code_3 
_pdbx_validate_rmsd_angle.label_alt_id_3 
_pdbx_validate_rmsd_angle.angle_value 
_pdbx_validate_rmsd_angle.angle_target_value 
_pdbx_validate_rmsd_angle.angle_deviation 
_pdbx_validate_rmsd_angle.angle_standard_deviation 
_pdbx_validate_rmsd_angle.linker_flag 
1  1 CG  A TRP 12 ? ? CD1 A TRP 12 ? ? NE1 A TRP 12 ? ? 103.79 110.10 -6.31 1.00 N 
2  1 NE1 A TRP 12 ? ? CE2 A TRP 12 ? ? CZ2 A TRP 12 ? ? 139.63 130.40 9.23  1.10 N 
3  1 NE1 A TRP 12 ? ? CE2 A TRP 12 ? ? CD2 A TRP 12 ? ? 100.12 107.30 -7.18 1.00 N 
4  1 CG  A TRP 17 ? ? CD1 A TRP 17 ? ? NE1 A TRP 17 ? ? 103.63 110.10 -6.47 1.00 N 
5  1 NE1 A TRP 17 ? ? CE2 A TRP 17 ? ? CZ2 A TRP 17 ? ? 140.12 130.40 9.72  1.10 N 
6  1 NE1 A TRP 17 ? ? CE2 A TRP 17 ? ? CD2 A TRP 17 ? ? 99.78  107.30 -7.52 1.00 N 
7  1 CD1 A TRP 38 ? ? CG  A TRP 38 ? ? CD2 A TRP 38 ? ? 111.16 106.30 4.86  0.80 N 
8  1 CG  A TRP 38 ? ? CD1 A TRP 38 ? ? NE1 A TRP 38 ? ? 103.90 110.10 -6.20 1.00 N 
9  1 NE1 A TRP 38 ? ? CE2 A TRP 38 ? ? CZ2 A TRP 38 ? ? 140.27 130.40 9.87  1.10 N 
10 1 NE1 A TRP 38 ? ? CE2 A TRP 38 ? ? CD2 A TRP 38 ? ? 99.88  107.30 -7.42 1.00 N 
11 1 CD1 A TRP 54 ? ? CG  A TRP 54 ? ? CD2 A TRP 54 ? ? 111.23 106.30 4.93  0.80 N 
12 1 CG  A TRP 54 ? ? CD1 A TRP 54 ? ? NE1 A TRP 54 ? ? 103.58 110.10 -6.52 1.00 N 
13 1 NE1 A TRP 54 ? ? CE2 A TRP 54 ? ? CZ2 A TRP 54 ? ? 140.18 130.40 9.78  1.10 N 
14 1 NE1 A TRP 54 ? ? CE2 A TRP 54 ? ? CD2 A TRP 54 ? ? 99.76  107.30 -7.54 1.00 N 
15 1 CD1 A TRP 72 ? ? CG  A TRP 72 ? ? CD2 A TRP 72 ? ? 111.13 106.30 4.83  0.80 N 
16 1 CG  A TRP 72 ? ? CD1 A TRP 72 ? ? NE1 A TRP 72 ? ? 103.78 110.10 -6.32 1.00 N 
17 1 NE1 A TRP 72 ? ? CE2 A TRP 72 ? ? CZ2 A TRP 72 ? ? 139.57 130.40 9.17  1.10 N 
18 1 NE1 A TRP 72 ? ? CE2 A TRP 72 ? ? CD2 A TRP 72 ? ? 100.06 107.30 -7.24 1.00 N 
# 
loop_
_pdbx_validate_torsion.id 
_pdbx_validate_torsion.PDB_model_num 
_pdbx_validate_torsion.auth_comp_id 
_pdbx_validate_torsion.auth_asym_id 
_pdbx_validate_torsion.auth_seq_id 
_pdbx_validate_torsion.PDB_ins_code 
_pdbx_validate_torsion.label_alt_id 
_pdbx_validate_torsion.phi 
_pdbx_validate_torsion.psi 
1  1 SER A 2   ? ? -90.55  56.60   
2  1 SER A 3   ? ? -161.93 -92.87  
3  1 PRO A 5   ? ? -62.72  -155.64 
4  1 CYS A 8   ? ? -58.18  -168.25 
5  1 ASN A 15  ? ? -159.15 85.92   
6  1 TRP A 17  ? ? -115.99 -83.24  
7  1 THR A 19  ? ? -177.32 -35.29  
8  1 SER A 31  ? ? -59.34  -82.58  
9  1 SER A 32  ? ? 162.61  42.71   
10 1 ASP A 36  ? ? -107.61 58.82   
11 1 PHE A 42  ? ? -174.22 -143.12 
12 1 SER A 46  ? ? -69.75  -156.32 
13 1 THR A 51  ? ? -133.43 -64.42  
14 1 ALA A 53  ? ? -172.06 149.03  
15 1 SER A 56  ? ? -171.84 123.33  
16 1 ALA A 70  ? ? -45.33  165.34  
17 1 SER A 75  ? ? -104.31 59.39   
18 1 ALA A 78  ? ? -37.15  -19.97  
19 1 HIS A 90  ? ? -146.08 -158.38 
20 1 THR A 93  ? ? -160.86 -145.24 
21 1 ALA A 95  ? ? -110.47 -105.50 
22 1 ALA A 96  ? ? -40.27  107.79  
23 1 PRO A 97  ? ? -62.60  -94.95  
24 1 THR A 98  ? ? -151.10 -102.07 
25 1 PHE A 100 ? ? -67.55  -152.40 
26 1 LEU A 102 ? ? -55.93  177.59  
27 1 ASN A 103 ? ? -63.99  76.84   
28 1 VAL A 109 ? ? -48.59  165.35  
# 
_pdbx_validate_planes.id              1 
_pdbx_validate_planes.PDB_model_num   1 
_pdbx_validate_planes.auth_comp_id    ARG 
_pdbx_validate_planes.auth_asym_id    A 
_pdbx_validate_planes.auth_seq_id     68 
_pdbx_validate_planes.PDB_ins_code    ? 
_pdbx_validate_planes.label_alt_id    ? 
_pdbx_validate_planes.rmsd            0.220 
_pdbx_validate_planes.type            'SIDE CHAIN' 
# 
_pdbx_nmr_ensemble.entry_id                             1EXG 
_pdbx_nmr_ensemble.conformers_calculated_total_number   ? 
_pdbx_nmr_ensemble.conformers_submitted_total_number    1 
_pdbx_nmr_ensemble.conformer_selection_criteria         ? 
# 
_pdbx_nmr_software.classification   refinement 
_pdbx_nmr_software.name             X-PLOR 
_pdbx_nmr_software.version          ? 
_pdbx_nmr_software.authors          BRUNGER 
_pdbx_nmr_software.ordinal          1 
# 
loop_
_chem_comp_atom.comp_id 
_chem_comp_atom.atom_id 
_chem_comp_atom.type_symbol 
_chem_comp_atom.pdbx_aromatic_flag 
_chem_comp_atom.pdbx_stereo_config 
_chem_comp_atom.pdbx_ordinal 
ALA N    N N N 1   
ALA CA   C N S 2   
ALA C    C N N 3   
ALA O    O N N 4   
ALA CB   C N N 5   
ALA OXT  O N N 6   
ALA H    H N N 7   
ALA H2   H N N 8   
ALA HA   H N N 9   
ALA HB1  H N N 10  
ALA HB2  H N N 11  
ALA HB3  H N N 12  
ALA HXT  H N N 13  
ARG N    N N N 14  
ARG CA   C N S 15  
ARG C    C N N 16  
ARG O    O N N 17  
ARG CB   C N N 18  
ARG CG   C N N 19  
ARG CD   C N N 20  
ARG NE   N N N 21  
ARG CZ   C N N 22  
ARG NH1  N N N 23  
ARG NH2  N N N 24  
ARG OXT  O N N 25  
ARG H    H N N 26  
ARG H2   H N N 27  
ARG HA   H N N 28  
ARG HB2  H N N 29  
ARG HB3  H N N 30  
ARG HG2  H N N 31  
ARG HG3  H N N 32  
ARG HD2  H N N 33  
ARG HD3  H N N 34  
ARG HE   H N N 35  
ARG HH11 H N N 36  
ARG HH12 H N N 37  
ARG HH21 H N N 38  
ARG HH22 H N N 39  
ARG HXT  H N N 40  
ASN N    N N N 41  
ASN CA   C N S 42  
ASN C    C N N 43  
ASN O    O N N 44  
ASN CB   C N N 45  
ASN CG   C N N 46  
ASN OD1  O N N 47  
ASN ND2  N N N 48  
ASN OXT  O N N 49  
ASN H    H N N 50  
ASN H2   H N N 51  
ASN HA   H N N 52  
ASN HB2  H N N 53  
ASN HB3  H N N 54  
ASN HD21 H N N 55  
ASN HD22 H N N 56  
ASN HXT  H N N 57  
ASP N    N N N 58  
ASP CA   C N S 59  
ASP C    C N N 60  
ASP O    O N N 61  
ASP CB   C N N 62  
ASP CG   C N N 63  
ASP OD1  O N N 64  
ASP OD2  O N N 65  
ASP OXT  O N N 66  
ASP H    H N N 67  
ASP H2   H N N 68  
ASP HA   H N N 69  
ASP HB2  H N N 70  
ASP HB3  H N N 71  
ASP HD2  H N N 72  
ASP HXT  H N N 73  
CYS N    N N N 74  
CYS CA   C N R 75  
CYS C    C N N 76  
CYS O    O N N 77  
CYS CB   C N N 78  
CYS SG   S N N 79  
CYS OXT  O N N 80  
CYS H    H N N 81  
CYS H2   H N N 82  
CYS HA   H N N 83  
CYS HB2  H N N 84  
CYS HB3  H N N 85  
CYS HG   H N N 86  
CYS HXT  H N N 87  
GLN N    N N N 88  
GLN CA   C N S 89  
GLN C    C N N 90  
GLN O    O N N 91  
GLN CB   C N N 92  
GLN CG   C N N 93  
GLN CD   C N N 94  
GLN OE1  O N N 95  
GLN NE2  N N N 96  
GLN OXT  O N N 97  
GLN H    H N N 98  
GLN H2   H N N 99  
GLN HA   H N N 100 
GLN HB2  H N N 101 
GLN HB3  H N N 102 
GLN HG2  H N N 103 
GLN HG3  H N N 104 
GLN HE21 H N N 105 
GLN HE22 H N N 106 
GLN HXT  H N N 107 
GLY N    N N N 108 
GLY CA   C N N 109 
GLY C    C N N 110 
GLY O    O N N 111 
GLY OXT  O N N 112 
GLY H    H N N 113 
GLY H2   H N N 114 
GLY HA2  H N N 115 
GLY HA3  H N N 116 
GLY HXT  H N N 117 
HIS N    N N N 118 
HIS CA   C N S 119 
HIS C    C N N 120 
HIS O    O N N 121 
HIS CB   C N N 122 
HIS CG   C Y N 123 
HIS ND1  N Y N 124 
HIS CD2  C Y N 125 
HIS CE1  C Y N 126 
HIS NE2  N Y N 127 
HIS OXT  O N N 128 
HIS H    H N N 129 
HIS H2   H N N 130 
HIS HA   H N N 131 
HIS HB2  H N N 132 
HIS HB3  H N N 133 
HIS HD1  H N N 134 
HIS HD2  H N N 135 
HIS HE1  H N N 136 
HIS HE2  H N N 137 
HIS HXT  H N N 138 
ILE N    N N N 139 
ILE CA   C N S 140 
ILE C    C N N 141 
ILE O    O N N 142 
ILE CB   C N S 143 
ILE CG1  C N N 144 
ILE CG2  C N N 145 
ILE CD1  C N N 146 
ILE OXT  O N N 147 
ILE H    H N N 148 
ILE H2   H N N 149 
ILE HA   H N N 150 
ILE HB   H N N 151 
ILE HG12 H N N 152 
ILE HG13 H N N 153 
ILE HG21 H N N 154 
ILE HG22 H N N 155 
ILE HG23 H N N 156 
ILE HD11 H N N 157 
ILE HD12 H N N 158 
ILE HD13 H N N 159 
ILE HXT  H N N 160 
LEU N    N N N 161 
LEU CA   C N S 162 
LEU C    C N N 163 
LEU O    O N N 164 
LEU CB   C N N 165 
LEU CG   C N N 166 
LEU CD1  C N N 167 
LEU CD2  C N N 168 
LEU OXT  O N N 169 
LEU H    H N N 170 
LEU H2   H N N 171 
LEU HA   H N N 172 
LEU HB2  H N N 173 
LEU HB3  H N N 174 
LEU HG   H N N 175 
LEU HD11 H N N 176 
LEU HD12 H N N 177 
LEU HD13 H N N 178 
LEU HD21 H N N 179 
LEU HD22 H N N 180 
LEU HD23 H N N 181 
LEU HXT  H N N 182 
LYS N    N N N 183 
LYS CA   C N S 184 
LYS C    C N N 185 
LYS O    O N N 186 
LYS CB   C N N 187 
LYS CG   C N N 188 
LYS CD   C N N 189 
LYS CE   C N N 190 
LYS NZ   N N N 191 
LYS OXT  O N N 192 
LYS H    H N N 193 
LYS H2   H N N 194 
LYS HA   H N N 195 
LYS HB2  H N N 196 
LYS HB3  H N N 197 
LYS HG2  H N N 198 
LYS HG3  H N N 199 
LYS HD2  H N N 200 
LYS HD3  H N N 201 
LYS HE2  H N N 202 
LYS HE3  H N N 203 
LYS HZ1  H N N 204 
LYS HZ2  H N N 205 
LYS HZ3  H N N 206 
LYS HXT  H N N 207 
PHE N    N N N 208 
PHE CA   C N S 209 
PHE C    C N N 210 
PHE O    O N N 211 
PHE CB   C N N 212 
PHE CG   C Y N 213 
PHE CD1  C Y N 214 
PHE CD2  C Y N 215 
PHE CE1  C Y N 216 
PHE CE2  C Y N 217 
PHE CZ   C Y N 218 
PHE OXT  O N N 219 
PHE H    H N N 220 
PHE H2   H N N 221 
PHE HA   H N N 222 
PHE HB2  H N N 223 
PHE HB3  H N N 224 
PHE HD1  H N N 225 
PHE HD2  H N N 226 
PHE HE1  H N N 227 
PHE HE2  H N N 228 
PHE HZ   H N N 229 
PHE HXT  H N N 230 
PRO N    N N N 231 
PRO CA   C N S 232 
PRO C    C N N 233 
PRO O    O N N 234 
PRO CB   C N N 235 
PRO CG   C N N 236 
PRO CD   C N N 237 
PRO OXT  O N N 238 
PRO H    H N N 239 
PRO HA   H N N 240 
PRO HB2  H N N 241 
PRO HB3  H N N 242 
PRO HG2  H N N 243 
PRO HG3  H N N 244 
PRO HD2  H N N 245 
PRO HD3  H N N 246 
PRO HXT  H N N 247 
SER N    N N N 248 
SER CA   C N S 249 
SER C    C N N 250 
SER O    O N N 251 
SER CB   C N N 252 
SER OG   O N N 253 
SER OXT  O N N 254 
SER H    H N N 255 
SER H2   H N N 256 
SER HA   H N N 257 
SER HB2  H N N 258 
SER HB3  H N N 259 
SER HG   H N N 260 
SER HXT  H N N 261 
THR N    N N N 262 
THR CA   C N S 263 
THR C    C N N 264 
THR O    O N N 265 
THR CB   C N R 266 
THR OG1  O N N 267 
THR CG2  C N N 268 
THR OXT  O N N 269 
THR H    H N N 270 
THR H2   H N N 271 
THR HA   H N N 272 
THR HB   H N N 273 
THR HG1  H N N 274 
THR HG21 H N N 275 
THR HG22 H N N 276 
THR HG23 H N N 277 
THR HXT  H N N 278 
TRP N    N N N 279 
TRP CA   C N S 280 
TRP C    C N N 281 
TRP O    O N N 282 
TRP CB   C N N 283 
TRP CG   C Y N 284 
TRP CD1  C Y N 285 
TRP CD2  C Y N 286 
TRP NE1  N Y N 287 
TRP CE2  C Y N 288 
TRP CE3  C Y N 289 
TRP CZ2  C Y N 290 
TRP CZ3  C Y N 291 
TRP CH2  C Y N 292 
TRP OXT  O N N 293 
TRP H    H N N 294 
TRP H2   H N N 295 
TRP HA   H N N 296 
TRP HB2  H N N 297 
TRP HB3  H N N 298 
TRP HD1  H N N 299 
TRP HE1  H N N 300 
TRP HE3  H N N 301 
TRP HZ2  H N N 302 
TRP HZ3  H N N 303 
TRP HH2  H N N 304 
TRP HXT  H N N 305 
VAL N    N N N 306 
VAL CA   C N S 307 
VAL C    C N N 308 
VAL O    O N N 309 
VAL CB   C N N 310 
VAL CG1  C N N 311 
VAL CG2  C N N 312 
VAL OXT  O N N 313 
VAL H    H N N 314 
VAL H2   H N N 315 
VAL HA   H N N 316 
VAL HB   H N N 317 
VAL HG11 H N N 318 
VAL HG12 H N N 319 
VAL HG13 H N N 320 
VAL HG21 H N N 321 
VAL HG22 H N N 322 
VAL HG23 H N N 323 
VAL HXT  H N N 324 
# 
loop_
_chem_comp_bond.comp_id 
_chem_comp_bond.atom_id_1 
_chem_comp_bond.atom_id_2 
_chem_comp_bond.value_order 
_chem_comp_bond.pdbx_aromatic_flag 
_chem_comp_bond.pdbx_stereo_config 
_chem_comp_bond.pdbx_ordinal 
ALA N   CA   sing N N 1   
ALA N   H    sing N N 2   
ALA N   H2   sing N N 3   
ALA CA  C    sing N N 4   
ALA CA  CB   sing N N 5   
ALA CA  HA   sing N N 6   
ALA C   O    doub N N 7   
ALA C   OXT  sing N N 8   
ALA CB  HB1  sing N N 9   
ALA CB  HB2  sing N N 10  
ALA CB  HB3  sing N N 11  
ALA OXT HXT  sing N N 12  
ARG N   CA   sing N N 13  
ARG N   H    sing N N 14  
ARG N   H2   sing N N 15  
ARG CA  C    sing N N 16  
ARG CA  CB   sing N N 17  
ARG CA  HA   sing N N 18  
ARG C   O    doub N N 19  
ARG C   OXT  sing N N 20  
ARG CB  CG   sing N N 21  
ARG CB  HB2  sing N N 22  
ARG CB  HB3  sing N N 23  
ARG CG  CD   sing N N 24  
ARG CG  HG2  sing N N 25  
ARG CG  HG3  sing N N 26  
ARG CD  NE   sing N N 27  
ARG CD  HD2  sing N N 28  
ARG CD  HD3  sing N N 29  
ARG NE  CZ   sing N N 30  
ARG NE  HE   sing N N 31  
ARG CZ  NH1  sing N N 32  
ARG CZ  NH2  doub N N 33  
ARG NH1 HH11 sing N N 34  
ARG NH1 HH12 sing N N 35  
ARG NH2 HH21 sing N N 36  
ARG NH2 HH22 sing N N 37  
ARG OXT HXT  sing N N 38  
ASN N   CA   sing N N 39  
ASN N   H    sing N N 40  
ASN N   H2   sing N N 41  
ASN CA  C    sing N N 42  
ASN CA  CB   sing N N 43  
ASN CA  HA   sing N N 44  
ASN C   O    doub N N 45  
ASN C   OXT  sing N N 46  
ASN CB  CG   sing N N 47  
ASN CB  HB2  sing N N 48  
ASN CB  HB3  sing N N 49  
ASN CG  OD1  doub N N 50  
ASN CG  ND2  sing N N 51  
ASN ND2 HD21 sing N N 52  
ASN ND2 HD22 sing N N 53  
ASN OXT HXT  sing N N 54  
ASP N   CA   sing N N 55  
ASP N   H    sing N N 56  
ASP N   H2   sing N N 57  
ASP CA  C    sing N N 58  
ASP CA  CB   sing N N 59  
ASP CA  HA   sing N N 60  
ASP C   O    doub N N 61  
ASP C   OXT  sing N N 62  
ASP CB  CG   sing N N 63  
ASP CB  HB2  sing N N 64  
ASP CB  HB3  sing N N 65  
ASP CG  OD1  doub N N 66  
ASP CG  OD2  sing N N 67  
ASP OD2 HD2  sing N N 68  
ASP OXT HXT  sing N N 69  
CYS N   CA   sing N N 70  
CYS N   H    sing N N 71  
CYS N   H2   sing N N 72  
CYS CA  C    sing N N 73  
CYS CA  CB   sing N N 74  
CYS CA  HA   sing N N 75  
CYS C   O    doub N N 76  
CYS C   OXT  sing N N 77  
CYS CB  SG   sing N N 78  
CYS CB  HB2  sing N N 79  
CYS CB  HB3  sing N N 80  
CYS SG  HG   sing N N 81  
CYS OXT HXT  sing N N 82  
GLN N   CA   sing N N 83  
GLN N   H    sing N N 84  
GLN N   H2   sing N N 85  
GLN CA  C    sing N N 86  
GLN CA  CB   sing N N 87  
GLN CA  HA   sing N N 88  
GLN C   O    doub N N 89  
GLN C   OXT  sing N N 90  
GLN CB  CG   sing N N 91  
GLN CB  HB2  sing N N 92  
GLN CB  HB3  sing N N 93  
GLN CG  CD   sing N N 94  
GLN CG  HG2  sing N N 95  
GLN CG  HG3  sing N N 96  
GLN CD  OE1  doub N N 97  
GLN CD  NE2  sing N N 98  
GLN NE2 HE21 sing N N 99  
GLN NE2 HE22 sing N N 100 
GLN OXT HXT  sing N N 101 
GLY N   CA   sing N N 102 
GLY N   H    sing N N 103 
GLY N   H2   sing N N 104 
GLY CA  C    sing N N 105 
GLY CA  HA2  sing N N 106 
GLY CA  HA3  sing N N 107 
GLY C   O    doub N N 108 
GLY C   OXT  sing N N 109 
GLY OXT HXT  sing N N 110 
HIS N   CA   sing N N 111 
HIS N   H    sing N N 112 
HIS N   H2   sing N N 113 
HIS CA  C    sing N N 114 
HIS CA  CB   sing N N 115 
HIS CA  HA   sing N N 116 
HIS C   O    doub N N 117 
HIS C   OXT  sing N N 118 
HIS CB  CG   sing N N 119 
HIS CB  HB2  sing N N 120 
HIS CB  HB3  sing N N 121 
HIS CG  ND1  sing Y N 122 
HIS CG  CD2  doub Y N 123 
HIS ND1 CE1  doub Y N 124 
HIS ND1 HD1  sing N N 125 
HIS CD2 NE2  sing Y N 126 
HIS CD2 HD2  sing N N 127 
HIS CE1 NE2  sing Y N 128 
HIS CE1 HE1  sing N N 129 
HIS NE2 HE2  sing N N 130 
HIS OXT HXT  sing N N 131 
ILE N   CA   sing N N 132 
ILE N   H    sing N N 133 
ILE N   H2   sing N N 134 
ILE CA  C    sing N N 135 
ILE CA  CB   sing N N 136 
ILE CA  HA   sing N N 137 
ILE C   O    doub N N 138 
ILE C   OXT  sing N N 139 
ILE CB  CG1  sing N N 140 
ILE CB  CG2  sing N N 141 
ILE CB  HB   sing N N 142 
ILE CG1 CD1  sing N N 143 
ILE CG1 HG12 sing N N 144 
ILE CG1 HG13 sing N N 145 
ILE CG2 HG21 sing N N 146 
ILE CG2 HG22 sing N N 147 
ILE CG2 HG23 sing N N 148 
ILE CD1 HD11 sing N N 149 
ILE CD1 HD12 sing N N 150 
ILE CD1 HD13 sing N N 151 
ILE OXT HXT  sing N N 152 
LEU N   CA   sing N N 153 
LEU N   H    sing N N 154 
LEU N   H2   sing N N 155 
LEU CA  C    sing N N 156 
LEU CA  CB   sing N N 157 
LEU CA  HA   sing N N 158 
LEU C   O    doub N N 159 
LEU C   OXT  sing N N 160 
LEU CB  CG   sing N N 161 
LEU CB  HB2  sing N N 162 
LEU CB  HB3  sing N N 163 
LEU CG  CD1  sing N N 164 
LEU CG  CD2  sing N N 165 
LEU CG  HG   sing N N 166 
LEU CD1 HD11 sing N N 167 
LEU CD1 HD12 sing N N 168 
LEU CD1 HD13 sing N N 169 
LEU CD2 HD21 sing N N 170 
LEU CD2 HD22 sing N N 171 
LEU CD2 HD23 sing N N 172 
LEU OXT HXT  sing N N 173 
LYS N   CA   sing N N 174 
LYS N   H    sing N N 175 
LYS N   H2   sing N N 176 
LYS CA  C    sing N N 177 
LYS CA  CB   sing N N 178 
LYS CA  HA   sing N N 179 
LYS C   O    doub N N 180 
LYS C   OXT  sing N N 181 
LYS CB  CG   sing N N 182 
LYS CB  HB2  sing N N 183 
LYS CB  HB3  sing N N 184 
LYS CG  CD   sing N N 185 
LYS CG  HG2  sing N N 186 
LYS CG  HG3  sing N N 187 
LYS CD  CE   sing N N 188 
LYS CD  HD2  sing N N 189 
LYS CD  HD3  sing N N 190 
LYS CE  NZ   sing N N 191 
LYS CE  HE2  sing N N 192 
LYS CE  HE3  sing N N 193 
LYS NZ  HZ1  sing N N 194 
LYS NZ  HZ2  sing N N 195 
LYS NZ  HZ3  sing N N 196 
LYS OXT HXT  sing N N 197 
PHE N   CA   sing N N 198 
PHE N   H    sing N N 199 
PHE N   H2   sing N N 200 
PHE CA  C    sing N N 201 
PHE CA  CB   sing N N 202 
PHE CA  HA   sing N N 203 
PHE C   O    doub N N 204 
PHE C   OXT  sing N N 205 
PHE CB  CG   sing N N 206 
PHE CB  HB2  sing N N 207 
PHE CB  HB3  sing N N 208 
PHE CG  CD1  doub Y N 209 
PHE CG  CD2  sing Y N 210 
PHE CD1 CE1  sing Y N 211 
PHE CD1 HD1  sing N N 212 
PHE CD2 CE2  doub Y N 213 
PHE CD2 HD2  sing N N 214 
PHE CE1 CZ   doub Y N 215 
PHE CE1 HE1  sing N N 216 
PHE CE2 CZ   sing Y N 217 
PHE CE2 HE2  sing N N 218 
PHE CZ  HZ   sing N N 219 
PHE OXT HXT  sing N N 220 
PRO N   CA   sing N N 221 
PRO N   CD   sing N N 222 
PRO N   H    sing N N 223 
PRO CA  C    sing N N 224 
PRO CA  CB   sing N N 225 
PRO CA  HA   sing N N 226 
PRO C   O    doub N N 227 
PRO C   OXT  sing N N 228 
PRO CB  CG   sing N N 229 
PRO CB  HB2  sing N N 230 
PRO CB  HB3  sing N N 231 
PRO CG  CD   sing N N 232 
PRO CG  HG2  sing N N 233 
PRO CG  HG3  sing N N 234 
PRO CD  HD2  sing N N 235 
PRO CD  HD3  sing N N 236 
PRO OXT HXT  sing N N 237 
SER N   CA   sing N N 238 
SER N   H    sing N N 239 
SER N   H2   sing N N 240 
SER CA  C    sing N N 241 
SER CA  CB   sing N N 242 
SER CA  HA   sing N N 243 
SER C   O    doub N N 244 
SER C   OXT  sing N N 245 
SER CB  OG   sing N N 246 
SER CB  HB2  sing N N 247 
SER CB  HB3  sing N N 248 
SER OG  HG   sing N N 249 
SER OXT HXT  sing N N 250 
THR N   CA   sing N N 251 
THR N   H    sing N N 252 
THR N   H2   sing N N 253 
THR CA  C    sing N N 254 
THR CA  CB   sing N N 255 
THR CA  HA   sing N N 256 
THR C   O    doub N N 257 
THR C   OXT  sing N N 258 
THR CB  OG1  sing N N 259 
THR CB  CG2  sing N N 260 
THR CB  HB   sing N N 261 
THR OG1 HG1  sing N N 262 
THR CG2 HG21 sing N N 263 
THR CG2 HG22 sing N N 264 
THR CG2 HG23 sing N N 265 
THR OXT HXT  sing N N 266 
TRP N   CA   sing N N 267 
TRP N   H    sing N N 268 
TRP N   H2   sing N N 269 
TRP CA  C    sing N N 270 
TRP CA  CB   sing N N 271 
TRP CA  HA   sing N N 272 
TRP C   O    doub N N 273 
TRP C   OXT  sing N N 274 
TRP CB  CG   sing N N 275 
TRP CB  HB2  sing N N 276 
TRP CB  HB3  sing N N 277 
TRP CG  CD1  doub Y N 278 
TRP CG  CD2  sing Y N 279 
TRP CD1 NE1  sing Y N 280 
TRP CD1 HD1  sing N N 281 
TRP CD2 CE2  doub Y N 282 
TRP CD2 CE3  sing Y N 283 
TRP NE1 CE2  sing Y N 284 
TRP NE1 HE1  sing N N 285 
TRP CE2 CZ2  sing Y N 286 
TRP CE3 CZ3  doub Y N 287 
TRP CE3 HE3  sing N N 288 
TRP CZ2 CH2  doub Y N 289 
TRP CZ2 HZ2  sing N N 290 
TRP CZ3 CH2  sing Y N 291 
TRP CZ3 HZ3  sing N N 292 
TRP CH2 HH2  sing N N 293 
TRP OXT HXT  sing N N 294 
VAL N   CA   sing N N 295 
VAL N   H    sing N N 296 
VAL N   H2   sing N N 297 
VAL CA  C    sing N N 298 
VAL CA  CB   sing N N 299 
VAL CA  HA   sing N N 300 
VAL C   O    doub N N 301 
VAL C   OXT  sing N N 302 
VAL CB  CG1  sing N N 303 
VAL CB  CG2  sing N N 304 
VAL CB  HB   sing N N 305 
VAL CG1 HG11 sing N N 306 
VAL CG1 HG12 sing N N 307 
VAL CG1 HG13 sing N N 308 
VAL CG2 HG21 sing N N 309 
VAL CG2 HG22 sing N N 310 
VAL CG2 HG23 sing N N 311 
VAL OXT HXT  sing N N 312 
# 
_atom_sites.entry_id                    1EXG 
_atom_sites.fract_transf_matrix[1][1]   1.000000 
_atom_sites.fract_transf_matrix[1][2]   0.000000 
_atom_sites.fract_transf_matrix[1][3]   0.000000 
_atom_sites.fract_transf_matrix[2][1]   0.000000 
_atom_sites.fract_transf_matrix[2][2]   1.000000 
_atom_sites.fract_transf_matrix[2][3]   0.000000 
_atom_sites.fract_transf_matrix[3][1]   0.000000 
_atom_sites.fract_transf_matrix[3][2]   0.000000 
_atom_sites.fract_transf_matrix[3][3]   1.000000 
_atom_sites.fract_transf_vector[1]      0.00000 
_atom_sites.fract_transf_vector[2]      0.00000 
_atom_sites.fract_transf_vector[3]      0.00000 
# 
loop_
_atom_type.symbol 
C 
H 
N 
O 
S 
# 
loop_
_atom_site.group_PDB 
_atom_site.id 
_atom_site.type_symbol 
_atom_site.label_atom_id 
_atom_site.label_alt_id 
_atom_site.label_comp_id 
_atom_site.label_asym_id 
_atom_site.label_entity_id 
_atom_site.label_seq_id 
_atom_site.pdbx_PDB_ins_code 
_atom_site.Cartn_x 
_atom_site.Cartn_y 
_atom_site.Cartn_z 
_atom_site.occupancy 
_atom_site.B_iso_or_equiv 
_atom_site.pdbx_formal_charge 
_atom_site.auth_seq_id 
_atom_site.auth_comp_id 
_atom_site.auth_asym_id 
_atom_site.auth_atom_id 
_atom_site.pdbx_PDB_model_num 
ATOM 1    N N    . ALA A 1 1   ? -12.479 -12.039 -9.871  1.00 0.00 ? 1   ALA A N    1 
ATOM 2    C CA   . ALA A 1 1   ? -13.475 -12.018 -8.773  1.00 0.00 ? 1   ALA A CA   1 
ATOM 3    C C    . ALA A 1 1   ? -14.883 -12.118 -9.343  1.00 0.00 ? 1   ALA A C    1 
ATOM 4    O O    . ALA A 1 1   ? -15.398 -11.171 -9.904  1.00 0.00 ? 1   ALA A O    1 
ATOM 5    C CB   . ALA A 1 1   ? -13.360 -10.702 -7.988  1.00 0.00 ? 1   ALA A CB   1 
ATOM 6    H H1   . ALA A 1 1   ? -12.921 -11.691 -10.746 1.00 0.00 ? 1   ALA A H1   1 
ATOM 7    H H2   . ALA A 1 1   ? -11.676 -11.427 -9.622  1.00 0.00 ? 1   ALA A H2   1 
ATOM 8    H H3   . ALA A 1 1   ? -12.143 -13.013 -10.015 1.00 0.00 ? 1   ALA A H3   1 
ATOM 9    H HA   . ALA A 1 1   ? -13.298 -12.874 -8.121  1.00 0.00 ? 1   ALA A HA   1 
ATOM 10   H HB1  . ALA A 1 1   ? -13.286 -9.871  -8.676  1.00 0.00 ? 1   ALA A HB1  1 
ATOM 11   H HB2  . ALA A 1 1   ? -14.232 -10.571 -7.365  1.00 0.00 ? 1   ALA A HB2  1 
ATOM 12   H HB3  . ALA A 1 1   ? -12.479 -10.725 -7.364  1.00 0.00 ? 1   ALA A HB3  1 
ATOM 13   N N    . SER A 1 2   ? -15.483 -13.267 -9.189  1.00 0.00 ? 2   SER A N    1 
ATOM 14   C CA   . SER A 1 2   ? -16.858 -13.447 -9.716  1.00 0.00 ? 2   SER A CA   1 
ATOM 15   C C    . SER A 1 2   ? -17.894 -13.080 -8.661  1.00 0.00 ? 2   SER A C    1 
ATOM 16   O O    . SER A 1 2   ? -18.739 -13.881 -8.313  1.00 0.00 ? 2   SER A O    1 
ATOM 17   C CB   . SER A 1 2   ? -17.041 -14.924 -10.097 1.00 0.00 ? 2   SER A CB   1 
ATOM 18   O OG   . SER A 1 2   ? -18.124 -14.915 -11.014 1.00 0.00 ? 2   SER A OG   1 
ATOM 19   H H    . SER A 1 2   ? -15.030 -14.004 -8.729  1.00 0.00 ? 2   SER A H    1 
ATOM 20   H HA   . SER A 1 2   ? -16.992 -12.803 -10.585 1.00 0.00 ? 2   SER A HA   1 
ATOM 21   H HB2  . SER A 1 2   ? -16.151 -15.311 -10.572 1.00 0.00 ? 2   SER A HB2  1 
ATOM 22   H HB3  . SER A 1 2   ? -17.292 -15.515 -9.229  1.00 0.00 ? 2   SER A HB3  1 
ATOM 23   H HG   . SER A 1 2   ? -18.934 -15.051 -10.519 1.00 0.00 ? 2   SER A HG   1 
ATOM 24   N N    . SER A 1 3   ? -17.810 -11.875 -8.168  1.00 0.00 ? 3   SER A N    1 
ATOM 25   C CA   . SER A 1 3   ? -18.782 -11.443 -7.136  1.00 0.00 ? 3   SER A CA   1 
ATOM 26   C C    . SER A 1 3   ? -18.810 -9.923  -7.017  1.00 0.00 ? 3   SER A C    1 
ATOM 27   O O    . SER A 1 3   ? -19.533 -9.256  -7.729  1.00 0.00 ? 3   SER A O    1 
ATOM 28   C CB   . SER A 1 3   ? -18.353 -12.037 -5.786  1.00 0.00 ? 3   SER A CB   1 
ATOM 29   O OG   . SER A 1 3   ? -18.842 -13.370 -5.823  1.00 0.00 ? 3   SER A OG   1 
ATOM 30   H H    . SER A 1 3   ? -17.111 -11.261 -8.477  1.00 0.00 ? 3   SER A H    1 
ATOM 31   H HA   . SER A 1 3   ? -19.775 -11.794 -7.415  1.00 0.00 ? 3   SER A HA   1 
ATOM 32   H HB2  . SER A 1 3   ? -17.277 -12.036 -5.692  1.00 0.00 ? 3   SER A HB2  1 
ATOM 33   H HB3  . SER A 1 3   ? -18.805 -11.497 -4.967  1.00 0.00 ? 3   SER A HB3  1 
ATOM 34   H HG   . SER A 1 3   ? -19.796 -13.333 -5.927  1.00 0.00 ? 3   SER A HG   1 
ATOM 35   N N    . GLY A 1 4   ? -18.020 -9.402  -6.118  1.00 0.00 ? 4   GLY A N    1 
ATOM 36   C CA   . GLY A 1 4   ? -17.991 -7.923  -5.942  1.00 0.00 ? 4   GLY A CA   1 
ATOM 37   C C    . GLY A 1 4   ? -17.231 -7.551  -4.664  1.00 0.00 ? 4   GLY A C    1 
ATOM 38   O O    . GLY A 1 4   ? -17.805 -7.068  -3.708  1.00 0.00 ? 4   GLY A O    1 
ATOM 39   H H    . GLY A 1 4   ? -17.451 -9.978  -5.564  1.00 0.00 ? 4   GLY A H    1 
ATOM 40   H HA2  . GLY A 1 4   ? -17.508 -7.471  -6.792  1.00 0.00 ? 4   GLY A HA2  1 
ATOM 41   H HA3  . GLY A 1 4   ? -19.003 -7.554  -5.872  1.00 0.00 ? 4   GLY A HA3  1 
ATOM 42   N N    . PRO A 1 5   ? -15.944 -7.788  -4.688  1.00 0.00 ? 5   PRO A N    1 
ATOM 43   C CA   . PRO A 1 5   ? -15.084 -7.488  -3.549  1.00 0.00 ? 5   PRO A CA   1 
ATOM 44   C C    . PRO A 1 5   ? -15.068 -5.994  -3.246  1.00 0.00 ? 5   PRO A C    1 
ATOM 45   O O    . PRO A 1 5   ? -15.992 -5.279  -3.578  1.00 0.00 ? 5   PRO A O    1 
ATOM 46   C CB   . PRO A 1 5   ? -13.674 -7.948  -3.985  1.00 0.00 ? 5   PRO A CB   1 
ATOM 47   C CG   . PRO A 1 5   ? -13.799 -8.518  -5.433  1.00 0.00 ? 5   PRO A CG   1 
ATOM 48   C CD   . PRO A 1 5   ? -15.273 -8.374  -5.853  1.00 0.00 ? 5   PRO A CD   1 
ATOM 49   H HA   . PRO A 1 5   ? -15.423 -8.040  -2.677  1.00 0.00 ? 5   PRO A HA   1 
ATOM 50   H HB2  . PRO A 1 5   ? -12.992 -7.107  -3.975  1.00 0.00 ? 5   PRO A HB2  1 
ATOM 51   H HB3  . PRO A 1 5   ? -13.313 -8.714  -3.318  1.00 0.00 ? 5   PRO A HB3  1 
ATOM 52   H HG2  . PRO A 1 5   ? -13.167 -7.959  -6.106  1.00 0.00 ? 5   PRO A HG2  1 
ATOM 53   H HG3  . PRO A 1 5   ? -13.512 -9.559  -5.445  1.00 0.00 ? 5   PRO A HG3  1 
ATOM 54   H HD2  . PRO A 1 5   ? -15.357 -7.714  -6.702  1.00 0.00 ? 5   PRO A HD2  1 
ATOM 55   H HD3  . PRO A 1 5   ? -15.700 -9.338  -6.083  1.00 0.00 ? 5   PRO A HD3  1 
ATOM 56   N N    . ALA A 1 6   ? -14.015 -5.552  -2.619  1.00 0.74 ? 6   ALA A N    1 
ATOM 57   C CA   . ALA A 1 6   ? -13.917 -4.110  -2.285  1.00 0.60 ? 6   ALA A CA   1 
ATOM 58   C C    . ALA A 1 6   ? -13.309 -3.322  -3.438  1.00 0.52 ? 6   ALA A C    1 
ATOM 59   O O    . ALA A 1 6   ? -13.277 -3.780  -4.564  1.00 0.69 ? 6   ALA A O    1 
ATOM 60   C CB   . ALA A 1 6   ? -13.004 -3.963  -1.057  1.00 0.61 ? 6   ALA A CB   1 
ATOM 61   H H    . ALA A 1 6   ? -13.296 -6.167  -2.368  1.00 0.75 ? 6   ALA A H    1 
ATOM 62   H HA   . ALA A 1 6   ? -14.914 -3.725  -2.075  1.00 0.70 ? 6   ALA A HA   1 
ATOM 63   H HB1  . ALA A 1 6   ? -13.251 -4.718  -0.325  1.00 1.19 ? 6   ALA A HB1  1 
ATOM 64   H HB2  . ALA A 1 6   ? -11.975 -4.081  -1.354  1.00 1.08 ? 6   ALA A HB2  1 
ATOM 65   H HB3  . ALA A 1 6   ? -13.132 -2.988  -0.619  1.00 1.17 ? 6   ALA A HB3  1 
ATOM 66   N N    . GLY A 1 7   ? -12.840 -2.148  -3.132  1.00 0.42 ? 7   GLY A N    1 
ATOM 67   C CA   . GLY A 1 7   ? -12.223 -1.294  -4.185  1.00 0.35 ? 7   GLY A CA   1 
ATOM 68   C C    . GLY A 1 7   ? -11.676 -0.034  -3.538  1.00 0.29 ? 7   GLY A C    1 
ATOM 69   O O    . GLY A 1 7   ? -11.885 1.063   -4.017  1.00 0.31 ? 7   GLY A O    1 
ATOM 70   H H    . GLY A 1 7   ? -12.890 -1.822  -2.202  1.00 0.54 ? 7   GLY A H    1 
ATOM 71   H HA2  . GLY A 1 7   ? -11.414 -1.833  -4.663  1.00 0.36 ? 7   GLY A HA2  1 
ATOM 72   H HA3  . GLY A 1 7   ? -12.966 -1.029  -4.922  1.00 0.42 ? 7   GLY A HA3  1 
ATOM 73   N N    . CYS A 1 8   ? -10.995 -0.227  -2.443  1.00 0.29 ? 8   CYS A N    1 
ATOM 74   C CA   . CYS A 1 8   ? -10.414 0.921   -1.724  1.00 0.28 ? 8   CYS A CA   1 
ATOM 75   C C    . CYS A 1 8   ? -9.473  1.701   -2.617  1.00 0.32 ? 8   CYS A C    1 
ATOM 76   O O    . CYS A 1 8   ? -9.432  1.503   -3.820  1.00 0.37 ? 8   CYS A O    1 
ATOM 77   C CB   . CYS A 1 8   ? -9.607  0.377   -0.538  1.00 0.37 ? 8   CYS A CB   1 
ATOM 78   S SG   . CYS A 1 8   ? -8.347  -0.880  -0.900  1.00 0.69 ? 8   CYS A SG   1 
ATOM 79   H H    . CYS A 1 8   ? -10.870 -1.135  -2.099  1.00 0.33 ? 8   CYS A H    1 
ATOM 80   H HA   . CYS A 1 8   ? -11.212 1.576   -1.383  1.00 0.25 ? 8   CYS A HA   1 
ATOM 81   H HB2  . CYS A 1 8   ? -9.112  1.208   -0.057  1.00 0.39 ? 8   CYS A HB2  1 
ATOM 82   H HB3  . CYS A 1 8   ? -10.300 -0.049  0.174   1.00 0.50 ? 8   CYS A HB3  1 
ATOM 83   N N    . GLN A 1 9   ? -8.735  2.579   -2.022  1.00 0.37 ? 9   GLN A N    1 
ATOM 84   C CA   . GLN A 1 9   ? -7.798  3.373   -2.818  1.00 0.47 ? 9   GLN A CA   1 
ATOM 85   C C    . GLN A 1 9   ? -6.616  3.804   -1.978  1.00 0.42 ? 9   GLN A C    1 
ATOM 86   O O    . GLN A 1 9   ? -6.778  4.203   -0.843  1.00 0.63 ? 9   GLN A O    1 
ATOM 87   C CB   . GLN A 1 9   ? -8.523  4.623   -3.349  1.00 0.54 ? 9   GLN A CB   1 
ATOM 88   C CG   . GLN A 1 9   ? -10.031 4.466   -3.137  1.00 0.85 ? 9   GLN A CG   1 
ATOM 89   C CD   . GLN A 1 9   ? -10.735 5.762   -3.543  1.00 1.14 ? 9   GLN A CD   1 
ATOM 90   O OE1  . GLN A 1 9   ? -10.328 6.845   -3.173  1.00 1.81 ? 9   GLN A OE1  1 
ATOM 91   N NE2  . GLN A 1 9   ? -11.794 5.696   -4.303  1.00 1.72 ? 9   GLN A NE2  1 
ATOM 92   H H    . GLN A 1 9   ? -8.800  2.710   -1.053  1.00 0.39 ? 9   GLN A H    1 
ATOM 93   H HA   . GLN A 1 9   ? -7.442  2.757   -3.629  1.00 0.58 ? 9   GLN A HA   1 
ATOM 94   H HB2  . GLN A 1 9   ? -8.171  5.496   -2.820  1.00 1.02 ? 9   GLN A HB2  1 
ATOM 95   H HB3  . GLN A 1 9   ? -8.317  4.740   -4.402  1.00 1.02 ? 9   GLN A HB3  1 
ATOM 96   H HG2  . GLN A 1 9   ? -10.404 3.655   -3.742  1.00 1.49 ? 9   GLN A HG2  1 
ATOM 97   H HG3  . GLN A 1 9   ? -10.236 4.260   -2.097  1.00 1.37 ? 9   GLN A HG3  1 
ATOM 98   H HE21 . GLN A 1 9   ? -12.126 4.824   -4.604  1.00 2.18 ? 9   GLN A HE21 1 
ATOM 99   H HE22 . GLN A 1 9   ? -12.257 6.516   -4.572  1.00 2.12 ? 9   GLN A HE22 1 
ATOM 100  N N    . VAL A 1 10  ? -5.440  3.717   -2.557  1.00 0.27 ? 10  VAL A N    1 
ATOM 101  C CA   . VAL A 1 10  ? -4.218  4.121   -1.804  1.00 0.26 ? 10  VAL A CA   1 
ATOM 102  C C    . VAL A 1 10  ? -3.421  5.147   -2.567  1.00 0.26 ? 10  VAL A C    1 
ATOM 103  O O    . VAL A 1 10  ? -3.089  4.956   -3.712  1.00 0.33 ? 10  VAL A O    1 
ATOM 104  C CB   . VAL A 1 10  ? -3.335  2.882   -1.585  1.00 0.31 ? 10  VAL A CB   1 
ATOM 105  C CG1  . VAL A 1 10  ? -4.211  1.721   -1.152  1.00 0.33 ? 10  VAL A CG1  1 
ATOM 106  C CG2  . VAL A 1 10  ? -2.623  2.509   -2.888  1.00 0.39 ? 10  VAL A CG2  1 
ATOM 107  H H    . VAL A 1 10  ? -5.370  3.399   -3.489  1.00 0.34 ? 10  VAL A H    1 
ATOM 108  H HA   . VAL A 1 10  ? -4.511  4.550   -0.851  1.00 0.25 ? 10  VAL A HA   1 
ATOM 109  H HB   . VAL A 1 10  ? -2.605  3.092   -0.818  1.00 0.35 ? 10  VAL A HB   1 
ATOM 110  H HG11 . VAL A 1 10  ? -5.149  2.097   -0.774  1.00 1.10 ? 10  VAL A HG11 1 
ATOM 111  H HG12 . VAL A 1 10  ? -4.399  1.076   -1.995  1.00 1.17 ? 10  VAL A HG12 1 
ATOM 112  H HG13 . VAL A 1 10  ? -3.714  1.161   -0.377  1.00 0.91 ? 10  VAL A HG13 1 
ATOM 113  H HG21 . VAL A 1 10  ? -3.299  2.623   -3.721  1.00 1.09 ? 10  VAL A HG21 1 
ATOM 114  H HG22 . VAL A 1 10  ? -1.765  3.148   -3.032  1.00 1.13 ? 10  VAL A HG22 1 
ATOM 115  H HG23 . VAL A 1 10  ? -2.294  1.482   -2.839  1.00 1.07 ? 10  VAL A HG23 1 
ATOM 116  N N    . LEU A 1 11  ? -3.127  6.225   -1.912  1.00 0.24 ? 11  LEU A N    1 
ATOM 117  C CA   . LEU A 1 11  ? -2.338  7.295   -2.590  1.00 0.25 ? 11  LEU A CA   1 
ATOM 118  C C    . LEU A 1 11  ? -0.880  7.189   -2.209  1.00 0.24 ? 11  LEU A C    1 
ATOM 119  O O    . LEU A 1 11  ? -0.538  6.521   -1.250  1.00 0.29 ? 11  LEU A O    1 
ATOM 120  C CB   . LEU A 1 11  ? -2.857  8.667   -2.161  1.00 0.28 ? 11  LEU A CB   1 
ATOM 121  C CG   . LEU A 1 11  ? -3.314  8.603   -0.712  1.00 0.25 ? 11  LEU A CG   1 
ATOM 122  C CD1  . LEU A 1 11  ? -3.003  9.946   -0.028  1.00 0.28 ? 11  LEU A CD1  1 
ATOM 123  C CD2  . LEU A 1 11  ? -4.829  8.335   -0.673  1.00 0.24 ? 11  LEU A CD2  1 
ATOM 124  H H    . LEU A 1 11  ? -3.414  6.324   -0.973  1.00 0.25 ? 11  LEU A H    1 
ATOM 125  H HA   . LEU A 1 11  ? -2.426  7.173   -3.670  1.00 0.27 ? 11  LEU A HA   1 
ATOM 126  H HB2  . LEU A 1 11  ? -2.065  9.392   -2.258  1.00 0.31 ? 11  LEU A HB2  1 
ATOM 127  H HB3  . LEU A 1 11  ? -3.679  8.958   -2.791  1.00 0.30 ? 11  LEU A HB3  1 
ATOM 128  H HG   . LEU A 1 11  ? -2.789  7.806   -0.208  1.00 0.24 ? 11  LEU A HG   1 
ATOM 129  H HD11 . LEU A 1 11  ? -2.864  10.715  -0.773  1.00 1.01 ? 11  LEU A HD11 1 
ATOM 130  H HD12 . LEU A 1 11  ? -3.817  10.226  0.618   1.00 1.09 ? 11  LEU A HD12 1 
ATOM 131  H HD13 . LEU A 1 11  ? -2.098  9.853   0.557   1.00 0.99 ? 11  LEU A HD13 1 
ATOM 132  H HD21 . LEU A 1 11  ? -5.330  8.949   -1.403  1.00 1.06 ? 11  LEU A HD21 1 
ATOM 133  H HD22 . LEU A 1 11  ? -5.018  7.294   -0.894  1.00 1.01 ? 11  LEU A HD22 1 
ATOM 134  H HD23 . LEU A 1 11  ? -5.219  8.565   0.305   1.00 1.04 ? 11  LEU A HD23 1 
ATOM 135  N N    . TRP A 1 12  ? -0.045  7.863   -2.961  1.00 0.28 ? 12  TRP A N    1 
ATOM 136  C CA   . TRP A 1 12  ? 1.411   7.822   -2.672  1.00 0.27 ? 12  TRP A CA   1 
ATOM 137  C C    . TRP A 1 12  ? 1.973   9.206   -2.385  1.00 0.26 ? 12  TRP A C    1 
ATOM 138  O O    . TRP A 1 12  ? 1.538   10.196  -2.940  1.00 0.29 ? 12  TRP A O    1 
ATOM 139  C CB   . TRP A 1 12  ? 2.118   7.282   -3.916  1.00 0.29 ? 12  TRP A CB   1 
ATOM 140  C CG   . TRP A 1 12  ? 3.414   6.569   -3.512  1.00 0.32 ? 12  TRP A CG   1 
ATOM 141  C CD1  . TRP A 1 12  ? 4.501   7.197   -3.088  1.00 0.43 ? 12  TRP A CD1  1 
ATOM 142  C CD2  . TRP A 1 12  ? 3.615   5.267   -3.584  1.00 0.30 ? 12  TRP A CD2  1 
ATOM 143  N NE1  . TRP A 1 12  ? 5.392   6.208   -2.907  1.00 0.45 ? 12  TRP A NE1  1 
ATOM 144  C CE2  . TRP A 1 12  ? 4.908   4.948   -3.202  1.00 0.37 ? 12  TRP A CE2  1 
ATOM 145  C CE3  . TRP A 1 12  ? 2.750   4.254   -3.972  1.00 0.30 ? 12  TRP A CE3  1 
ATOM 146  C CZ2  . TRP A 1 12  ? 5.330   3.635   -3.209  1.00 0.39 ? 12  TRP A CZ2  1 
ATOM 147  C CZ3  . TRP A 1 12  ? 3.180   2.942   -3.977  1.00 0.37 ? 12  TRP A CZ3  1 
ATOM 148  C CH2  . TRP A 1 12  ? 4.467   2.633   -3.597  1.00 0.39 ? 12  TRP A CH2  1 
ATOM 149  H H    . TRP A 1 12  ? -0.381  8.393   -3.714  1.00 0.38 ? 12  TRP A H    1 
ATOM 150  H HA   . TRP A 1 12  ? 1.597   7.180   -1.816  1.00 0.29 ? 12  TRP A HA   1 
ATOM 151  H HB2  . TRP A 1 12  ? 1.472   6.597   -4.435  1.00 0.30 ? 12  TRP A HB2  1 
ATOM 152  H HB3  . TRP A 1 12  ? 2.363   8.102   -4.568  1.00 0.30 ? 12  TRP A HB3  1 
ATOM 153  H HD1  . TRP A 1 12  ? 4.637   8.255   -2.920  1.00 0.52 ? 12  TRP A HD1  1 
ATOM 154  H HE1  . TRP A 1 12  ? 6.308   6.366   -2.593  1.00 0.54 ? 12  TRP A HE1  1 
ATOM 155  H HE3  . TRP A 1 12  ? 1.740   4.486   -4.263  1.00 0.30 ? 12  TRP A HE3  1 
ATOM 156  H HZ2  . TRP A 1 12  ? 6.340   3.393   -2.913  1.00 0.45 ? 12  TRP A HZ2  1 
ATOM 157  H HZ3  . TRP A 1 12  ? 2.505   2.155   -4.280  1.00 0.44 ? 12  TRP A HZ3  1 
ATOM 158  H HH2  . TRP A 1 12  ? 4.801   1.607   -3.603  1.00 0.45 ? 12  TRP A HH2  1 
ATOM 159  N N    . GLY A 1 13  ? 2.934   9.232   -1.516  1.00 0.27 ? 13  GLY A N    1 
ATOM 160  C CA   . GLY A 1 13  ? 3.585   10.519  -1.139  1.00 0.28 ? 13  GLY A CA   1 
ATOM 161  C C    . GLY A 1 13  ? 5.100   10.310  -1.149  1.00 0.26 ? 13  GLY A C    1 
ATOM 162  O O    . GLY A 1 13  ? 5.733   10.260  -0.115  1.00 0.32 ? 13  GLY A O    1 
ATOM 163  H H    . GLY A 1 13  ? 3.227   8.399   -1.100  1.00 0.29 ? 13  GLY A H    1 
ATOM 164  H HA2  . GLY A 1 13  ? 3.319   11.286  -1.851  1.00 0.28 ? 13  GLY A HA2  1 
ATOM 165  H HA3  . GLY A 1 13  ? 3.265   10.814  -0.150  1.00 0.34 ? 13  GLY A HA3  1 
ATOM 166  N N    . VAL A 1 14  ? 5.648   10.196  -2.331  1.00 0.25 ? 14  VAL A N    1 
ATOM 167  C CA   . VAL A 1 14  ? 7.111   9.985   -2.442  1.00 0.28 ? 14  VAL A CA   1 
ATOM 168  C C    . VAL A 1 14  ? 7.910   11.208  -2.026  1.00 0.31 ? 14  VAL A C    1 
ATOM 169  O O    . VAL A 1 14  ? 7.464   12.332  -2.152  1.00 0.39 ? 14  VAL A O    1 
ATOM 170  C CB   . VAL A 1 14  ? 7.448   9.662   -3.908  1.00 0.40 ? 14  VAL A CB   1 
ATOM 171  C CG1  . VAL A 1 14  ? 7.885   10.945  -4.623  1.00 0.57 ? 14  VAL A CG1  1 
ATOM 172  C CG2  . VAL A 1 14  ? 8.600   8.652   -3.953  1.00 0.49 ? 14  VAL A CG2  1 
ATOM 173  H H    . VAL A 1 14  ? 5.095   10.251  -3.138  1.00 0.28 ? 14  VAL A H    1 
ATOM 174  H HA   . VAL A 1 14  ? 7.387   9.156   -1.801  1.00 0.30 ? 14  VAL A HA   1 
ATOM 175  H HB   . VAL A 1 14  ? 6.580   9.248   -4.398  1.00 0.50 ? 14  VAL A HB   1 
ATOM 176  H HG11 . VAL A 1 14  ? 7.181   11.737  -4.418  1.00 1.09 ? 14  VAL A HG11 1 
ATOM 177  H HG12 . VAL A 1 14  ? 8.865   11.241  -4.275  1.00 1.10 ? 14  VAL A HG12 1 
ATOM 178  H HG13 . VAL A 1 14  ? 7.926   10.773  -5.688  1.00 1.35 ? 14  VAL A HG13 1 
ATOM 179  H HG21 . VAL A 1 14  ? 9.131   8.661   -3.012  1.00 1.05 ? 14  VAL A HG21 1 
ATOM 180  H HG22 . VAL A 1 14  ? 8.211   7.662   -4.132  1.00 1.11 ? 14  VAL A HG22 1 
ATOM 181  H HG23 . VAL A 1 14  ? 9.283   8.914   -4.748  1.00 1.13 ? 14  VAL A HG23 1 
ATOM 182  N N    . ASN A 1 15  ? 9.087   10.948  -1.532  1.00 0.31 ? 15  ASN A N    1 
ATOM 183  C CA   . ASN A 1 15  ? 9.972   12.049  -1.088  1.00 0.40 ? 15  ASN A CA   1 
ATOM 184  C C    . ASN A 1 15  ? 11.414  11.549  -1.052  1.00 0.44 ? 15  ASN A C    1 
ATOM 185  O O    . ASN A 1 15  ? 11.895  11.110  -0.027  1.00 0.52 ? 15  ASN A O    1 
ATOM 186  C CB   . ASN A 1 15  ? 9.539   12.488  0.326   1.00 0.48 ? 15  ASN A CB   1 
ATOM 187  C CG   . ASN A 1 15  ? 9.994   13.931  0.567   1.00 0.80 ? 15  ASN A CG   1 
ATOM 188  O OD1  . ASN A 1 15  ? 9.860   14.786  -0.285  1.00 1.51 ? 15  ASN A OD1  1 
ATOM 189  N ND2  . ASN A 1 15  ? 10.535  14.241  1.715   1.00 1.10 ? 15  ASN A ND2  1 
ATOM 190  H H    . ASN A 1 15  ? 9.384   10.011  -1.443  1.00 0.28 ? 15  ASN A H    1 
ATOM 191  H HA   . ASN A 1 15  ? 9.897   12.875  -1.798  1.00 0.48 ? 15  ASN A HA   1 
ATOM 192  H HB2  . ASN A 1 15  ? 8.464   12.435  0.411   1.00 0.49 ? 15  ASN A HB2  1 
ATOM 193  H HB3  . ASN A 1 15  ? 9.986   11.846  1.067   1.00 0.64 ? 15  ASN A HB3  1 
ATOM 194  H HD21 . ASN A 1 15  ? 10.645  13.556  2.405   1.00 1.62 ? 15  ASN A HD21 1 
ATOM 195  H HD22 . ASN A 1 15  ? 10.830  15.160  1.884   1.00 1.25 ? 15  ASN A HD22 1 
ATOM 196  N N    . GLN A 1 16  ? 12.077  11.620  -2.187  1.00 0.50 ? 16  GLN A N    1 
ATOM 197  C CA   . GLN A 1 16  ? 13.490  11.150  -2.247  1.00 0.60 ? 16  GLN A CA   1 
ATOM 198  C C    . GLN A 1 16  ? 14.475  12.282  -2.372  1.00 0.61 ? 16  GLN A C    1 
ATOM 199  O O    . GLN A 1 16  ? 14.121  13.407  -2.671  1.00 0.74 ? 16  GLN A O    1 
ATOM 200  C CB   . GLN A 1 16  ? 13.640  10.212  -3.477  1.00 0.91 ? 16  GLN A CB   1 
ATOM 201  C CG   . GLN A 1 16  ? 14.354  10.950  -4.617  1.00 0.86 ? 16  GLN A CG   1 
ATOM 202  C CD   . GLN A 1 16  ? 13.599  12.242  -4.933  1.00 1.81 ? 16  GLN A CD   1 
ATOM 203  O OE1  . GLN A 1 16  ? 14.132  13.157  -5.528  1.00 2.57 ? 16  GLN A OE1  1 
ATOM 204  N NE2  . GLN A 1 16  ? 12.355  12.356  -4.553  1.00 2.08 ? 16  GLN A NE2  1 
ATOM 205  H H    . GLN A 1 16  ? 11.644  11.982  -2.988  1.00 0.56 ? 16  GLN A H    1 
ATOM 206  H HA   . GLN A 1 16  ? 13.720  10.619  -1.340  1.00 0.70 ? 16  GLN A HA   1 
ATOM 207  H HB2  . GLN A 1 16  ? 14.213  9.343   -3.206  1.00 1.61 ? 16  GLN A HB2  1 
ATOM 208  H HB3  . GLN A 1 16  ? 12.661  9.896   -3.810  1.00 1.53 ? 16  GLN A HB3  1 
ATOM 209  H HG2  . GLN A 1 16  ? 15.371  11.184  -4.328  1.00 1.26 ? 16  GLN A HG2  1 
ATOM 210  H HG3  . GLN A 1 16  ? 14.373  10.324  -5.498  1.00 1.22 ? 16  GLN A HG3  1 
ATOM 211  H HE21 . GLN A 1 16  ? 11.920  11.619  -4.073  1.00 1.61 ? 16  GLN A HE21 1 
ATOM 212  H HE22 . GLN A 1 16  ? 11.856  13.178  -4.745  1.00 2.86 ? 16  GLN A HE22 1 
ATOM 213  N N    . TRP A 1 17  ? 15.709  11.944  -2.117  1.00 0.67 ? 17  TRP A N    1 
ATOM 214  C CA   . TRP A 1 17  ? 16.801  12.955  -2.200  1.00 0.91 ? 17  TRP A CA   1 
ATOM 215  C C    . TRP A 1 17  ? 17.787  12.587  -3.307  1.00 1.02 ? 17  TRP A C    1 
ATOM 216  O O    . TRP A 1 17  ? 17.694  13.085  -4.412  1.00 1.63 ? 17  TRP A O    1 
ATOM 217  C CB   . TRP A 1 17  ? 17.544  12.989  -0.848  1.00 1.08 ? 17  TRP A CB   1 
ATOM 218  C CG   . TRP A 1 17  ? 17.467  11.614  -0.176  1.00 0.94 ? 17  TRP A CG   1 
ATOM 219  C CD1  . TRP A 1 17  ? 18.438  10.711  -0.201  1.00 1.00 ? 17  TRP A CD1  1 
ATOM 220  C CD2  . TRP A 1 17  ? 16.438  11.180  0.507   1.00 0.94 ? 17  TRP A CD2  1 
ATOM 221  N NE1  . TRP A 1 17  ? 17.936  9.686   0.514   1.00 1.00 ? 17  TRP A NE1  1 
ATOM 222  C CE2  . TRP A 1 17  ? 16.662  9.908   1.003   1.00 0.98 ? 17  TRP A CE2  1 
ATOM 223  C CE3  . TRP A 1 17  ? 15.242  11.819  0.770   1.00 1.09 ? 17  TRP A CE3  1 
ATOM 224  C CZ2  . TRP A 1 17  ? 15.693  9.278   1.755   1.00 1.15 ? 17  TRP A CZ2  1 
ATOM 225  C CZ3  . TRP A 1 17  ? 14.273  11.188  1.525   1.00 1.26 ? 17  TRP A CZ3  1 
ATOM 226  C CH2  . TRP A 1 17  ? 14.498  9.917   2.017   1.00 1.29 ? 17  TRP A CH2  1 
ATOM 227  H H    . TRP A 1 17  ? 15.913  11.007  -1.864  1.00 0.66 ? 17  TRP A H    1 
ATOM 228  H HA   . TRP A 1 17  ? 16.369  13.928  -2.426  1.00 1.01 ? 17  TRP A HA   1 
ATOM 229  H HB2  . TRP A 1 17  ? 18.579  13.249  -1.010  1.00 1.31 ? 17  TRP A HB2  1 
ATOM 230  H HB3  . TRP A 1 17  ? 17.089  13.726  -0.203  1.00 1.20 ? 17  TRP A HB3  1 
ATOM 231  H HD1  . TRP A 1 17  ? 19.413  10.792  -0.656  1.00 1.17 ? 17  TRP A HD1  1 
ATOM 232  H HE1  . TRP A 1 17  ? 18.432  8.856   0.677   1.00 1.11 ? 17  TRP A HE1  1 
ATOM 233  H HE3  . TRP A 1 17  ? 15.066  12.813  0.385   1.00 1.17 ? 17  TRP A HE3  1 
ATOM 234  H HZ2  . TRP A 1 17  ? 15.870  8.286   2.142   1.00 1.27 ? 17  TRP A HZ2  1 
ATOM 235  H HZ3  . TRP A 1 17  ? 13.342  11.692  1.737   1.00 1.46 ? 17  TRP A HZ3  1 
ATOM 236  H HH2  . TRP A 1 17  ? 13.736  9.421   2.603   1.00 1.51 ? 17  TRP A HH2  1 
ATOM 237  N N    . ASN A 1 18  ? 18.715  11.721  -2.994  1.00 1.40 ? 18  ASN A N    1 
ATOM 238  C CA   . ASN A 1 18  ? 19.712  11.312  -4.020  1.00 1.45 ? 18  ASN A CA   1 
ATOM 239  C C    . ASN A 1 18  ? 19.269  10.034  -4.711  1.00 1.30 ? 18  ASN A C    1 
ATOM 240  O O    . ASN A 1 18  ? 19.653  9.760   -5.832  1.00 1.72 ? 18  ASN A O    1 
ATOM 241  C CB   . ASN A 1 18  ? 21.056  11.056  -3.322  1.00 1.65 ? 18  ASN A CB   1 
ATOM 242  C CG   . ASN A 1 18  ? 21.923  12.314  -3.420  1.00 2.33 ? 18  ASN A CG   1 
ATOM 243  O OD1  . ASN A 1 18  ? 23.132  12.257  -3.316  1.00 2.66 ? 18  ASN A OD1  1 
ATOM 244  N ND2  . ASN A 1 18  ? 21.346  13.467  -3.618  1.00 3.18 ? 18  ASN A ND2  1 
ATOM 245  H H    . ASN A 1 18  ? 18.752  11.344  -2.092  1.00 2.04 ? 18  ASN A H    1 
ATOM 246  H HA   . ASN A 1 18  ? 19.805  12.098  -4.761  1.00 1.58 ? 18  ASN A HA   1 
ATOM 247  H HB2  . ASN A 1 18  ? 20.889  10.818  -2.282  1.00 1.77 ? 18  ASN A HB2  1 
ATOM 248  H HB3  . ASN A 1 18  ? 21.567  10.233  -3.799  1.00 1.83 ? 18  ASN A HB3  1 
ATOM 249  H HD21 . ASN A 1 18  ? 20.371  13.520  -3.703  1.00 3.47 ? 18  ASN A HD21 1 
ATOM 250  H HD22 . ASN A 1 18  ? 21.888  14.281  -3.683  1.00 3.78 ? 18  ASN A HD22 1 
ATOM 251  N N    . THR A 1 19  ? 18.464  9.277   -4.028  1.00 1.04 ? 19  THR A N    1 
ATOM 252  C CA   . THR A 1 19  ? 17.973  8.011   -4.611  1.00 1.02 ? 19  THR A CA   1 
ATOM 253  C C    . THR A 1 19  ? 17.004  7.344   -3.656  1.00 1.18 ? 19  THR A C    1 
ATOM 254  O O    . THR A 1 19  ? 16.045  6.724   -4.071  1.00 2.22 ? 19  THR A O    1 
ATOM 255  C CB   . THR A 1 19  ? 19.160  7.093   -4.845  1.00 1.07 ? 19  THR A CB   1 
ATOM 256  O OG1  . THR A 1 19  ? 18.913  6.473   -6.091  1.00 1.26 ? 19  THR A OG1  1 
ATOM 257  C CG2  . THR A 1 19  ? 19.172  5.941   -3.834  1.00 0.94 ? 19  THR A CG2  1 
ATOM 258  H H    . THR A 1 19  ? 18.183  9.545   -3.128  1.00 1.19 ? 19  THR A H    1 
ATOM 259  H HA   . THR A 1 19  ? 17.461  8.227   -5.545  1.00 1.07 ? 19  THR A HA   1 
ATOM 260  H HB   . THR A 1 19  ? 20.086  7.647   -4.868  1.00 1.30 ? 19  THR A HB   1 
ATOM 261  H HG1  . THR A 1 19  ? 18.485  5.630   -5.924  1.00 1.48 ? 19  THR A HG1  1 
ATOM 262  H HG21 . THR A 1 19  ? 19.150  6.337   -2.831  1.00 1.30 ? 19  THR A HG21 1 
ATOM 263  H HG22 . THR A 1 19  ? 18.307  5.312   -3.987  1.00 1.44 ? 19  THR A HG22 1 
ATOM 264  H HG23 . THR A 1 19  ? 20.065  5.353   -3.965  1.00 1.39 ? 19  THR A HG23 1 
ATOM 265  N N    . GLY A 1 20  ? 17.270  7.480   -2.383  1.00 0.46 ? 20  GLY A N    1 
ATOM 266  C CA   . GLY A 1 20  ? 16.370  6.859   -1.391  1.00 0.63 ? 20  GLY A CA   1 
ATOM 267  C C    . GLY A 1 20  ? 15.087  7.649   -1.403  1.00 0.57 ? 20  GLY A C    1 
ATOM 268  O O    . GLY A 1 20  ? 15.105  8.833   -1.121  1.00 0.84 ? 20  GLY A O    1 
ATOM 269  H H    . GLY A 1 20  ? 18.039  8.005   -2.091  1.00 0.88 ? 20  GLY A H    1 
ATOM 270  H HA2  . GLY A 1 20  ? 16.173  5.838   -1.664  1.00 0.82 ? 20  GLY A HA2  1 
ATOM 271  H HA3  . GLY A 1 20  ? 16.817  6.899   -0.412  1.00 0.77 ? 20  GLY A HA3  1 
ATOM 272  N N    . PHE A 1 21  ? 13.998  6.987   -1.724  1.00 0.32 ? 21  PHE A N    1 
ATOM 273  C CA   . PHE A 1 21  ? 12.699  7.694   -1.766  1.00 0.29 ? 21  PHE A CA   1 
ATOM 274  C C    . PHE A 1 21  ? 11.742  7.221   -0.710  1.00 0.25 ? 21  PHE A C    1 
ATOM 275  O O    . PHE A 1 21  ? 11.374  6.064   -0.659  1.00 0.27 ? 21  PHE A O    1 
ATOM 276  C CB   . PHE A 1 21  ? 12.065  7.443   -3.147  1.00 0.34 ? 21  PHE A CB   1 
ATOM 277  C CG   . PHE A 1 21  ? 11.555  5.999   -3.223  1.00 0.33 ? 21  PHE A CG   1 
ATOM 278  C CD1  . PHE A 1 21  ? 12.426  4.957   -3.494  1.00 1.18 ? 21  PHE A CD1  1 
ATOM 279  C CD2  . PHE A 1 21  ? 10.216  5.714   -3.006  1.00 1.27 ? 21  PHE A CD2  1 
ATOM 280  C CE1  . PHE A 1 21  ? 11.966  3.658   -3.547  1.00 1.19 ? 21  PHE A CE1  1 
ATOM 281  C CE2  . PHE A 1 21  ? 9.762   4.412   -3.060  1.00 1.28 ? 21  PHE A CE2  1 
ATOM 282  C CZ   . PHE A 1 21  ? 10.637  3.387   -3.329  1.00 0.42 ? 21  PHE A CZ   1 
ATOM 283  H H    . PHE A 1 21  ? 14.041  6.025   -1.912  1.00 0.35 ? 21  PHE A H    1 
ATOM 284  H HA   . PHE A 1 21  ? 12.862  8.740   -1.623  1.00 0.34 ? 21  PHE A HA   1 
ATOM 285  H HB2  . PHE A 1 21  ? 11.238  8.121   -3.298  1.00 0.39 ? 21  PHE A HB2  1 
ATOM 286  H HB3  . PHE A 1 21  ? 12.800  7.605   -3.920  1.00 0.39 ? 21  PHE A HB3  1 
ATOM 287  H HD1  . PHE A 1 21  ? 13.471  5.162   -3.661  1.00 2.08 ? 21  PHE A HD1  1 
ATOM 288  H HD2  . PHE A 1 21  ? 9.523   6.513   -2.792  1.00 2.17 ? 21  PHE A HD2  1 
ATOM 289  H HE1  . PHE A 1 21  ? 12.652  2.853   -3.761  1.00 2.09 ? 21  PHE A HE1  1 
ATOM 290  H HE2  . PHE A 1 21  ? 8.717   4.198   -2.890  1.00 2.19 ? 21  PHE A HE2  1 
ATOM 291  H HZ   . PHE A 1 21  ? 10.279  2.369   -3.371  1.00 0.49 ? 21  PHE A HZ   1 
ATOM 292  N N    . THR A 1 22  ? 11.364  8.123   0.136   1.00 0.28 ? 22  THR A N    1 
ATOM 293  C CA   . THR A 1 22  ? 10.430  7.748   1.186   1.00 0.26 ? 22  THR A CA   1 
ATOM 294  C C    . THR A 1 22  ? 9.085   7.532   0.539   1.00 0.25 ? 22  THR A C    1 
ATOM 295  O O    . THR A 1 22  ? 8.927   7.821   -0.634  1.00 0.63 ? 22  THR A O    1 
ATOM 296  C CB   . THR A 1 22  ? 10.330  8.883   2.187   1.00 0.31 ? 22  THR A CB   1 
ATOM 297  O OG1  . THR A 1 22  ? 10.175  8.260   3.448   1.00 0.70 ? 22  THR A OG1  1 
ATOM 298  C CG2  . THR A 1 22  ? 9.037   9.662   1.979   1.00 0.74 ? 22  THR A CG2  1 
ATOM 299  H H    . THR A 1 22  ? 11.703  9.043   0.072   1.00 0.35 ? 22  THR A H    1 
ATOM 300  H HA   . THR A 1 22  ? 10.760  6.835   1.651   1.00 0.30 ? 22  THR A HA   1 
ATOM 301  H HB   . THR A 1 22  ? 11.212  9.511   2.172   1.00 0.54 ? 22  THR A HB   1 
ATOM 302  H HG1  . THR A 1 22  ? 11.033  8.243   3.878   1.00 1.09 ? 22  THR A HG1  1 
ATOM 303  H HG21 . THR A 1 22  ? 8.939   9.930   0.936   1.00 1.34 ? 22  THR A HG21 1 
ATOM 304  H HG22 . THR A 1 22  ? 8.197   9.052   2.269   1.00 1.43 ? 22  THR A HG22 1 
ATOM 305  H HG23 . THR A 1 22  ? 9.052   10.555  2.577   1.00 1.18 ? 22  THR A HG23 1 
ATOM 306  N N    . ALA A 1 23  ? 8.135   7.043   1.274   1.00 0.41 ? 23  ALA A N    1 
ATOM 307  C CA   . ALA A 1 23  ? 6.810   6.825   0.650   1.00 0.35 ? 23  ALA A CA   1 
ATOM 308  C C    . ALA A 1 23  ? 5.679   6.991   1.640   1.00 0.31 ? 23  ALA A C    1 
ATOM 309  O O    . ALA A 1 23  ? 5.445   6.139   2.469   1.00 0.36 ? 23  ALA A O    1 
ATOM 310  C CB   . ALA A 1 23  ? 6.774   5.397   0.097   1.00 0.41 ? 23  ALA A CB   1 
ATOM 311  H H    . ALA A 1 23  ? 8.289   6.823   2.216   1.00 0.76 ? 23  ALA A H    1 
ATOM 312  H HA   . ALA A 1 23  ? 6.674   7.546   -0.153  1.00 0.34 ? 23  ALA A HA   1 
ATOM 313  H HB1  . ALA A 1 23  ? 7.286   4.731   0.775   1.00 1.03 ? 23  ALA A HB1  1 
ATOM 314  H HB2  . ALA A 1 23  ? 5.749   5.075   -0.011  1.00 1.06 ? 23  ALA A HB2  1 
ATOM 315  H HB3  . ALA A 1 23  ? 7.260   5.367   -0.867  1.00 1.12 ? 23  ALA A HB3  1 
ATOM 316  N N    . ASN A 1 24  ? 4.996   8.099   1.536   1.00 0.26 ? 24  ASN A N    1 
ATOM 317  C CA   . ASN A 1 24  ? 3.869   8.351   2.454   1.00 0.25 ? 24  ASN A CA   1 
ATOM 318  C C    . ASN A 1 24  ? 2.599   7.818   1.812   1.00 0.22 ? 24  ASN A C    1 
ATOM 319  O O    . ASN A 1 24  ? 2.046   8.434   0.919   1.00 0.24 ? 24  ASN A O    1 
ATOM 320  C CB   . ASN A 1 24  ? 3.736   9.870   2.670   1.00 0.28 ? 24  ASN A CB   1 
ATOM 321  C CG   . ASN A 1 24  ? 3.711   10.166  4.170   1.00 0.90 ? 24  ASN A CG   1 
ATOM 322  O OD1  . ASN A 1 24  ? 4.728   10.436  4.777   1.00 1.72 ? 24  ASN A OD1  1 
ATOM 323  N ND2  . ASN A 1 24  ? 2.570   10.127  4.804   1.00 1.51 ? 24  ASN A ND2  1 
ATOM 324  H H    . ASN A 1 24  ? 5.232   8.759   0.853   1.00 0.27 ? 24  ASN A H    1 
ATOM 325  H HA   . ASN A 1 24  ? 4.046   7.828   3.395   1.00 0.27 ? 24  ASN A HA   1 
ATOM 326  H HB2  . ASN A 1 24  ? 4.576   10.377  2.220   1.00 0.63 ? 24  ASN A HB2  1 
ATOM 327  H HB3  . ASN A 1 24  ? 2.821   10.227  2.221   1.00 0.67 ? 24  ASN A HB3  1 
ATOM 328  H HD21 . ASN A 1 24  ? 1.747   9.910   4.319   1.00 2.01 ? 24  ASN A HD21 1 
ATOM 329  H HD22 . ASN A 1 24  ? 2.538   10.316  5.766   1.00 1.90 ? 24  ASN A HD22 1 
ATOM 330  N N    . VAL A 1 25  ? 2.168   6.672   2.266   1.00 0.21 ? 25  VAL A N    1 
ATOM 331  C CA   . VAL A 1 25  ? 0.937   6.073   1.694   1.00 0.21 ? 25  VAL A CA   1 
ATOM 332  C C    . VAL A 1 25  ? -0.274  6.281   2.577   1.00 0.22 ? 25  VAL A C    1 
ATOM 333  O O    . VAL A 1 25  ? -0.184  6.252   3.787   1.00 0.27 ? 25  VAL A O    1 
ATOM 334  C CB   . VAL A 1 25  ? 1.173   4.568   1.552   1.00 0.21 ? 25  VAL A CB   1 
ATOM 335  C CG1  . VAL A 1 25  ? -0.167  3.853   1.400   1.00 0.23 ? 25  VAL A CG1  1 
ATOM 336  C CG2  . VAL A 1 25  ? 2.003   4.316   0.299   1.00 0.22 ? 25  VAL A CG2  1 
ATOM 337  H H    . VAL A 1 25  ? 2.654   6.211   2.980   1.00 0.23 ? 25  VAL A H    1 
ATOM 338  H HA   . VAL A 1 25  ? 0.744   6.517   0.723   1.00 0.22 ? 25  VAL A HA   1 
ATOM 339  H HB   . VAL A 1 25  ? 1.696   4.193   2.432   1.00 0.21 ? 25  VAL A HB   1 
ATOM 340  H HG11 . VAL A 1 25  ? -0.893  4.527   0.978   1.00 1.09 ? 25  VAL A HG11 1 
ATOM 341  H HG12 . VAL A 1 25  ? -0.051  3.003   0.745   1.00 0.99 ? 25  VAL A HG12 1 
ATOM 342  H HG13 . VAL A 1 25  ? -0.511  3.514   2.365   1.00 1.02 ? 25  VAL A HG13 1 
ATOM 343  H HG21 . VAL A 1 25  ? 2.827   5.010   0.263   1.00 0.98 ? 25  VAL A HG21 1 
ATOM 344  H HG22 . VAL A 1 25  ? 2.385   3.308   0.311   1.00 1.04 ? 25  VAL A HG22 1 
ATOM 345  H HG23 . VAL A 1 25  ? 1.384   4.452   -0.579  1.00 1.08 ? 25  VAL A HG23 1 
ATOM 346  N N    . THR A 1 26  ? -1.393  6.490   1.938   1.00 0.21 ? 26  THR A N    1 
ATOM 347  C CA   . THR A 1 26  ? -2.652  6.703   2.686   1.00 0.23 ? 26  THR A CA   1 
ATOM 348  C C    . THR A 1 26  ? -3.750  5.861   2.062   1.00 0.24 ? 26  THR A C    1 
ATOM 349  O O    . THR A 1 26  ? -4.107  6.052   0.918   1.00 0.41 ? 26  THR A O    1 
ATOM 350  C CB   . THR A 1 26  ? -3.040  8.170   2.592   1.00 0.28 ? 26  THR A CB   1 
ATOM 351  O OG1  . THR A 1 26  ? -1.820  8.882   2.581   1.00 0.39 ? 26  THR A OG1  1 
ATOM 352  C CG2  . THR A 1 26  ? -3.748  8.630   3.875   1.00 0.40 ? 26  THR A CG2  1 
ATOM 353  H H    . THR A 1 26  ? -1.398  6.506   0.952   1.00 0.23 ? 26  THR A H    1 
ATOM 354  H HA   . THR A 1 26  ? -2.510  6.399   3.717   1.00 0.22 ? 26  THR A HA   1 
ATOM 355  H HB   . THR A 1 26  ? -3.613  8.368   1.704   1.00 0.32 ? 26  THR A HB   1 
ATOM 356  H HG1  . THR A 1 26  ? -1.455  8.860   3.469   1.00 0.90 ? 26  THR A HG1  1 
ATOM 357  H HG21 . THR A 1 26  ? -4.456  7.879   4.191   1.00 1.06 ? 26  THR A HG21 1 
ATOM 358  H HG22 . THR A 1 26  ? -3.021  8.786   4.657   1.00 1.04 ? 26  THR A HG22 1 
ATOM 359  H HG23 . THR A 1 26  ? -4.273  9.556   3.689   1.00 1.13 ? 26  THR A HG23 1 
ATOM 360  N N    . VAL A 1 27  ? -4.272  4.946   2.821   1.00 0.24 ? 27  VAL A N    1 
ATOM 361  C CA   . VAL A 1 27  ? -5.345  4.081   2.282   1.00 0.23 ? 27  VAL A CA   1 
ATOM 362  C C    . VAL A 1 27  ? -6.717  4.716   2.412   1.00 0.26 ? 27  VAL A C    1 
ATOM 363  O O    . VAL A 1 27  ? -6.962  5.518   3.290   1.00 0.53 ? 27  VAL A O    1 
ATOM 364  C CB   . VAL A 1 27  ? -5.337  2.772   3.070   1.00 0.23 ? 27  VAL A CB   1 
ATOM 365  C CG1  . VAL A 1 27  ? -5.755  1.630   2.151   1.00 0.26 ? 27  VAL A CG1  1 
ATOM 366  C CG2  . VAL A 1 27  ? -3.926  2.508   3.578   1.00 0.33 ? 27  VAL A CG2  1 
ATOM 367  H H    . VAL A 1 27  ? -3.965  4.835   3.741   1.00 0.37 ? 27  VAL A H    1 
ATOM 368  H HA   . VAL A 1 27  ? -5.145  3.891   1.229   1.00 0.23 ? 27  VAL A HA   1 
ATOM 369  H HB   . VAL A 1 27  ? -6.020  2.842   3.903   1.00 0.29 ? 27  VAL A HB   1 
ATOM 370  H HG11 . VAL A 1 27  ? -6.723  1.843   1.724   1.00 0.98 ? 27  VAL A HG11 1 
ATOM 371  H HG12 . VAL A 1 27  ? -5.031  1.519   1.357   1.00 1.04 ? 27  VAL A HG12 1 
ATOM 372  H HG13 . VAL A 1 27  ? -5.808  0.711   2.716   1.00 1.09 ? 27  VAL A HG13 1 
ATOM 373  H HG21 . VAL A 1 27  ? -3.235  2.510   2.749   1.00 1.11 ? 27  VAL A HG21 1 
ATOM 374  H HG22 . VAL A 1 27  ? -3.641  3.275   4.280   1.00 1.03 ? 27  VAL A HG22 1 
ATOM 375  H HG23 . VAL A 1 27  ? -3.892  1.550   4.067   1.00 1.03 ? 27  VAL A HG23 1 
ATOM 376  N N    . LYS A 1 28  ? -7.586  4.329   1.521   1.00 0.28 ? 28  LYS A N    1 
ATOM 377  C CA   . LYS A 1 28  ? -8.969  4.873   1.537   1.00 0.28 ? 28  LYS A CA   1 
ATOM 378  C C    . LYS A 1 28  ? -9.961  3.774   1.236   1.00 0.24 ? 28  LYS A C    1 
ATOM 379  O O    . LYS A 1 28  ? -10.103 3.360   0.103   1.00 0.28 ? 28  LYS A O    1 
ATOM 380  C CB   . LYS A 1 28  ? -9.095  5.957   0.444   1.00 0.34 ? 28  LYS A CB   1 
ATOM 381  C CG   . LYS A 1 28  ? -10.598 6.336   0.222   1.00 0.38 ? 28  LYS A CG   1 
ATOM 382  C CD   . LYS A 1 28  ? -11.047 7.335   1.300   1.00 0.78 ? 28  LYS A CD   1 
ATOM 383  C CE   . LYS A 1 28  ? -12.093 8.300   0.726   1.00 0.88 ? 28  LYS A CE   1 
ATOM 384  N NZ   . LYS A 1 28  ? -12.089 9.574   1.497   1.00 2.06 ? 28  LYS A NZ   1 
ATOM 385  H H    . LYS A 1 28  ? -7.322  3.678   0.839   1.00 0.48 ? 28  LYS A H    1 
ATOM 386  H HA   . LYS A 1 28  ? -9.180  5.286   2.523   1.00 0.32 ? 28  LYS A HA   1 
ATOM 387  H HB2  . LYS A 1 28  ? -8.539  6.833   0.745   1.00 0.44 ? 28  LYS A HB2  1 
ATOM 388  H HB3  . LYS A 1 28  ? -8.680  5.582   -0.478  1.00 0.38 ? 28  LYS A HB3  1 
ATOM 389  H HG2  . LYS A 1 28  ? -10.711 6.778   -0.749  1.00 0.94 ? 28  LYS A HG2  1 
ATOM 390  H HG3  . LYS A 1 28  ? -11.219 5.458   0.273   1.00 0.87 ? 28  LYS A HG3  1 
ATOM 391  H HD2  . LYS A 1 28  ? -11.478 6.795   2.129   1.00 1.30 ? 28  LYS A HD2  1 
ATOM 392  H HD3  . LYS A 1 28  ? -10.202 7.896   1.646   1.00 1.35 ? 28  LYS A HD3  1 
ATOM 393  H HE2  . LYS A 1 28  ? -11.871 8.516   -0.305  1.00 1.24 ? 28  LYS A HE2  1 
ATOM 394  H HE3  . LYS A 1 28  ? -13.074 7.852   0.792   1.00 1.16 ? 28  LYS A HE3  1 
ATOM 395  H HZ1  . LYS A 1 28  ? -11.520 9.455   2.360   1.00 2.59 ? 28  LYS A HZ1  1 
ATOM 396  H HZ2  . LYS A 1 28  ? -11.678 10.331  0.914   1.00 2.55 ? 28  LYS A HZ2  1 
ATOM 397  H HZ3  . LYS A 1 28  ? -13.063 9.827   1.756   1.00 2.53 ? 28  LYS A HZ3  1 
ATOM 398  N N    . ASN A 1 29  ? -10.633 3.326   2.248   1.00 0.26 ? 29  ASN A N    1 
ATOM 399  C CA   . ASN A 1 29  ? -11.628 2.254   2.045   1.00 0.29 ? 29  ASN A CA   1 
ATOM 400  C C    . ASN A 1 29  ? -13.021 2.850   2.003   1.00 0.29 ? 29  ASN A C    1 
ATOM 401  O O    . ASN A 1 29  ? -13.409 3.602   2.892   1.00 0.32 ? 29  ASN A O    1 
ATOM 402  C CB   . ASN A 1 29  ? -11.543 1.276   3.219   1.00 0.37 ? 29  ASN A CB   1 
ATOM 403  C CG   . ASN A 1 29  ? -12.575 0.166   3.019   1.00 0.47 ? 29  ASN A CG   1 
ATOM 404  O OD1  . ASN A 1 29  ? -12.259 -1.007  3.066   1.00 0.69 ? 29  ASN A OD1  1 
ATOM 405  N ND2  . ASN A 1 29  ? -13.816 0.493   2.791   1.00 1.09 ? 29  ASN A ND2  1 
ATOM 406  H H    . ASN A 1 29  ? -10.483 3.699   3.140   1.00 0.30 ? 29  ASN A H    1 
ATOM 407  H HA   . ASN A 1 29  ? -11.430 1.742   1.097   1.00 0.32 ? 29  ASN A HA   1 
ATOM 408  H HB2  . ASN A 1 29  ? -10.555 0.843   3.267   1.00 0.53 ? 29  ASN A HB2  1 
ATOM 409  H HB3  . ASN A 1 29  ? -11.751 1.792   4.136   1.00 0.52 ? 29  ASN A HB3  1 
ATOM 410  H HD21 . ASN A 1 29  ? -14.076 1.437   2.753   1.00 1.49 ? 29  ASN A HD21 1 
ATOM 411  H HD22 . ASN A 1 29  ? -14.488 -0.204  2.655   1.00 1.31 ? 29  ASN A HD22 1 
ATOM 412  N N    . THR A 1 30  ? -13.743 2.519   0.963   1.00 0.41 ? 30  THR A N    1 
ATOM 413  C CA   . THR A 1 30  ? -15.121 3.041   0.814   1.00 0.50 ? 30  THR A CA   1 
ATOM 414  C C    . THR A 1 30  ? -16.062 1.920   0.416   1.00 0.57 ? 30  THR A C    1 
ATOM 415  O O    . THR A 1 30  ? -17.202 2.152   0.063   1.00 0.65 ? 30  THR A O    1 
ATOM 416  C CB   . THR A 1 30  ? -15.120 4.102   -0.288  1.00 0.59 ? 30  THR A CB   1 
ATOM 417  O OG1  . THR A 1 30  ? -16.482 4.397   -0.525  1.00 0.76 ? 30  THR A OG1  1 
ATOM 418  C CG2  . THR A 1 30  ? -14.616 3.514   -1.613  1.00 0.69 ? 30  THR A CG2  1 
ATOM 419  H H    . THR A 1 30  ? -13.370 1.924   0.279   1.00 0.50 ? 30  THR A H    1 
ATOM 420  H HA   . THR A 1 30  ? -15.450 3.460   1.757   1.00 0.52 ? 30  THR A HA   1 
ATOM 421  H HB   . THR A 1 30  ? -14.576 4.995   0.011   1.00 0.61 ? 30  THR A HB   1 
ATOM 422  H HG1  . THR A 1 30  ? -16.553 5.334   -0.720  1.00 1.00 ? 30  THR A HG1  1 
ATOM 423  H HG21 . THR A 1 30  ? -14.731 2.439   -1.602  1.00 1.15 ? 30  THR A HG21 1 
ATOM 424  H HG22 . THR A 1 30  ? -15.185 3.923   -2.434  1.00 1.20 ? 30  THR A HG22 1 
ATOM 425  H HG23 . THR A 1 30  ? -13.572 3.758   -1.748  1.00 1.38 ? 30  THR A HG23 1 
ATOM 426  N N    . SER A 1 31  ? -15.565 0.716   0.482   1.00 0.58 ? 31  SER A N    1 
ATOM 427  C CA   . SER A 1 31  ? -16.407 -0.441  0.113   1.00 0.70 ? 31  SER A CA   1 
ATOM 428  C C    . SER A 1 31  ? -17.649 -0.514  0.990   1.00 0.74 ? 31  SER A C    1 
ATOM 429  O O    . SER A 1 31  ? -18.699 -0.051  0.604   1.00 1.28 ? 31  SER A O    1 
ATOM 430  C CB   . SER A 1 31  ? -15.588 -1.718  0.312   1.00 0.79 ? 31  SER A CB   1 
ATOM 431  O OG   . SER A 1 31  ? -14.695 -1.399  1.370   1.00 0.82 ? 31  SER A OG   1 
ATOM 432  H H    . SER A 1 31  ? -14.640 0.579   0.774   1.00 0.56 ? 31  SER A H    1 
ATOM 433  H HA   . SER A 1 31  ? -16.710 -0.338  -0.929  1.00 0.78 ? 31  SER A HA   1 
ATOM 434  H HB2  . SER A 1 31  ? -16.226 -2.539  0.596   1.00 0.84 ? 31  SER A HB2  1 
ATOM 435  H HB3  . SER A 1 31  ? -15.039 -1.959  -0.583  1.00 0.88 ? 31  SER A HB3  1 
ATOM 436  H HG   . SER A 1 31  ? -14.071 -0.747  1.045   1.00 1.26 ? 31  SER A HG   1 
ATOM 437  N N    . SER A 1 32  ? -17.494 -1.085  2.168   1.00 0.62 ? 32  SER A N    1 
ATOM 438  C CA   . SER A 1 32  ? -18.659 -1.207  3.102   1.00 0.58 ? 32  SER A CA   1 
ATOM 439  C C    . SER A 1 32  ? -18.386 -2.260  4.203   1.00 0.62 ? 32  SER A C    1 
ATOM 440  O O    . SER A 1 32  ? -19.250 -3.052  4.531   1.00 0.82 ? 32  SER A O    1 
ATOM 441  C CB   . SER A 1 32  ? -19.906 -1.640  2.280   1.00 0.67 ? 32  SER A CB   1 
ATOM 442  O OG   . SER A 1 32  ? -19.368 -2.393  1.203   1.00 0.76 ? 32  SER A OG   1 
ATOM 443  H H    . SER A 1 32  ? -16.614 -1.418  2.437   1.00 0.97 ? 32  SER A H    1 
ATOM 444  H HA   . SER A 1 32  ? -18.835 -0.240  3.578   1.00 0.54 ? 32  SER A HA   1 
ATOM 445  H HB2  . SER A 1 32  ? -20.567 -2.254  2.866   1.00 0.75 ? 32  SER A HB2  1 
ATOM 446  H HB3  . SER A 1 32  ? -20.439 -0.780  1.909   1.00 0.67 ? 32  SER A HB3  1 
ATOM 447  H HG   . SER A 1 32  ? -19.671 -1.997  0.383   1.00 1.20 ? 32  SER A HG   1 
ATOM 448  N N    . ALA A 1 33  ? -17.185 -2.256  4.758   1.00 0.58 ? 33  ALA A N    1 
ATOM 449  C CA   . ALA A 1 33  ? -16.885 -3.250  5.818   1.00 0.66 ? 33  ALA A CA   1 
ATOM 450  C C    . ALA A 1 33  ? -15.920 -2.674  6.868   1.00 0.57 ? 33  ALA A C    1 
ATOM 451  O O    . ALA A 1 33  ? -15.158 -1.766  6.587   1.00 0.52 ? 33  ALA A O    1 
ATOM 452  C CB   . ALA A 1 33  ? -16.221 -4.468  5.156   1.00 0.82 ? 33  ALA A CB   1 
ATOM 453  H H    . ALA A 1 33  ? -16.498 -1.611  4.475   1.00 0.61 ? 33  ALA A H    1 
ATOM 454  H HA   . ALA A 1 33  ? -17.807 -3.529  6.293   1.00 0.74 ? 33  ALA A HA   1 
ATOM 455  H HB1  . ALA A 1 33  ? -15.620 -4.147  4.319   1.00 1.17 ? 33  ALA A HB1  1 
ATOM 456  H HB2  . ALA A 1 33  ? -15.590 -4.974  5.874   1.00 1.38 ? 33  ALA A HB2  1 
ATOM 457  H HB3  . ALA A 1 33  ? -16.980 -5.152  4.807   1.00 1.29 ? 33  ALA A HB3  1 
ATOM 458  N N    . PRO A 1 34  ? -15.999 -3.198  8.087   1.00 0.60 ? 34  PRO A N    1 
ATOM 459  C CA   . PRO A 1 34  ? -15.135 -2.740  9.173   1.00 0.56 ? 34  PRO A CA   1 
ATOM 460  C C    . PRO A 1 34  ? -13.695 -3.180  8.928   1.00 0.50 ? 34  PRO A C    1 
ATOM 461  O O    . PRO A 1 34  ? -13.349 -4.320  9.169   1.00 0.60 ? 34  PRO A O    1 
ATOM 462  C CB   . PRO A 1 34  ? -15.669 -3.458  10.431  1.00 0.68 ? 34  PRO A CB   1 
ATOM 463  C CG   . PRO A 1 34  ? -16.718 -4.507  9.952   1.00 0.76 ? 34  PRO A CG   1 
ATOM 464  C CD   . PRO A 1 34  ? -16.979 -4.235  8.462   1.00 0.72 ? 34  PRO A CD   1 
ATOM 465  H HA   . PRO A 1 34  ? -15.192 -1.661  9.273   1.00 0.53 ? 34  PRO A HA   1 
ATOM 466  H HB2  . PRO A 1 34  ? -14.859 -3.953  10.947  1.00 0.69 ? 34  PRO A HB2  1 
ATOM 467  H HB3  . PRO A 1 34  ? -16.136 -2.744  11.093  1.00 0.71 ? 34  PRO A HB3  1 
ATOM 468  H HG2  . PRO A 1 34  ? -16.328 -5.506  10.084  1.00 0.81 ? 34  PRO A HG2  1 
ATOM 469  H HG3  . PRO A 1 34  ? -17.633 -4.397  10.514  1.00 0.83 ? 34  PRO A HG3  1 
ATOM 470  H HD2  . PRO A 1 34  ? -16.822 -5.129  7.875   1.00 0.76 ? 34  PRO A HD2  1 
ATOM 471  H HD3  . PRO A 1 34  ? -17.984 -3.868  8.329   1.00 0.76 ? 34  PRO A HD3  1 
ATOM 472  N N    . VAL A 1 35  ? -12.878 -2.283  8.455   1.00 0.34 ? 35  VAL A N    1 
ATOM 473  C CA   . VAL A 1 35  ? -11.470 -2.668  8.201   1.00 0.31 ? 35  VAL A CA   1 
ATOM 474  C C    . VAL A 1 35  ? -10.659 -2.700  9.492   1.00 0.29 ? 35  VAL A C    1 
ATOM 475  O O    . VAL A 1 35  ? -10.216 -1.677  9.978   1.00 0.41 ? 35  VAL A O    1 
ATOM 476  C CB   . VAL A 1 35  ? -10.832 -1.649  7.243   1.00 0.30 ? 35  VAL A CB   1 
ATOM 477  C CG1  . VAL A 1 35  ? -9.701  -2.332  6.473   1.00 0.36 ? 35  VAL A CG1  1 
ATOM 478  C CG2  . VAL A 1 35  ? -11.880 -1.150  6.251   1.00 0.33 ? 35  VAL A CG2  1 
ATOM 479  H H    . VAL A 1 35  ? -13.187 -1.371  8.272   1.00 0.30 ? 35  VAL A H    1 
ATOM 480  H HA   . VAL A 1 35  ? -11.458 -3.665  7.760   1.00 0.34 ? 35  VAL A HA   1 
ATOM 481  H HB   . VAL A 1 35  ? -10.438 -0.821  7.802   1.00 0.29 ? 35  VAL A HB   1 
ATOM 482  H HG11 . VAL A 1 35  ? -9.273  -3.118  7.076   1.00 1.00 ? 35  VAL A HG11 1 
ATOM 483  H HG12 . VAL A 1 35  ? -10.088 -2.756  5.558   1.00 1.07 ? 35  VAL A HG12 1 
ATOM 484  H HG13 . VAL A 1 35  ? -8.935  -1.610  6.233   1.00 1.05 ? 35  VAL A HG13 1 
ATOM 485  H HG21 . VAL A 1 35  ? -12.388 -1.990  5.804   1.00 1.04 ? 35  VAL A HG21 1 
ATOM 486  H HG22 . VAL A 1 35  ? -12.599 -0.529  6.763   1.00 0.98 ? 35  VAL A HG22 1 
ATOM 487  H HG23 . VAL A 1 35  ? -11.399 -0.572  5.474   1.00 1.12 ? 35  VAL A HG23 1 
ATOM 488  N N    . ASP A 1 36  ? -10.496 -3.885  10.025  1.00 0.25 ? 36  ASP A N    1 
ATOM 489  C CA   . ASP A 1 36  ? -9.718  -4.042  11.285  1.00 0.24 ? 36  ASP A CA   1 
ATOM 490  C C    . ASP A 1 36  ? -8.388  -4.692  10.960  1.00 0.22 ? 36  ASP A C    1 
ATOM 491  O O    . ASP A 1 36  ? -8.058  -5.745  11.469  1.00 0.36 ? 36  ASP A O    1 
ATOM 492  C CB   . ASP A 1 36  ? -10.504 -4.961  12.229  1.00 0.28 ? 36  ASP A CB   1 
ATOM 493  C CG   . ASP A 1 36  ? -10.003 -4.765  13.663  1.00 0.36 ? 36  ASP A CG   1 
ATOM 494  O OD1  . ASP A 1 36  ? -9.173  -3.887  13.830  1.00 1.23 ? 36  ASP A OD1  1 
ATOM 495  O OD2  . ASP A 1 36  ? -10.480 -5.504  14.508  1.00 1.09 ? 36  ASP A OD2  1 
ATOM 496  H H    . ASP A 1 36  ? -10.886 -4.673  9.592   1.00 0.34 ? 36  ASP A H    1 
ATOM 497  H HA   . ASP A 1 36  ? -9.545  -3.066  11.734  1.00 0.26 ? 36  ASP A HA   1 
ATOM 498  H HB2  . ASP A 1 36  ? -11.554 -4.718  12.183  1.00 0.33 ? 36  ASP A HB2  1 
ATOM 499  H HB3  . ASP A 1 36  ? -10.360 -5.990  11.939  1.00 0.34 ? 36  ASP A HB3  1 
ATOM 500  N N    . GLY A 1 37  ? -7.650  -4.039  10.113  1.00 0.18 ? 37  GLY A N    1 
ATOM 501  C CA   . GLY A 1 37  ? -6.323  -4.576  9.709   1.00 0.21 ? 37  GLY A CA   1 
ATOM 502  C C    . GLY A 1 37  ? -6.470  -5.219  8.331   1.00 0.21 ? 37  GLY A C    1 
ATOM 503  O O    . GLY A 1 37  ? -7.562  -5.586  7.943   1.00 0.28 ? 37  GLY A O    1 
ATOM 504  H H    . GLY A 1 37  ? -7.970  -3.191  9.744   1.00 0.26 ? 37  GLY A H    1 
ATOM 505  H HA2  . GLY A 1 37  ? -5.604  -3.770  9.659   1.00 0.25 ? 37  GLY A HA2  1 
ATOM 506  H HA3  . GLY A 1 37  ? -5.993  -5.315  10.424  1.00 0.22 ? 37  GLY A HA3  1 
ATOM 507  N N    . TRP A 1 38  ? -5.394  -5.353  7.609   1.00 0.18 ? 38  TRP A N    1 
ATOM 508  C CA   . TRP A 1 38  ? -5.528  -5.977  6.267   1.00 0.19 ? 38  TRP A CA   1 
ATOM 509  C C    . TRP A 1 38  ? -4.189  -6.277  5.639   1.00 0.20 ? 38  TRP A C    1 
ATOM 510  O O    . TRP A 1 38  ? -3.156  -5.987  6.198   1.00 0.19 ? 38  TRP A O    1 
ATOM 511  C CB   . TRP A 1 38  ? -6.293  -5.002  5.348   1.00 0.20 ? 38  TRP A CB   1 
ATOM 512  C CG   . TRP A 1 38  ? -5.717  -3.580  5.479   1.00 0.19 ? 38  TRP A CG   1 
ATOM 513  C CD1  . TRP A 1 38  ? -6.251  -2.638  6.238   1.00 0.19 ? 38  TRP A CD1  1 
ATOM 514  C CD2  . TRP A 1 38  ? -4.624  -3.145  4.878   1.00 0.19 ? 38  TRP A CD2  1 
ATOM 515  N NE1  . TRP A 1 38  ? -5.427  -1.590  6.080   1.00 0.18 ? 38  TRP A NE1  1 
ATOM 516  C CE2  . TRP A 1 38  ? -4.356  -1.832  5.230   1.00 0.19 ? 38  TRP A CE2  1 
ATOM 517  C CE3  . TRP A 1 38  ? -3.765  -3.804  4.019   1.00 0.21 ? 38  TRP A CE3  1 
ATOM 518  C CZ2  . TRP A 1 38  ? -3.229  -1.198  4.728   1.00 0.20 ? 38  TRP A CZ2  1 
ATOM 519  C CZ3  . TRP A 1 38  ? -2.646  -3.161  3.526   1.00 0.22 ? 38  TRP A CZ3  1 
ATOM 520  C CH2  . TRP A 1 38  ? -2.384  -1.865  3.880   1.00 0.21 ? 38  TRP A CH2  1 
ATOM 521  H H    . TRP A 1 38  ? -4.519  -5.062  7.945   1.00 0.18 ? 38  TRP A H    1 
ATOM 522  H HA   . TRP A 1 38  ? -6.080  -6.909  6.370   1.00 0.20 ? 38  TRP A HA   1 
ATOM 523  H HB2  . TRP A 1 38  ? -6.214  -5.327  4.321   1.00 0.23 ? 38  TRP A HB2  1 
ATOM 524  H HB3  . TRP A 1 38  ? -7.325  -4.985  5.637   1.00 0.21 ? 38  TRP A HB3  1 
ATOM 525  H HD1  . TRP A 1 38  ? -7.132  -2.703  6.857   1.00 0.20 ? 38  TRP A HD1  1 
ATOM 526  H HE1  . TRP A 1 38  ? -5.583  -0.723  6.513   1.00 0.19 ? 38  TRP A HE1  1 
ATOM 527  H HE3  . TRP A 1 38  ? -3.978  -4.809  3.715   1.00 0.23 ? 38  TRP A HE3  1 
ATOM 528  H HZ2  . TRP A 1 38  ? -3.003  -0.192  5.016   1.00 0.20 ? 38  TRP A HZ2  1 
ATOM 529  H HZ3  . TRP A 1 38  ? -1.971  -3.680  2.874   1.00 0.25 ? 38  TRP A HZ3  1 
ATOM 530  H HH2  . TRP A 1 38  ? -1.507  -1.367  3.490   1.00 0.23 ? 38  TRP A HH2  1 
ATOM 531  N N    . THR A 1 39  ? -4.245  -6.865  4.474   1.00 0.21 ? 39  THR A N    1 
ATOM 532  C CA   . THR A 1 39  ? -3.003  -7.208  3.759   1.00 0.22 ? 39  THR A CA   1 
ATOM 533  C C    . THR A 1 39  ? -3.160  -6.966  2.259   1.00 0.22 ? 39  THR A C    1 
ATOM 534  O O    . THR A 1 39  ? -3.735  -7.776  1.558   1.00 0.29 ? 39  THR A O    1 
ATOM 535  C CB   . THR A 1 39  ? -2.717  -8.689  3.985   1.00 0.22 ? 39  THR A CB   1 
ATOM 536  O OG1  . THR A 1 39  ? -3.283  -8.994  5.243   1.00 0.23 ? 39  THR A OG1  1 
ATOM 537  C CG2  . THR A 1 39  ? -1.222  -8.921  4.169   1.00 0.25 ? 39  THR A CG2  1 
ATOM 538  H H    . THR A 1 39  ? -5.109  -7.078  4.076   1.00 0.22 ? 39  THR A H    1 
ATOM 539  H HA   . THR A 1 39  ? -2.192  -6.596  4.137   1.00 0.21 ? 39  THR A HA   1 
ATOM 540  H HB   . THR A 1 39  ? -3.145  -9.307  3.205   1.00 0.24 ? 39  THR A HB   1 
ATOM 541  H HG1  . THR A 1 39  ? -4.235  -9.057  5.131   1.00 0.96 ? 39  THR A HG1  1 
ATOM 542  H HG21 . THR A 1 39  ? -0.689  -8.540  3.311   1.00 1.07 ? 39  THR A HG21 1 
ATOM 543  H HG22 . THR A 1 39  ? -0.883  -8.410  5.054   1.00 1.04 ? 39  THR A HG22 1 
ATOM 544  H HG23 . THR A 1 39  ? -1.029  -9.976  4.269   1.00 1.02 ? 39  THR A HG23 1 
ATOM 545  N N    . LEU A 1 40  ? -2.654  -5.858  1.785   1.00 0.21 ? 40  LEU A N    1 
ATOM 546  C CA   . LEU A 1 40  ? -2.785  -5.584  0.333   1.00 0.22 ? 40  LEU A CA   1 
ATOM 547  C C    . LEU A 1 40  ? -1.637  -6.215  -0.407  1.00 0.21 ? 40  LEU A C    1 
ATOM 548  O O    . LEU A 1 40  ? -0.726  -6.743  0.202   1.00 0.21 ? 40  LEU A O    1 
ATOM 549  C CB   . LEU A 1 40  ? -2.800  -4.049  0.084   1.00 0.23 ? 40  LEU A CB   1 
ATOM 550  C CG   . LEU A 1 40  ? -1.455  -3.581  -0.499  1.00 0.22 ? 40  LEU A CG   1 
ATOM 551  C CD1  . LEU A 1 40  ? -1.452  -2.050  -0.580  1.00 0.24 ? 40  LEU A CD1  1 
ATOM 552  C CD2  . LEU A 1 40  ? -0.311  -4.027  0.406   1.00 0.21 ? 40  LEU A CD2  1 
ATOM 553  H H    . LEU A 1 40  ? -2.184  -5.232  2.372   1.00 0.24 ? 40  LEU A H    1 
ATOM 554  H HA   . LEU A 1 40  ? -3.704  -6.039  -0.017  1.00 0.23 ? 40  LEU A HA   1 
ATOM 555  H HB2  . LEU A 1 40  ? -3.587  -3.809  -0.613  1.00 0.25 ? 40  LEU A HB2  1 
ATOM 556  H HB3  . LEU A 1 40  ? -2.991  -3.535  1.008   1.00 0.24 ? 40  LEU A HB3  1 
ATOM 557  H HG   . LEU A 1 40  ? -1.321  -3.993  -1.486  1.00 0.22 ? 40  LEU A HG   1 
ATOM 558  H HD11 . LEU A 1 40  ? -1.748  -1.634  0.372   1.00 1.02 ? 40  LEU A HD11 1 
ATOM 559  H HD12 . LEU A 1 40  ? -0.462  -1.699  -0.828  1.00 1.10 ? 40  LEU A HD12 1 
ATOM 560  H HD13 . LEU A 1 40  ? -2.146  -1.724  -1.341  1.00 1.00 ? 40  LEU A HD13 1 
ATOM 561  H HD21 . LEU A 1 40  ? -0.705  -4.539  1.272   1.00 1.02 ? 40  LEU A HD21 1 
ATOM 562  H HD22 . LEU A 1 40  ? 0.345   -4.692  -0.136  1.00 1.02 ? 40  LEU A HD22 1 
ATOM 563  H HD23 . LEU A 1 40  ? 0.249   -3.165  0.724   1.00 1.07 ? 40  LEU A HD23 1 
ATOM 564  N N    . THR A 1 41  ? -1.685  -6.177  -1.700  1.00 0.21 ? 41  THR A N    1 
ATOM 565  C CA   . THR A 1 41  ? -0.582  -6.783  -2.446  1.00 0.21 ? 41  THR A CA   1 
ATOM 566  C C    . THR A 1 41  ? -0.490  -6.261  -3.867  1.00 0.19 ? 41  THR A C    1 
ATOM 567  O O    . THR A 1 41  ? -1.485  -5.918  -4.490  1.00 0.20 ? 41  THR A O    1 
ATOM 568  C CB   . THR A 1 41  ? -0.814  -8.293  -2.495  1.00 0.23 ? 41  THR A CB   1 
ATOM 569  O OG1  . THR A 1 41  ? -0.302  -8.790  -1.275  1.00 0.41 ? 41  THR A OG1  1 
ATOM 570  C CG2  . THR A 1 41  ? 0.061   -8.942  -3.575  1.00 0.27 ? 41  THR A CG2  1 
ATOM 571  H H    . THR A 1 41  ? -2.436  -5.756  -2.164  1.00 0.22 ? 41  THR A H    1 
ATOM 572  H HA   . THR A 1 41  ? 0.349   -6.561  -1.934  1.00 0.25 ? 41  THR A HA   1 
ATOM 573  H HB   . THR A 1 41  ? -1.868  -8.538  -2.601  1.00 0.28 ? 41  THR A HB   1 
ATOM 574  H HG1  . THR A 1 41  ? -0.797  -9.578  -1.044  1.00 1.02 ? 41  THR A HG1  1 
ATOM 575  H HG21 . THR A 1 41  ? 0.975   -8.377  -3.691  1.00 1.01 ? 41  THR A HG21 1 
ATOM 576  H HG22 . THR A 1 41  ? 0.304   -9.955  -3.287  1.00 1.04 ? 41  THR A HG22 1 
ATOM 577  H HG23 . THR A 1 41  ? -0.470  -8.957  -4.514  1.00 1.07 ? 41  THR A HG23 1 
ATOM 578  N N    . PHE A 1 42  ? 0.725   -6.197  -4.329  1.00 0.20 ? 42  PHE A N    1 
ATOM 579  C CA   . PHE A 1 42  ? 1.001   -5.717  -5.696  1.00 0.23 ? 42  PHE A CA   1 
ATOM 580  C C    . PHE A 1 42  ? 2.479   -5.899  -5.970  1.00 0.24 ? 42  PHE A C    1 
ATOM 581  O O    . PHE A 1 42  ? 3.059   -6.869  -5.526  1.00 0.29 ? 42  PHE A O    1 
ATOM 582  C CB   . PHE A 1 42  ? 0.608   -4.230  -5.829  1.00 0.28 ? 42  PHE A CB   1 
ATOM 583  C CG   . PHE A 1 42  ? 1.546   -3.338  -5.016  1.00 0.27 ? 42  PHE A CG   1 
ATOM 584  C CD1  . PHE A 1 42  ? 1.460   -3.294  -3.636  1.00 1.16 ? 42  PHE A CD1  1 
ATOM 585  C CD2  . PHE A 1 42  ? 2.449   -2.510  -5.659  1.00 1.14 ? 42  PHE A CD2  1 
ATOM 586  C CE1  . PHE A 1 42  ? 2.261   -2.431  -2.915  1.00 1.20 ? 42  PHE A CE1  1 
ATOM 587  C CE2  . PHE A 1 42  ? 3.246   -1.650  -4.936  1.00 1.15 ? 42  PHE A CE2  1 
ATOM 588  C CZ   . PHE A 1 42  ? 3.151   -1.608  -3.569  1.00 0.46 ? 42  PHE A CZ   1 
ATOM 589  H H    . PHE A 1 42  ? 1.476   -6.461  -3.750  1.00 0.21 ? 42  PHE A H    1 
ATOM 590  H HA   . PHE A 1 42  ? 0.438   -6.334  -6.401  1.00 0.23 ? 42  PHE A HA   1 
ATOM 591  H HB2  . PHE A 1 42  ? 0.660   -3.937  -6.868  1.00 0.30 ? 42  PHE A HB2  1 
ATOM 592  H HB3  . PHE A 1 42  ? -0.399  -4.090  -5.480  1.00 0.39 ? 42  PHE A HB3  1 
ATOM 593  H HD1  . PHE A 1 42  ? 0.765   -3.940  -3.119  1.00 2.00 ? 42  PHE A HD1  1 
ATOM 594  H HD2  . PHE A 1 42  ? 2.528   -2.537  -6.734  1.00 2.00 ? 42  PHE A HD2  1 
ATOM 595  H HE1  . PHE A 1 42  ? 2.188   -2.399  -1.838  1.00 2.06 ? 42  PHE A HE1  1 
ATOM 596  H HE2  . PHE A 1 42  ? 3.948   -1.007  -5.448  1.00 1.99 ? 42  PHE A HE2  1 
ATOM 597  H HZ   . PHE A 1 42  ? 3.761   -0.918  -3.007  1.00 0.55 ? 42  PHE A HZ   1 
ATOM 598  N N    . SER A 1 43  ? 3.083   -4.995  -6.673  1.00 0.23 ? 43  SER A N    1 
ATOM 599  C CA   . SER A 1 43  ? 4.529   -5.183  -6.936  1.00 0.26 ? 43  SER A CA   1 
ATOM 600  C C    . SER A 1 43  ? 5.204   -3.906  -7.379  1.00 0.29 ? 43  SER A C    1 
ATOM 601  O O    . SER A 1 43  ? 4.565   -2.982  -7.827  1.00 0.48 ? 43  SER A O    1 
ATOM 602  C CB   . SER A 1 43  ? 4.688   -6.224  -8.055  1.00 0.30 ? 43  SER A CB   1 
ATOM 603  O OG   . SER A 1 43  ? 4.422   -7.463  -7.421  1.00 0.51 ? 43  SER A OG   1 
ATOM 604  H H    . SER A 1 43  ? 2.603   -4.213  -7.018  1.00 0.25 ? 43  SER A H    1 
ATOM 605  H HA   . SER A 1 43  ? 5.002   -5.527  -6.023  1.00 0.26 ? 43  SER A HA   1 
ATOM 606  H HB2  . SER A 1 43  ? 3.973   -6.049  -8.844  1.00 0.33 ? 43  SER A HB2  1 
ATOM 607  H HB3  . SER A 1 43  ? 5.693   -6.215  -8.446  1.00 0.42 ? 43  SER A HB3  1 
ATOM 608  H HG   . SER A 1 43  ? 3.532   -7.733  -7.660  1.00 1.10 ? 43  SER A HG   1 
ATOM 609  N N    . PHE A 1 44  ? 6.501   -3.886  -7.243  1.00 0.21 ? 44  PHE A N    1 
ATOM 610  C CA   . PHE A 1 44  ? 7.257   -2.678  -7.652  1.00 0.25 ? 44  PHE A CA   1 
ATOM 611  C C    . PHE A 1 44  ? 7.805   -2.882  -9.079  1.00 0.34 ? 44  PHE A C    1 
ATOM 612  O O    . PHE A 1 44  ? 8.645   -3.732  -9.297  1.00 0.50 ? 44  PHE A O    1 
ATOM 613  C CB   . PHE A 1 44  ? 8.438   -2.491  -6.677  1.00 0.27 ? 44  PHE A CB   1 
ATOM 614  C CG   . PHE A 1 44  ? 8.007   -1.562  -5.523  1.00 0.26 ? 44  PHE A CG   1 
ATOM 615  C CD1  . PHE A 1 44  ? 7.456   -0.313  -5.785  1.00 1.19 ? 44  PHE A CD1  1 
ATOM 616  C CD2  . PHE A 1 44  ? 8.141   -1.968  -4.203  1.00 1.23 ? 44  PHE A CD2  1 
ATOM 617  C CE1  . PHE A 1 44  ? 7.046   0.505   -4.746  1.00 1.22 ? 44  PHE A CE1  1 
ATOM 618  C CE2  . PHE A 1 44  ? 7.729   -1.143  -3.169  1.00 1.21 ? 44  PHE A CE2  1 
ATOM 619  C CZ   . PHE A 1 44  ? 7.182   0.088   -3.443  1.00 0.33 ? 44  PHE A CZ   1 
ATOM 620  H H    . PHE A 1 44  ? 6.976   -4.676  -6.876  1.00 0.25 ? 44  PHE A H    1 
ATOM 621  H HA   . PHE A 1 44  ? 6.596   -1.827  -7.622  1.00 0.27 ? 44  PHE A HA   1 
ATOM 622  H HB2  . PHE A 1 44  ? 8.733   -3.449  -6.272  1.00 0.31 ? 44  PHE A HB2  1 
ATOM 623  H HB3  . PHE A 1 44  ? 9.276   -2.053  -7.197  1.00 0.32 ? 44  PHE A HB3  1 
ATOM 624  H HD1  . PHE A 1 44  ? 7.358   0.029   -6.804  1.00 2.10 ? 44  PHE A HD1  1 
ATOM 625  H HD2  . PHE A 1 44  ? 8.574   -2.932  -3.979  1.00 2.15 ? 44  PHE A HD2  1 
ATOM 626  H HE1  . PHE A 1 44  ? 6.613   1.472   -4.960  1.00 2.13 ? 44  PHE A HE1  1 
ATOM 627  H HE2  . PHE A 1 44  ? 7.837   -1.468  -2.143  1.00 2.11 ? 44  PHE A HE2  1 
ATOM 628  H HZ   . PHE A 1 44  ? 6.852   0.728   -2.631  1.00 0.38 ? 44  PHE A HZ   1 
ATOM 629  N N    . PRO A 1 45  ? 7.319   -2.093  -10.040 1.00 0.33 ? 45  PRO A N    1 
ATOM 630  C CA   . PRO A 1 45  ? 7.778   -2.219  -11.421 1.00 0.42 ? 45  PRO A CA   1 
ATOM 631  C C    . PRO A 1 45  ? 9.286   -2.073  -11.523 1.00 0.44 ? 45  PRO A C    1 
ATOM 632  O O    . PRO A 1 45  ? 9.982   -3.020  -11.828 1.00 0.60 ? 45  PRO A O    1 
ATOM 633  C CB   . PRO A 1 45  ? 7.080   -1.073  -12.181 1.00 0.51 ? 45  PRO A CB   1 
ATOM 634  C CG   . PRO A 1 45  ? 6.101   -0.384  -11.184 1.00 0.61 ? 45  PRO A CG   1 
ATOM 635  C CD   . PRO A 1 45  ? 6.328   -1.029  -9.806  1.00 0.42 ? 45  PRO A CD   1 
ATOM 636  H HA   . PRO A 1 45  ? 7.477   -3.185  -11.815 1.00 0.57 ? 45  PRO A HA   1 
ATOM 637  H HB2  . PRO A 1 45  ? 7.814   -0.360  -12.529 1.00 0.49 ? 45  PRO A HB2  1 
ATOM 638  H HB3  . PRO A 1 45  ? 6.532   -1.467  -13.023 1.00 0.66 ? 45  PRO A HB3  1 
ATOM 639  H HG2  . PRO A 1 45  ? 6.307   0.674   -11.137 1.00 0.72 ? 45  PRO A HG2  1 
ATOM 640  H HG3  . PRO A 1 45  ? 5.080   -0.541  -11.502 1.00 0.81 ? 45  PRO A HG3  1 
ATOM 641  H HD2  . PRO A 1 45  ? 6.722   -0.298  -9.113  1.00 0.44 ? 45  PRO A HD2  1 
ATOM 642  H HD3  . PRO A 1 45  ? 5.409   -1.451  -9.425  1.00 0.49 ? 45  PRO A HD3  1 
ATOM 643  N N    . SER A 1 46  ? 9.769   -0.895  -11.268 1.00 0.47 ? 46  SER A N    1 
ATOM 644  C CA   . SER A 1 46  ? 11.230  -0.689  -11.351 1.00 0.63 ? 46  SER A CA   1 
ATOM 645  C C    . SER A 1 46  ? 11.933  -1.415  -10.217 1.00 0.65 ? 46  SER A C    1 
ATOM 646  O O    . SER A 1 46  ? 11.413  -2.368  -9.670  1.00 1.27 ? 46  SER A O    1 
ATOM 647  C CB   . SER A 1 46  ? 11.515  0.809   -11.231 1.00 0.79 ? 46  SER A CB   1 
ATOM 648  O OG   . SER A 1 46  ? 12.815  0.955   -11.785 1.00 1.52 ? 46  SER A OG   1 
ATOM 649  H H    . SER A 1 46  ? 9.174   -0.151  -11.026 1.00 0.51 ? 46  SER A H    1 
ATOM 650  H HA   . SER A 1 46  ? 11.591  -1.080  -12.302 1.00 0.74 ? 46  SER A HA   1 
ATOM 651  H HB2  . SER A 1 46  ? 10.797  1.381   -11.799 1.00 1.15 ? 46  SER A HB2  1 
ATOM 652  H HB3  . SER A 1 46  ? 11.513  1.119   -10.196 1.00 1.19 ? 46  SER A HB3  1 
ATOM 653  H HG   . SER A 1 46  ? 12.861  0.419   -12.579 1.00 1.80 ? 46  SER A HG   1 
ATOM 654  N N    . GLY A 1 47  ? 13.103  -0.957  -9.882  1.00 0.86 ? 47  GLY A N    1 
ATOM 655  C CA   . GLY A 1 47  ? 13.854  -1.614  -8.782  1.00 0.93 ? 47  GLY A CA   1 
ATOM 656  C C    . GLY A 1 47  ? 13.558  -0.923  -7.451  1.00 0.80 ? 47  GLY A C    1 
ATOM 657  O O    . GLY A 1 47  ? 14.461  -0.592  -6.708  1.00 1.05 ? 47  GLY A O    1 
ATOM 658  H H    . GLY A 1 47  ? 13.486  -0.185  -10.351 1.00 1.40 ? 47  GLY A H    1 
ATOM 659  H HA2  . GLY A 1 47  ? 13.560  -2.652  -8.718  1.00 0.98 ? 47  GLY A HA2  1 
ATOM 660  H HA3  . GLY A 1 47  ? 14.912  -1.556  -8.987  1.00 1.08 ? 47  GLY A HA3  1 
ATOM 661  N N    . GLN A 1 48  ? 12.295  -0.716  -7.173  1.00 0.52 ? 48  GLN A N    1 
ATOM 662  C CA   . GLN A 1 48  ? 11.936  -0.051  -5.899  1.00 0.52 ? 48  GLN A CA   1 
ATOM 663  C C    . GLN A 1 48  ? 11.851  -1.064  -4.772  1.00 0.52 ? 48  GLN A C    1 
ATOM 664  O O    . GLN A 1 48  ? 10.843  -1.722  -4.605  1.00 0.79 ? 48  GLN A O    1 
ATOM 665  C CB   . GLN A 1 48  ? 10.565  0.617   -6.065  1.00 0.65 ? 48  GLN A CB   1 
ATOM 666  C CG   . GLN A 1 48  ? 10.669  1.724   -7.113  1.00 0.88 ? 48  GLN A CG   1 
ATOM 667  C CD   . GLN A 1 48  ? 10.412  3.074   -6.445  1.00 1.07 ? 48  GLN A CD   1 
ATOM 668  O OE1  . GLN A 1 48  ? 9.490   3.229   -5.670  1.00 1.71 ? 48  GLN A OE1  1 
ATOM 669  N NE2  . GLN A 1 48  ? 11.202  4.075   -6.718  1.00 1.82 ? 48  GLN A NE2  1 
ATOM 670  H H    . GLN A 1 48  ? 11.591  -1.004  -7.799  1.00 0.48 ? 48  GLN A H    1 
ATOM 671  H HA   . GLN A 1 48  ? 12.700  0.686   -5.657  1.00 0.60 ? 48  GLN A HA   1 
ATOM 672  H HB2  . GLN A 1 48  ? 9.841   -0.113  -6.383  1.00 1.02 ? 48  GLN A HB2  1 
ATOM 673  H HB3  . GLN A 1 48  ? 10.251  1.040   -5.122  1.00 1.12 ? 48  GLN A HB3  1 
ATOM 674  H HG2  . GLN A 1 48  ? 11.657  1.724   -7.549  1.00 1.54 ? 48  GLN A HG2  1 
ATOM 675  H HG3  . GLN A 1 48  ? 9.936   1.563   -7.889  1.00 1.59 ? 48  GLN A HG3  1 
ATOM 676  H HE21 . GLN A 1 48  ? 11.947  3.955   -7.343  1.00 2.29 ? 48  GLN A HE21 1 
ATOM 677  H HE22 . GLN A 1 48  ? 11.051  4.946   -6.296  1.00 2.30 ? 48  GLN A HE22 1 
ATOM 678  N N    . GLN A 1 49  ? 12.917  -1.170  -4.014  1.00 0.41 ? 49  GLN A N    1 
ATOM 679  C CA   . GLN A 1 49  ? 12.927  -2.138  -2.884  1.00 0.56 ? 49  GLN A CA   1 
ATOM 680  C C    . GLN A 1 49  ? 12.833  -1.410  -1.549  1.00 0.43 ? 49  GLN A C    1 
ATOM 681  O O    . GLN A 1 49  ? 13.744  -0.710  -1.153  1.00 0.48 ? 49  GLN A O    1 
ATOM 682  C CB   . GLN A 1 49  ? 14.246  -2.928  -2.934  1.00 0.76 ? 49  GLN A CB   1 
ATOM 683  C CG   . GLN A 1 49  ? 15.426  -1.955  -2.910  1.00 1.13 ? 49  GLN A CG   1 
ATOM 684  C CD   . GLN A 1 49  ? 16.109  -2.030  -1.543  1.00 2.08 ? 49  GLN A CD   1 
ATOM 685  O OE1  . GLN A 1 49  ? 17.296  -1.804  -1.417  1.00 2.82 ? 49  GLN A OE1  1 
ATOM 686  N NE2  . GLN A 1 49  ? 15.396  -2.347  -0.496  1.00 2.32 ? 49  GLN A NE2  1 
ATOM 687  H H    . GLN A 1 49  ? 13.705  -0.606  -4.190  1.00 0.43 ? 49  GLN A H    1 
ATOM 688  H HA   . GLN A 1 49  ? 12.074  -2.809  -2.978  1.00 0.70 ? 49  GLN A HA   1 
ATOM 689  H HB2  . GLN A 1 49  ? 14.305  -3.589  -2.082  1.00 1.47 ? 49  GLN A HB2  1 
ATOM 690  H HB3  . GLN A 1 49  ? 14.281  -3.516  -3.839  1.00 1.29 ? 49  GLN A HB3  1 
ATOM 691  H HG2  . GLN A 1 49  ? 16.136  -2.221  -3.680  1.00 1.25 ? 49  GLN A HG2  1 
ATOM 692  H HG3  . GLN A 1 49  ? 15.075  -0.947  -3.081  1.00 1.67 ? 49  GLN A HG3  1 
ATOM 693  H HE21 . GLN A 1 49  ? 14.438  -2.532  -0.593  1.00 1.95 ? 49  GLN A HE21 1 
ATOM 694  H HE22 . GLN A 1 49  ? 15.818  -2.400  0.386   1.00 3.00 ? 49  GLN A HE22 1 
ATOM 695  N N    . VAL A 1 50  ? 11.726  -1.582  -0.879  1.00 0.37 ? 50  VAL A N    1 
ATOM 696  C CA   . VAL A 1 50  ? 11.555  -0.910  0.425   1.00 0.29 ? 50  VAL A CA   1 
ATOM 697  C C    . VAL A 1 50  ? 12.515  -1.470  1.463   1.00 0.28 ? 50  VAL A C    1 
ATOM 698  O O    . VAL A 1 50  ? 13.005  -2.574  1.328   1.00 0.36 ? 50  VAL A O    1 
ATOM 699  C CB   . VAL A 1 50  ? 10.121  -1.144  0.892   1.00 0.40 ? 50  VAL A CB   1 
ATOM 700  C CG1  . VAL A 1 50  ? 9.739   -2.603  0.637   1.00 0.47 ? 50  VAL A CG1  1 
ATOM 701  C CG2  . VAL A 1 50  ? 10.023  -0.848  2.390   1.00 0.47 ? 50  VAL A CG2  1 
ATOM 702  H H    . VAL A 1 50  ? 11.011  -2.144  -1.240  1.00 0.45 ? 50  VAL A H    1 
ATOM 703  H HA   . VAL A 1 50  ? 11.747  0.143   0.302   1.00 0.25 ? 50  VAL A HA   1 
ATOM 704  H HB   . VAL A 1 50  ? 9.460   -0.492  0.345   1.00 0.46 ? 50  VAL A HB   1 
ATOM 705  H HG11 . VAL A 1 50  ? 10.495  -3.255  1.051   1.00 0.99 ? 50  VAL A HG11 1 
ATOM 706  H HG12 . VAL A 1 50  ? 8.790   -2.819  1.104   1.00 1.14 ? 50  VAL A HG12 1 
ATOM 707  H HG13 . VAL A 1 50  ? 9.661   -2.779  -0.426  1.00 1.19 ? 50  VAL A HG13 1 
ATOM 708  H HG21 . VAL A 1 50  ? 10.533  0.077   2.614   1.00 1.15 ? 50  VAL A HG21 1 
ATOM 709  H HG22 . VAL A 1 50  ? 8.985   -0.759  2.676   1.00 1.06 ? 50  VAL A HG22 1 
ATOM 710  H HG23 . VAL A 1 50  ? 10.477  -1.651  2.951   1.00 1.09 ? 50  VAL A HG23 1 
ATOM 711  N N    . THR A 1 51  ? 12.766  -0.687  2.484   1.00 0.24 ? 51  THR A N    1 
ATOM 712  C CA   . THR A 1 51  ? 13.695  -1.141  3.559   1.00 0.31 ? 51  THR A CA   1 
ATOM 713  C C    . THR A 1 51  ? 13.096  -0.871  4.927   1.00 0.28 ? 51  THR A C    1 
ATOM 714  O O    . THR A 1 51  ? 12.812  -1.785  5.675   1.00 0.37 ? 51  THR A O    1 
ATOM 715  C CB   . THR A 1 51  ? 15.011  -0.365  3.430   1.00 0.39 ? 51  THR A CB   1 
ATOM 716  O OG1  . THR A 1 51  ? 14.703  0.961   3.803   1.00 0.79 ? 51  THR A OG1  1 
ATOM 717  C CG2  . THR A 1 51  ? 15.442  -0.263  1.960   1.00 0.56 ? 51  THR A CG2  1 
ATOM 718  H H    . THR A 1 51  ? 12.337  0.196   2.543   1.00 0.21 ? 51  THR A H    1 
ATOM 719  H HA   . THR A 1 51  ? 13.865  -2.206  3.459   1.00 0.39 ? 51  THR A HA   1 
ATOM 720  H HB   . THR A 1 51  ? 15.787  -0.776  4.071   1.00 0.65 ? 51  THR A HB   1 
ATOM 721  H HG1  . THR A 1 51  ? 15.249  1.552   3.277   1.00 1.40 ? 51  THR A HG1  1 
ATOM 722  H HG21 . THR A 1 51  ? 14.602  0.039   1.353   1.00 1.14 ? 51  THR A HG21 1 
ATOM 723  H HG22 . THR A 1 51  ? 16.233  0.466   1.862   1.00 1.35 ? 51  THR A HG22 1 
ATOM 724  H HG23 . THR A 1 51  ? 15.800  -1.224  1.619   1.00 1.16 ? 51  THR A HG23 1 
ATOM 725  N N    . GLN A 1 52  ? 12.914  0.379   5.235   1.00 0.22 ? 52  GLN A N    1 
ATOM 726  C CA   . GLN A 1 52  ? 12.330  0.720   6.557   1.00 0.23 ? 52  GLN A CA   1 
ATOM 727  C C    . GLN A 1 52  ? 10.817  0.747   6.448   1.00 0.27 ? 52  GLN A C    1 
ATOM 728  O O    . GLN A 1 52  ? 10.285  0.758   5.363   1.00 0.55 ? 52  GLN A O    1 
ATOM 729  C CB   . GLN A 1 52  ? 12.829  2.112   6.975   1.00 0.32 ? 52  GLN A CB   1 
ATOM 730  C CG   . GLN A 1 52  ? 13.812  1.967   8.139   1.00 0.99 ? 52  GLN A CG   1 
ATOM 731  C CD   . GLN A 1 52  ? 14.229  3.357   8.625   1.00 1.16 ? 52  GLN A CD   1 
ATOM 732  O OE1  . GLN A 1 52  ? 14.687  3.527   9.738   1.00 1.70 ? 52  GLN A OE1  1 
ATOM 733  N NE2  . GLN A 1 52  ? 14.089  4.378   7.823   1.00 1.70 ? 52  GLN A NE2  1 
ATOM 734  H H    . GLN A 1 52  ? 13.149  1.087   4.594   1.00 0.24 ? 52  GLN A H    1 
ATOM 735  H HA   . GLN A 1 52  ? 12.623  -0.039  7.283   1.00 0.23 ? 52  GLN A HA   1 
ATOM 736  H HB2  . GLN A 1 52  ? 13.322  2.585   6.142   1.00 0.91 ? 52  GLN A HB2  1 
ATOM 737  H HB3  . GLN A 1 52  ? 11.991  2.718   7.283   1.00 0.84 ? 52  GLN A HB3  1 
ATOM 738  H HG2  . GLN A 1 52  ? 13.343  1.431   8.950   1.00 1.53 ? 52  GLN A HG2  1 
ATOM 739  H HG3  . GLN A 1 52  ? 14.688  1.424   7.812   1.00 1.53 ? 52  GLN A HG3  1 
ATOM 740  H HE21 . GLN A 1 52  ? 13.721  4.247   6.924   1.00 2.20 ? 52  GLN A HE21 1 
ATOM 741  H HE22 . GLN A 1 52  ? 14.351  5.274   8.120   1.00 2.01 ? 52  GLN A HE22 1 
ATOM 742  N N    . ALA A 1 53  ? 10.141  0.756   7.561   1.00 0.22 ? 53  ALA A N    1 
ATOM 743  C CA   . ALA A 1 53  ? 8.660   0.782   7.484   1.00 0.20 ? 53  ALA A CA   1 
ATOM 744  C C    . ALA A 1 53  ? 8.024   0.983   8.842   1.00 0.23 ? 53  ALA A C    1 
ATOM 745  O O    . ALA A 1 53  ? 8.555   0.568   9.854   1.00 0.29 ? 53  ALA A O    1 
ATOM 746  C CB   . ALA A 1 53  ? 8.187   -0.565  6.932   1.00 0.28 ? 53  ALA A CB   1 
ATOM 747  H H    . ALA A 1 53  ? 10.599  0.746   8.427   1.00 0.42 ? 53  ALA A H    1 
ATOM 748  H HA   . ALA A 1 53  ? 8.354   1.591   6.829   1.00 0.24 ? 53  ALA A HA   1 
ATOM 749  H HB1  . ALA A 1 53  ? 8.902   -1.334  7.184   1.00 1.09 ? 53  ALA A HB1  1 
ATOM 750  H HB2  . ALA A 1 53  ? 7.228   -0.817  7.363   1.00 1.01 ? 53  ALA A HB2  1 
ATOM 751  H HB3  . ALA A 1 53  ? 8.090   -0.506  5.859   1.00 1.03 ? 53  ALA A HB3  1 
ATOM 752  N N    . TRP A 1 54  ? 6.889   1.622   8.838   1.00 0.21 ? 54  TRP A N    1 
ATOM 753  C CA   . TRP A 1 54  ? 6.189   1.866   10.109  1.00 0.26 ? 54  TRP A CA   1 
ATOM 754  C C    . TRP A 1 54  ? 4.689   1.931   9.883   1.00 0.23 ? 54  TRP A C    1 
ATOM 755  O O    . TRP A 1 54  ? 4.226   2.457   8.877   1.00 0.26 ? 54  TRP A O    1 
ATOM 756  C CB   . TRP A 1 54  ? 6.658   3.200   10.692  1.00 0.36 ? 54  TRP A CB   1 
ATOM 757  C CG   . TRP A 1 54  ? 5.650   3.652   11.749  1.00 0.44 ? 54  TRP A CG   1 
ATOM 758  C CD1  . TRP A 1 54  ? 4.841   4.691   11.615  1.00 0.49 ? 54  TRP A CD1  1 
ATOM 759  C CD2  . TRP A 1 54  ? 5.449   3.040   12.889  1.00 0.48 ? 54  TRP A CD2  1 
ATOM 760  N NE1  . TRP A 1 54  ? 4.120   4.680   12.752  1.00 0.56 ? 54  TRP A NE1  1 
ATOM 761  C CE2  . TRP A 1 54  ? 4.448   3.651   13.619  1.00 0.55 ? 54  TRP A CE2  1 
ATOM 762  C CE3  . TRP A 1 54  ? 6.082   1.918   13.393  1.00 0.49 ? 54  TRP A CE3  1 
ATOM 763  C CZ2  . TRP A 1 54  ? 4.080   3.143   14.848  1.00 0.61 ? 54  TRP A CZ2  1 
ATOM 764  C CZ3  . TRP A 1 54  ? 5.712   1.411   14.622  1.00 0.56 ? 54  TRP A CZ3  1 
ATOM 765  C CH2  . TRP A 1 54  ? 4.711   2.022   15.349  1.00 0.61 ? 54  TRP A CH2  1 
ATOM 766  H H    . TRP A 1 54  ? 6.507   1.943   7.998   1.00 0.21 ? 54  TRP A H    1 
ATOM 767  H HA   . TRP A 1 54  ? 6.405   1.046   10.786  1.00 0.31 ? 54  TRP A HA   1 
ATOM 768  H HB2  . TRP A 1 54  ? 7.629   3.082   11.146  1.00 0.40 ? 54  TRP A HB2  1 
ATOM 769  H HB3  . TRP A 1 54  ? 6.717   3.944   9.911   1.00 0.37 ? 54  TRP A HB3  1 
ATOM 770  H HD1  . TRP A 1 54  ? 4.757   5.368   10.778  1.00 0.51 ? 54  TRP A HD1  1 
ATOM 771  H HE1  . TRP A 1 54  ? 3.424   5.341   12.949  1.00 0.62 ? 54  TRP A HE1  1 
ATOM 772  H HE3  . TRP A 1 54  ? 6.871   1.442   12.829  1.00 0.46 ? 54  TRP A HE3  1 
ATOM 773  H HZ2  . TRP A 1 54  ? 3.298   3.622   15.419  1.00 0.66 ? 54  TRP A HZ2  1 
ATOM 774  H HZ3  . TRP A 1 54  ? 6.206   0.535   15.015  1.00 0.60 ? 54  TRP A HZ3  1 
ATOM 775  H HH2  . TRP A 1 54  ? 4.416   1.618   16.306  1.00 0.67 ? 54  TRP A HH2  1 
ATOM 776  N N    . SER A 1 55  ? 3.947   1.399   10.822  1.00 0.24 ? 55  SER A N    1 
ATOM 777  C CA   . SER A 1 55  ? 2.482   1.418   10.681  1.00 0.25 ? 55  SER A CA   1 
ATOM 778  C C    . SER A 1 55  ? 2.078   0.572   9.490   1.00 0.25 ? 55  SER A C    1 
ATOM 779  O O    . SER A 1 55  ? 1.021   0.751   8.920   1.00 0.28 ? 55  SER A O    1 
ATOM 780  C CB   . SER A 1 55  ? 2.032   2.862   10.447  1.00 0.26 ? 55  SER A CB   1 
ATOM 781  O OG   . SER A 1 55  ? 0.815   2.970   11.170  1.00 1.04 ? 55  SER A OG   1 
ATOM 782  H H    . SER A 1 55  ? 4.362   0.989   11.611  1.00 0.29 ? 55  SER A H    1 
ATOM 783  H HA   . SER A 1 55  ? 2.032   1.010   11.582  1.00 0.30 ? 55  SER A HA   1 
ATOM 784  H HB2  . SER A 1 55  ? 2.759   3.553   10.835  1.00 0.97 ? 55  SER A HB2  1 
ATOM 785  H HB3  . SER A 1 55  ? 1.860   3.043   9.398   1.00 0.89 ? 55  SER A HB3  1 
ATOM 786  H HG   . SER A 1 55  ? 0.609   2.106   11.534  1.00 1.62 ? 55  SER A HG   1 
ATOM 787  N N    . SER A 1 56  ? 2.941   -0.342  9.137   1.00 0.24 ? 56  SER A N    1 
ATOM 788  C CA   . SER A 1 56  ? 2.651   -1.219  7.993   1.00 0.27 ? 56  SER A CA   1 
ATOM 789  C C    . SER A 1 56  ? 3.685   -2.310  7.901   1.00 0.26 ? 56  SER A C    1 
ATOM 790  O O    . SER A 1 56  ? 4.867   -2.045  7.813   1.00 0.37 ? 56  SER A O    1 
ATOM 791  C CB   . SER A 1 56  ? 2.720   -0.391  6.711   1.00 0.32 ? 56  SER A CB   1 
ATOM 792  O OG   . SER A 1 56  ? 3.750   0.553   6.968   1.00 1.37 ? 56  SER A OG   1 
ATOM 793  H H    . SER A 1 56  ? 3.777   -0.453  9.638   1.00 0.24 ? 56  SER A H    1 
ATOM 794  H HA   . SER A 1 56  ? 1.667   -1.665  8.121   1.00 0.28 ? 56  SER A HA   1 
ATOM 795  H HB2  . SER A 1 56  ? 2.991   -1.010  5.873   1.00 1.09 ? 56  SER A HB2  1 
ATOM 796  H HB3  . SER A 1 56  ? 1.783   0.109   6.525   1.00 1.03 ? 56  SER A HB3  1 
ATOM 797  H HG   . SER A 1 56  ? 4.300   0.613   6.184   1.00 1.92 ? 56  SER A HG   1 
ATOM 798  N N    . THR A 1 57  ? 3.236   -3.516  7.923   1.00 0.20 ? 57  THR A N    1 
ATOM 799  C CA   . THR A 1 57  ? 4.181   -4.626  7.837   1.00 0.21 ? 57  THR A CA   1 
ATOM 800  C C    . THR A 1 57  ? 4.467   -4.948  6.376   1.00 0.22 ? 57  THR A C    1 
ATOM 801  O O    . THR A 1 57  ? 3.946   -5.897  5.824   1.00 0.26 ? 57  THR A O    1 
ATOM 802  C CB   . THR A 1 57  ? 3.550   -5.827  8.522   1.00 0.21 ? 57  THR A CB   1 
ATOM 803  O OG1  . THR A 1 57  ? 2.876   -5.298  9.646   1.00 0.24 ? 57  THR A OG1  1 
ATOM 804  C CG2  . THR A 1 57  ? 4.625   -6.737  9.114   1.00 0.25 ? 57  THR A CG2  1 
ATOM 805  H H    . THR A 1 57  ? 2.276   -3.689  7.991   1.00 0.22 ? 57  THR A H    1 
ATOM 806  H HA   . THR A 1 57  ? 5.110   -4.340  8.329   1.00 0.22 ? 57  THR A HA   1 
ATOM 807  H HB   . THR A 1 57  ? 2.861   -6.343  7.871   1.00 0.19 ? 57  THR A HB   1 
ATOM 808  H HG1  . THR A 1 57  ? 3.130   -5.815  10.415  1.00 0.91 ? 57  THR A HG1  1 
ATOM 809  H HG21 . THR A 1 57  ? 5.320   -7.028  8.342   1.00 0.99 ? 57  THR A HG21 1 
ATOM 810  H HG22 . THR A 1 57  ? 5.157   -6.210  9.893   1.00 1.05 ? 57  THR A HG22 1 
ATOM 811  H HG23 . THR A 1 57  ? 4.165   -7.618  9.531   1.00 0.99 ? 57  THR A HG23 1 
ATOM 812  N N    . VAL A 1 58  ? 5.298   -4.136  5.778   1.00 0.20 ? 58  VAL A N    1 
ATOM 813  C CA   . VAL A 1 58  ? 5.651   -4.344  4.360   1.00 0.22 ? 58  VAL A CA   1 
ATOM 814  C C    . VAL A 1 58  ? 6.502   -5.585  4.157   1.00 0.24 ? 58  VAL A C    1 
ATOM 815  O O    . VAL A 1 58  ? 7.208   -6.017  5.047   1.00 0.29 ? 58  VAL A O    1 
ATOM 816  C CB   . VAL A 1 58  ? 6.450   -3.127  3.904   1.00 0.28 ? 58  VAL A CB   1 
ATOM 817  C CG1  . VAL A 1 58  ? 5.639   -1.863  4.189   1.00 0.36 ? 58  VAL A CG1  1 
ATOM 818  C CG2  . VAL A 1 58  ? 7.762   -3.073  4.686   1.00 0.39 ? 58  VAL A CG2  1 
ATOM 819  H H    . VAL A 1 58  ? 5.690   -3.387  6.271   1.00 0.20 ? 58  VAL A H    1 
ATOM 820  H HA   . VAL A 1 58  ? 4.741   -4.440  3.778   1.00 0.20 ? 58  VAL A HA   1 
ATOM 821  H HB   . VAL A 1 58  ? 6.656   -3.198  2.852   1.00 0.41 ? 58  VAL A HB   1 
ATOM 822  H HG11 . VAL A 1 58  ? 5.098   -1.980  5.118   1.00 1.03 ? 58  VAL A HG11 1 
ATOM 823  H HG12 . VAL A 1 58  ? 6.300   -1.015  4.268   1.00 1.08 ? 58  VAL A HG12 1 
ATOM 824  H HG13 . VAL A 1 58  ? 4.935   -1.694  3.387   1.00 1.02 ? 58  VAL A HG13 1 
ATOM 825  H HG21 . VAL A 1 58  ? 7.552   -3.015  5.745   1.00 1.08 ? 58  VAL A HG21 1 
ATOM 826  H HG22 . VAL A 1 58  ? 8.342   -3.962  4.488   1.00 0.98 ? 58  VAL A HG22 1 
ATOM 827  H HG23 . VAL A 1 58  ? 8.329   -2.204  4.390   1.00 0.97 ? 58  VAL A HG23 1 
ATOM 828  N N    . THR A 1 59  ? 6.414   -6.134  2.977   1.00 0.28 ? 59  THR A N    1 
ATOM 829  C CA   . THR A 1 59  ? 7.198   -7.346  2.667   1.00 0.35 ? 59  THR A CA   1 
ATOM 830  C C    . THR A 1 59  ? 7.461   -7.441  1.168   1.00 0.33 ? 59  THR A C    1 
ATOM 831  O O    . THR A 1 59  ? 6.540   -7.572  0.382   1.00 0.39 ? 59  THR A O    1 
ATOM 832  C CB   . THR A 1 59  ? 6.386   -8.566  3.105   1.00 0.39 ? 59  THR A CB   1 
ATOM 833  O OG1  . THR A 1 59  ? 5.125   -8.417  2.485   1.00 1.54 ? 59  THR A OG1  1 
ATOM 834  C CG2  . THR A 1 59  ? 6.086   -8.509  4.607   1.00 1.27 ? 59  THR A CG2  1 
ATOM 835  H H    . THR A 1 59  ? 5.827   -5.746  2.299   1.00 0.28 ? 59  THR A H    1 
ATOM 836  H HA   . THR A 1 59  ? 8.151   -7.300  3.195   1.00 0.41 ? 59  THR A HA   1 
ATOM 837  H HB   . THR A 1 59  ? 6.859   -9.497  2.803   1.00 0.97 ? 59  THR A HB   1 
ATOM 838  H HG1  . THR A 1 59  ? 4.984   -9.175  1.912   1.00 2.04 ? 59  THR A HG1  1 
ATOM 839  H HG21 . THR A 1 59  ? 7.005   -8.368  5.157   1.00 1.96 ? 59  THR A HG21 1 
ATOM 840  H HG22 . THR A 1 59  ? 5.418   -7.684  4.814   1.00 1.76 ? 59  THR A HG22 1 
ATOM 841  H HG23 . THR A 1 59  ? 5.620   -9.430  4.921   1.00 1.87 ? 59  THR A HG23 1 
ATOM 842  N N    . GLN A 1 60  ? 8.711   -7.362  0.796   1.00 0.33 ? 60  GLN A N    1 
ATOM 843  C CA   . GLN A 1 60  ? 9.046   -7.447  -0.648  1.00 0.34 ? 60  GLN A CA   1 
ATOM 844  C C    . GLN A 1 60  ? 9.341   -8.883  -1.043  1.00 0.34 ? 60  GLN A C    1 
ATOM 845  O O    . GLN A 1 60  ? 10.318  -9.462  -0.611  1.00 0.42 ? 60  GLN A O    1 
ATOM 846  C CB   . GLN A 1 60  ? 10.299  -6.597  -0.912  1.00 0.44 ? 60  GLN A CB   1 
ATOM 847  C CG   . GLN A 1 60  ? 10.817  -6.898  -2.321  1.00 1.04 ? 60  GLN A CG   1 
ATOM 848  C CD   . GLN A 1 60  ? 11.974  -5.952  -2.647  1.00 1.25 ? 60  GLN A CD   1 
ATOM 849  O OE1  . GLN A 1 60  ? 11.973  -5.278  -3.658  1.00 2.00 ? 60  GLN A OE1  1 
ATOM 850  N NE2  . GLN A 1 60  ? 12.981  -5.872  -1.820  1.00 1.59 ? 60  GLN A NE2  1 
ATOM 851  H H    . GLN A 1 60  ? 9.421   -7.250  1.462   1.00 0.38 ? 60  GLN A H    1 
ATOM 852  H HA   . GLN A 1 60  ? 8.200   -7.084  -1.231  1.00 0.34 ? 60  GLN A HA   1 
ATOM 853  H HB2  . GLN A 1 60  ? 10.050  -5.549  -0.834  1.00 0.99 ? 60  GLN A HB2  1 
ATOM 854  H HB3  . GLN A 1 60  ? 11.060  -6.836  -0.186  1.00 1.04 ? 60  GLN A HB3  1 
ATOM 855  H HG2  . GLN A 1 60  ? 11.166  -7.919  -2.371  1.00 1.67 ? 60  GLN A HG2  1 
ATOM 856  H HG3  . GLN A 1 60  ? 10.025  -6.755  -3.041  1.00 1.59 ? 60  GLN A HG3  1 
ATOM 857  H HE21 . GLN A 1 60  ? 12.988  -6.414  -1.003  1.00 2.00 ? 60  GLN A HE21 1 
ATOM 858  H HE22 . GLN A 1 60  ? 13.729  -5.271  -2.016  1.00 1.96 ? 60  GLN A HE22 1 
ATOM 859  N N    . SER A 1 61  ? 8.492   -9.438  -1.859  1.00 0.34 ? 61  SER A N    1 
ATOM 860  C CA   . SER A 1 61  ? 8.707   -10.832 -2.291  1.00 0.43 ? 61  SER A CA   1 
ATOM 861  C C    . SER A 1 61  ? 9.524   -10.884 -3.577  1.00 0.53 ? 61  SER A C    1 
ATOM 862  O O    . SER A 1 61  ? 8.979   -10.976 -4.657  1.00 0.80 ? 61  SER A O    1 
ATOM 863  C CB   . SER A 1 61  ? 7.335   -11.457 -2.545  1.00 0.48 ? 61  SER A CB   1 
ATOM 864  O OG   . SER A 1 61  ? 6.607   -10.434 -3.206  1.00 0.49 ? 61  SER A OG   1 
ATOM 865  H H    . SER A 1 61  ? 7.711   -8.934  -2.183  1.00 0.34 ? 61  SER A H    1 
ATOM 866  H HA   . SER A 1 61  ? 9.239   -11.370 -1.507  1.00 0.43 ? 61  SER A HA   1 
ATOM 867  H HB2  . SER A 1 61  ? 7.420   -12.323 -3.179  1.00 0.58 ? 61  SER A HB2  1 
ATOM 868  H HB3  . SER A 1 61  ? 6.855   -11.712 -1.616  1.00 0.46 ? 61  SER A HB3  1 
ATOM 869  H HG   . SER A 1 61  ? 5.930   -10.118 -2.604  1.00 0.88 ? 61  SER A HG   1 
ATOM 870  N N    . GLY A 1 62  ? 10.824  -10.831 -3.435  1.00 0.90 ? 62  GLY A N    1 
ATOM 871  C CA   . GLY A 1 62  ? 11.696  -10.876 -4.644  1.00 1.01 ? 62  GLY A CA   1 
ATOM 872  C C    . GLY A 1 62  ? 11.632  -9.541  -5.386  1.00 1.09 ? 62  GLY A C    1 
ATOM 873  O O    . GLY A 1 62  ? 12.584  -8.785  -5.395  1.00 2.04 ? 62  GLY A O    1 
ATOM 874  H H    . GLY A 1 62  ? 11.221  -10.762 -2.541  1.00 1.27 ? 62  GLY A H    1 
ATOM 875  H HA2  . GLY A 1 62  ? 12.716  -11.069 -4.343  1.00 1.04 ? 62  GLY A HA2  1 
ATOM 876  H HA3  . GLY A 1 62  ? 11.361  -11.666 -5.299  1.00 1.04 ? 62  GLY A HA3  1 
ATOM 877  N N    . SER A 1 63  ? 10.505  -9.285  -5.995  1.00 0.38 ? 63  SER A N    1 
ATOM 878  C CA   . SER A 1 63  ? 10.339  -8.015  -6.743  1.00 0.32 ? 63  SER A CA   1 
ATOM 879  C C    . SER A 1 63  ? 8.953   -7.441  -6.494  1.00 0.28 ? 63  SER A C    1 
ATOM 880  O O    . SER A 1 63  ? 8.708   -6.266  -6.712  1.00 0.33 ? 63  SER A O    1 
ATOM 881  C CB   . SER A 1 63  ? 10.496  -8.306  -8.242  1.00 0.35 ? 63  SER A CB   1 
ATOM 882  O OG   . SER A 1 63  ? 11.091  -7.128  -8.764  1.00 1.45 ? 63  SER A OG   1 
ATOM 883  H H    . SER A 1 63  ? 9.771   -9.931  -5.958  1.00 0.87 ? 63  SER A H    1 
ATOM 884  H HA   . SER A 1 63  ? 11.085  -7.297  -6.402  1.00 0.35 ? 63  SER A HA   1 
ATOM 885  H HB2  . SER A 1 63  ? 11.146  -9.155  -8.401  1.00 1.02 ? 63  SER A HB2  1 
ATOM 886  H HB3  . SER A 1 63  ? 9.534   -8.476  -8.703  1.00 1.00 ? 63  SER A HB3  1 
ATOM 887  H HG   . SER A 1 63  ? 10.788  -7.018  -9.669  1.00 1.96 ? 63  SER A HG   1 
ATOM 888  N N    . ALA A 1 64  ? 8.064   -8.282  -6.042  1.00 0.25 ? 64  ALA A N    1 
ATOM 889  C CA   . ALA A 1 64  ? 6.694   -7.806  -5.773  1.00 0.22 ? 64  ALA A CA   1 
ATOM 890  C C    . ALA A 1 64  ? 6.603   -7.235  -4.368  1.00 0.20 ? 64  ALA A C    1 
ATOM 891  O O    . ALA A 1 64  ? 7.600   -7.138  -3.678  1.00 0.22 ? 64  ALA A O    1 
ATOM 892  C CB   . ALA A 1 64  ? 5.731   -8.983  -5.893  1.00 0.27 ? 64  ALA A CB   1 
ATOM 893  H H    . ALA A 1 64  ? 8.303   -9.219  -5.883  1.00 0.29 ? 64  ALA A H    1 
ATOM 894  H HA   . ALA A 1 64  ? 6.448   -7.030  -6.492  1.00 0.23 ? 64  ALA A HA   1 
ATOM 895  H HB1  . ALA A 1 64  ? 6.096   -9.809  -5.308  1.00 1.10 ? 64  ALA A HB1  1 
ATOM 896  H HB2  . ALA A 1 64  ? 4.757   -8.692  -5.529  1.00 1.00 ? 64  ALA A HB2  1 
ATOM 897  H HB3  . ALA A 1 64  ? 5.651   -9.283  -6.925  1.00 1.05 ? 64  ALA A HB3  1 
ATOM 898  N N    . VAL A 1 65  ? 5.409   -6.878  -3.954  1.00 0.21 ? 65  VAL A N    1 
ATOM 899  C CA   . VAL A 1 65  ? 5.265   -6.313  -2.591  1.00 0.21 ? 65  VAL A CA   1 
ATOM 900  C C    . VAL A 1 65  ? 3.951   -6.688  -1.918  1.00 0.21 ? 65  VAL A C    1 
ATOM 901  O O    . VAL A 1 65  ? 3.006   -7.115  -2.550  1.00 0.24 ? 65  VAL A O    1 
ATOM 902  C CB   . VAL A 1 65  ? 5.301   -4.798  -2.719  1.00 0.26 ? 65  VAL A CB   1 
ATOM 903  C CG1  . VAL A 1 65  ? 4.855   -4.177  -1.400  1.00 0.27 ? 65  VAL A CG1  1 
ATOM 904  C CG2  . VAL A 1 65  ? 6.721   -4.360  -3.037  1.00 0.35 ? 65  VAL A CG2  1 
ATOM 905  H H    . VAL A 1 65  ? 4.637   -6.964  -4.537  1.00 0.24 ? 65  VAL A H    1 
ATOM 906  H HA   . VAL A 1 65  ? 6.085   -6.662  -1.971  1.00 0.22 ? 65  VAL A HA   1 
ATOM 907  H HB   . VAL A 1 65  ? 4.637   -4.484  -3.512  1.00 0.28 ? 65  VAL A HB   1 
ATOM 908  H HG11 . VAL A 1 65  ? 5.374   -4.650  -0.582  1.00 1.08 ? 65  VAL A HG11 1 
ATOM 909  H HG12 . VAL A 1 65  ? 5.076   -3.122  -1.401  1.00 1.03 ? 65  VAL A HG12 1 
ATOM 910  H HG13 . VAL A 1 65  ? 3.790   -4.318  -1.274  1.00 1.02 ? 65  VAL A HG13 1 
ATOM 911  H HG21 . VAL A 1 65  ? 7.423   -5.049  -2.595  1.00 1.19 ? 65  VAL A HG21 1 
ATOM 912  H HG22 . VAL A 1 65  ? 6.864   -4.344  -4.108  1.00 1.07 ? 65  VAL A HG22 1 
ATOM 913  H HG23 . VAL A 1 65  ? 6.890   -3.377  -2.641  1.00 0.94 ? 65  VAL A HG23 1 
ATOM 914  N N    . THR A 1 66  ? 3.943   -6.507  -0.625  1.00 0.22 ? 66  THR A N    1 
ATOM 915  C CA   . THR A 1 66  ? 2.742   -6.818  0.189   1.00 0.26 ? 66  THR A CA   1 
ATOM 916  C C    . THR A 1 66  ? 2.833   -6.065  1.514   1.00 0.28 ? 66  THR A C    1 
ATOM 917  O O    . THR A 1 66  ? 3.919   -5.863  2.023   1.00 0.41 ? 66  THR A O    1 
ATOM 918  C CB   . THR A 1 66  ? 2.713   -8.324  0.471   1.00 0.31 ? 66  THR A CB   1 
ATOM 919  O OG1  . THR A 1 66  ? 2.250   -8.920  -0.723  1.00 0.39 ? 66  THR A OG1  1 
ATOM 920  C CG2  . THR A 1 66  ? 1.638   -8.664  1.514   1.00 0.44 ? 66  THR A CG2  1 
ATOM 921  H H    . THR A 1 66  ? 4.752   -6.174  -0.184  1.00 0.22 ? 66  THR A H    1 
ATOM 922  H HA   . THR A 1 66  ? 1.848   -6.496  -0.347  1.00 0.26 ? 66  THR A HA   1 
ATOM 923  H HB   . THR A 1 66  ? 3.696   -8.705  0.739   1.00 0.37 ? 66  THR A HB   1 
ATOM 924  H HG1  . THR A 1 66  ? 2.929   -9.522  -1.036  1.00 1.01 ? 66  THR A HG1  1 
ATOM 925  H HG21 . THR A 1 66  ? 1.041   -7.788  1.721   1.00 1.03 ? 66  THR A HG21 1 
ATOM 926  H HG22 . THR A 1 66  ? 0.997   -9.448  1.136   1.00 1.06 ? 66  THR A HG22 1 
ATOM 927  H HG23 . THR A 1 66  ? 2.107   -8.999  2.427   1.00 1.22 ? 66  THR A HG23 1 
ATOM 928  N N    . VAL A 1 67  ? 1.704   -5.651  2.050   1.00 0.26 ? 67  VAL A N    1 
ATOM 929  C CA   . VAL A 1 67  ? 1.753   -4.907  3.345   1.00 0.27 ? 67  VAL A CA   1 
ATOM 930  C C    . VAL A 1 67  ? 0.660   -5.303  4.268   1.00 0.33 ? 67  VAL A C    1 
ATOM 931  O O    . VAL A 1 67  ? -0.494  -5.098  3.990   1.00 0.63 ? 67  VAL A O    1 
ATOM 932  C CB   . VAL A 1 67  ? 1.618   -3.409  3.074   1.00 0.27 ? 67  VAL A CB   1 
ATOM 933  C CG1  . VAL A 1 67  ? 2.062   -2.638  4.311   1.00 0.28 ? 67  VAL A CG1  1 
ATOM 934  C CG2  . VAL A 1 67  ? 2.520   -3.040  1.911   1.00 0.28 ? 67  VAL A CG2  1 
ATOM 935  H H    . VAL A 1 67  ? 0.847   -5.833  1.612   1.00 0.32 ? 67  VAL A H    1 
ATOM 936  H HA   . VAL A 1 67  ? 2.687   -5.119  3.833   1.00 0.26 ? 67  VAL A HA   1 
ATOM 937  H HB   . VAL A 1 67  ? 0.584   -3.161  2.847   1.00 0.28 ? 67  VAL A HB   1 
ATOM 938  H HG11 . VAL A 1 67  ? 1.742   -3.159  5.201   1.00 1.05 ? 67  VAL A HG11 1 
ATOM 939  H HG12 . VAL A 1 67  ? 3.137   -2.550  4.318   1.00 1.01 ? 67  VAL A HG12 1 
ATOM 940  H HG13 . VAL A 1 67  ? 1.623   -1.652  4.299   1.00 1.03 ? 67  VAL A HG13 1 
ATOM 941  H HG21 . VAL A 1 67  ? 2.337   -3.708  1.085   1.00 0.98 ? 67  VAL A HG21 1 
ATOM 942  H HG22 . VAL A 1 67  ? 2.320   -2.028  1.603   1.00 1.05 ? 67  VAL A HG22 1 
ATOM 943  H HG23 . VAL A 1 67  ? 3.553   -3.126  2.215   1.00 1.00 ? 67  VAL A HG23 1 
ATOM 944  N N    . ARG A 1 68  ? 1.057   -5.840  5.372   1.00 0.21 ? 68  ARG A N    1 
ATOM 945  C CA   . ARG A 1 68  ? 0.071   -6.275  6.375   1.00 0.21 ? 68  ARG A CA   1 
ATOM 946  C C    . ARG A 1 68  ? -0.028  -5.204  7.449   1.00 0.19 ? 68  ARG A C    1 
ATOM 947  O O    . ARG A 1 68  ? 0.725   -5.195  8.404   1.00 0.20 ? 68  ARG A O    1 
ATOM 948  C CB   . ARG A 1 68  ? 0.537   -7.615  6.996   1.00 0.24 ? 68  ARG A CB   1 
ATOM 949  C CG   . ARG A 1 68  ? 1.508   -8.311  6.036   1.00 0.28 ? 68  ARG A CG   1 
ATOM 950  C CD   . ARG A 1 68  ? 1.357   -9.827  6.180   1.00 0.33 ? 68  ARG A CD   1 
ATOM 951  N NE   . ARG A 1 68  ? 1.772   -10.229 7.554   1.00 0.69 ? 68  ARG A NE   1 
ATOM 952  C CZ   . ARG A 1 68  ? 1.588   -11.462 7.945   1.00 1.20 ? 68  ARG A CZ   1 
ATOM 953  N NH1  . ARG A 1 68  ? 1.899   -12.435 7.132   1.00 1.75 ? 68  ARG A NH1  1 
ATOM 954  N NH2  . ARG A 1 68  ? 1.098   -11.681 9.135   1.00 2.07 ? 68  ARG A NH2  1 
ATOM 955  H H    . ARG A 1 68  ? 2.016   -5.939  5.545   1.00 0.35 ? 68  ARG A H    1 
ATOM 956  H HA   . ARG A 1 68  ? -0.895  -6.385  5.895   1.00 0.21 ? 68  ARG A HA   1 
ATOM 957  H HB2  . ARG A 1 68  ? 1.025   -7.436  7.937   1.00 0.25 ? 68  ARG A HB2  1 
ATOM 958  H HB3  . ARG A 1 68  ? -0.318  -8.248  7.163   1.00 0.26 ? 68  ARG A HB3  1 
ATOM 959  H HG2  . ARG A 1 68  ? 1.285   -8.024  5.020   1.00 0.29 ? 68  ARG A HG2  1 
ATOM 960  H HG3  . ARG A 1 68  ? 2.522   -8.023  6.272   1.00 0.31 ? 68  ARG A HG3  1 
ATOM 961  H HD2  . ARG A 1 68  ? 0.328   -10.109 6.019   1.00 0.58 ? 68  ARG A HD2  1 
ATOM 962  H HD3  . ARG A 1 68  ? 1.983   -10.326 5.456   1.00 0.54 ? 68  ARG A HD3  1 
ATOM 963  H HE   . ARG A 1 68  ? 2.181   -9.576  8.158   1.00 1.06 ? 68  ARG A HE   1 
ATOM 964  H HH11 . ARG A 1 68  ? 2.273   -12.231 6.228   1.00 2.14 ? 68  ARG A HH11 1 
ATOM 965  H HH12 . ARG A 1 68  ? 1.764   -13.384 7.414   1.00 2.24 ? 68  ARG A HH12 1 
ATOM 966  H HH21 . ARG A 1 68  ? 0.871   -10.911 9.731   1.00 2.50 ? 68  ARG A HH21 1 
ATOM 967  H HH22 . ARG A 1 68  ? 0.950   -12.619 9.451   1.00 2.62 ? 68  ARG A HH22 1 
ATOM 968  N N    . ASN A 1 69  ? -0.950  -4.303  7.269   1.00 0.17 ? 69  ASN A N    1 
ATOM 969  C CA   . ASN A 1 69  ? -1.105  -3.235  8.259   1.00 0.16 ? 69  ASN A CA   1 
ATOM 970  C C    . ASN A 1 69  ? -1.731  -3.752  9.535   1.00 0.17 ? 69  ASN A C    1 
ATOM 971  O O    . ASN A 1 69  ? -2.830  -4.306  9.531   1.00 0.18 ? 69  ASN A O    1 
ATOM 972  C CB   . ASN A 1 69  ? -1.994  -2.147  7.664   1.00 0.16 ? 69  ASN A CB   1 
ATOM 973  C CG   . ASN A 1 69  ? -3.415  -2.649  7.626   1.00 0.24 ? 69  ASN A CG   1 
ATOM 974  O OD1  . ASN A 1 69  ? -3.677  -3.727  7.170   1.00 1.14 ? 69  ASN A OD1  1 
ATOM 975  N ND2  . ASN A 1 69  ? -4.360  -1.907  8.107   1.00 1.07 ? 69  ASN A ND2  1 
ATOM 976  H H    . ASN A 1 69  ? -1.547  -4.349  6.494   1.00 0.17 ? 69  ASN A H    1 
ATOM 977  H HA   . ASN A 1 69  ? -0.124  -2.836  8.495   1.00 0.17 ? 69  ASN A HA   1 
ATOM 978  H HB2  . ASN A 1 69  ? -1.944  -1.263  8.269   1.00 0.24 ? 69  ASN A HB2  1 
ATOM 979  H HB3  . ASN A 1 69  ? -1.668  -1.915  6.661   1.00 0.17 ? 69  ASN A HB3  1 
ATOM 980  H HD21 . ASN A 1 69  ? -4.148  -1.031  8.489   1.00 1.89 ? 69  ASN A HD21 1 
ATOM 981  H HD22 . ASN A 1 69  ? -5.286  -2.224  8.093   1.00 1.08 ? 69  ASN A HD22 1 
ATOM 982  N N    . ALA A 1 70  ? -1.000  -3.578  10.600  1.00 0.18 ? 70  ALA A N    1 
ATOM 983  C CA   . ALA A 1 70  ? -1.477  -4.031  11.925  1.00 0.20 ? 70  ALA A CA   1 
ATOM 984  C C    . ALA A 1 70  ? -2.944  -3.638  12.162  1.00 0.19 ? 70  ALA A C    1 
ATOM 985  O O    . ALA A 1 70  ? -3.495  -2.816  11.459  1.00 0.16 ? 70  ALA A O    1 
ATOM 986  C CB   . ALA A 1 70  ? -0.615  -3.344  12.984  1.00 0.23 ? 70  ALA A CB   1 
ATOM 987  H H    . ALA A 1 70  ? -0.112  -3.159  10.516  1.00 0.18 ? 70  ALA A H    1 
ATOM 988  H HA   . ALA A 1 70  ? -1.375  -5.100  11.980  1.00 0.24 ? 70  ALA A HA   1 
ATOM 989  H HB1  . ALA A 1 70  ? 0.189   -2.804  12.505  1.00 1.02 ? 70  ALA A HB1  1 
ATOM 990  H HB2  . ALA A 1 70  ? -1.221  -2.654  13.544  1.00 1.02 ? 70  ALA A HB2  1 
ATOM 991  H HB3  . ALA A 1 70  ? -0.196  -4.081  13.653  1.00 1.07 ? 70  ALA A HB3  1 
ATOM 992  N N    . PRO A 1 71  ? -3.546  -4.251  13.172  1.00 0.26 ? 71  PRO A N    1 
ATOM 993  C CA   . PRO A 1 71  ? -4.942  -3.982  13.522  1.00 0.30 ? 71  PRO A CA   1 
ATOM 994  C C    . PRO A 1 71  ? -5.147  -2.566  14.069  1.00 0.31 ? 71  PRO A C    1 
ATOM 995  O O    . PRO A 1 71  ? -6.139  -1.929  13.781  1.00 0.32 ? 71  PRO A O    1 
ATOM 996  C CB   . PRO A 1 71  ? -5.273  -4.997  14.636  1.00 0.37 ? 71  PRO A CB   1 
ATOM 997  C CG   . PRO A 1 71  ? -3.947  -5.727  15.007  1.00 0.40 ? 71  PRO A CG   1 
ATOM 998  C CD   . PRO A 1 71  ? -2.879  -5.269  14.002  1.00 0.34 ? 71  PRO A CD   1 
ATOM 999  H HA   . PRO A 1 71  ? -5.572  -4.136  12.658  1.00 0.29 ? 71  PRO A HA   1 
ATOM 1000 H HB2  . PRO A 1 71  ? -5.664  -4.481  15.501  1.00 0.39 ? 71  PRO A HB2  1 
ATOM 1001 H HB3  . PRO A 1 71  ? -6.001  -5.711  14.280  1.00 0.41 ? 71  PRO A HB3  1 
ATOM 1002 H HG2  . PRO A 1 71  ? -3.647  -5.462  16.011  1.00 0.43 ? 71  PRO A HG2  1 
ATOM 1003 H HG3  . PRO A 1 71  ? -4.083  -6.796  14.940  1.00 0.45 ? 71  PRO A HG3  1 
ATOM 1004 H HD2  . PRO A 1 71  ? -2.036  -4.838  14.517  1.00 0.36 ? 71  PRO A HD2  1 
ATOM 1005 H HD3  . PRO A 1 71  ? -2.564  -6.101  13.395  1.00 0.36 ? 71  PRO A HD3  1 
ATOM 1006 N N    . TRP A 1 72  ? -4.205  -2.097  14.846  1.00 0.32 ? 72  TRP A N    1 
ATOM 1007 C CA   . TRP A 1 72  ? -4.350  -0.727  15.411  1.00 0.37 ? 72  TRP A CA   1 
ATOM 1008 C C    . TRP A 1 72  ? -4.218  0.332   14.327  1.00 0.34 ? 72  TRP A C    1 
ATOM 1009 O O    . TRP A 1 72  ? -5.073  1.183   14.186  1.00 0.37 ? 72  TRP A O    1 
ATOM 1010 C CB   . TRP A 1 72  ? -3.252  -0.504  16.470  1.00 0.42 ? 72  TRP A CB   1 
ATOM 1011 C CG   . TRP A 1 72  ? -2.028  -1.369  16.142  1.00 0.37 ? 72  TRP A CG   1 
ATOM 1012 C CD1  . TRP A 1 72  ? -1.962  -2.673  16.366  1.00 0.36 ? 72  TRP A CD1  1 
ATOM 1013 C CD2  . TRP A 1 72  ? -0.905  -0.919  15.621  1.00 0.38 ? 72  TRP A CD2  1 
ATOM 1014 N NE1  . TRP A 1 72  ? -0.727  -3.007  15.953  1.00 0.36 ? 72  TRP A NE1  1 
ATOM 1015 C CE2  . TRP A 1 72  ? 0.012   -1.946  15.463  1.00 0.38 ? 72  TRP A CE2  1 
ATOM 1016 C CE3  . TRP A 1 72  ? -0.559  0.367   15.233  1.00 0.46 ? 72  TRP A CE3  1 
ATOM 1017 C CZ2  . TRP A 1 72  ? 1.253   -1.693  14.923  1.00 0.44 ? 72  TRP A CZ2  1 
ATOM 1018 C CZ3  . TRP A 1 72  ? 0.688   0.615   14.694  1.00 0.52 ? 72  TRP A CZ3  1 
ATOM 1019 C CH2  . TRP A 1 72  ? 1.593   -0.415  14.539  1.00 0.51 ? 72  TRP A CH2  1 
ATOM 1020 H H    . TRP A 1 72  ? -3.414  -2.635  15.044  1.00 0.32 ? 72  TRP A H    1 
ATOM 1021 H HA   . TRP A 1 72  ? -5.339  -0.641  15.863  1.00 0.41 ? 72  TRP A HA   1 
ATOM 1022 H HB2  . TRP A 1 72  ? -2.967  0.532   16.485  1.00 0.47 ? 72  TRP A HB2  1 
ATOM 1023 H HB3  . TRP A 1 72  ? -3.629  -0.781  17.443  1.00 0.48 ? 72  TRP A HB3  1 
ATOM 1024 H HD1  . TRP A 1 72  ? -2.722  -3.317  16.783  1.00 0.39 ? 72  TRP A HD1  1 
ATOM 1025 H HE1  . TRP A 1 72  ? -0.380  -3.922  15.994  1.00 0.39 ? 72  TRP A HE1  1 
ATOM 1026 H HE3  . TRP A 1 72  ? -1.262  1.175   15.347  1.00 0.50 ? 72  TRP A HE3  1 
ATOM 1027 H HZ2  . TRP A 1 72  ? 1.955   -2.502  14.788  1.00 0.48 ? 72  TRP A HZ2  1 
ATOM 1028 H HZ3  . TRP A 1 72  ? 0.955   1.617   14.392  1.00 0.60 ? 72  TRP A HZ3  1 
ATOM 1029 H HH2  . TRP A 1 72  ? 2.567   -0.218  14.118  1.00 0.58 ? 72  TRP A HH2  1 
ATOM 1030 N N    . ASN A 1 73  ? -3.155  0.270   13.582  1.00 0.32 ? 73  ASN A N    1 
ATOM 1031 C CA   . ASN A 1 73  ? -2.970  1.271   12.511  1.00 0.34 ? 73  ASN A CA   1 
ATOM 1032 C C    . ASN A 1 73  ? -3.822  0.907   11.312  1.00 0.31 ? 73  ASN A C    1 
ATOM 1033 O O    . ASN A 1 73  ? -3.617  1.403   10.221  1.00 0.46 ? 73  ASN A O    1 
ATOM 1034 C CB   . ASN A 1 73  ? -1.494  1.272   12.092  1.00 0.35 ? 73  ASN A CB   1 
ATOM 1035 C CG   . ASN A 1 73  ? -0.985  -0.166  12.020  1.00 0.57 ? 73  ASN A CG   1 
ATOM 1036 O OD1  . ASN A 1 73  ? 0.143   -0.452  12.367  1.00 1.42 ? 73  ASN A OD1  1 
ATOM 1037 N ND2  . ASN A 1 73  ? -1.782  -1.099  11.576  1.00 0.96 ? 73  ASN A ND2  1 
ATOM 1038 H H    . ASN A 1 73  ? -2.489  -0.433  13.722  1.00 0.31 ? 73  ASN A H    1 
ATOM 1039 H HA   . ASN A 1 73  ? -3.273  2.250   12.879  1.00 0.38 ? 73  ASN A HA   1 
ATOM 1040 H HB2  . ASN A 1 73  ? -1.393  1.732   11.126  1.00 0.56 ? 73  ASN A HB2  1 
ATOM 1041 H HB3  . ASN A 1 73  ? -0.910  1.824   12.813  1.00 0.54 ? 73  ASN A HB3  1 
ATOM 1042 H HD21 . ASN A 1 73  ? -2.692  -0.872  11.293  1.00 1.60 ? 73  ASN A HD21 1 
ATOM 1043 H HD22 . ASN A 1 73  ? -1.471  -2.026  11.525  1.00 1.10 ? 73  ASN A HD22 1 
ATOM 1044 N N    . GLY A 1 74  ? -4.771  0.042   11.540  1.00 0.25 ? 74  GLY A N    1 
ATOM 1045 C CA   . GLY A 1 74  ? -5.662  -0.379  10.429  1.00 0.24 ? 74  GLY A CA   1 
ATOM 1046 C C    . GLY A 1 74  ? -7.082  -0.614  10.937  1.00 0.24 ? 74  GLY A C    1 
ATOM 1047 O O    . GLY A 1 74  ? -7.762  -1.501  10.469  1.00 0.40 ? 74  GLY A O    1 
ATOM 1048 H H    . GLY A 1 74  ? -4.892  -0.331  12.440  1.00 0.33 ? 74  GLY A H    1 
ATOM 1049 H HA2  . GLY A 1 74  ? -5.674  0.386   9.669   1.00 0.27 ? 74  GLY A HA2  1 
ATOM 1050 H HA3  . GLY A 1 74  ? -5.286  -1.294  10.009  1.00 0.27 ? 74  GLY A HA3  1 
ATOM 1051 N N    . SER A 1 75  ? -7.497  0.187   11.887  1.00 0.23 ? 75  SER A N    1 
ATOM 1052 C CA   . SER A 1 75  ? -8.866  0.030   12.439  1.00 0.26 ? 75  SER A CA   1 
ATOM 1053 C C    . SER A 1 75  ? -9.793  1.117   11.910  1.00 0.30 ? 75  SER A C    1 
ATOM 1054 O O    . SER A 1 75  ? -10.354 1.879   12.673  1.00 0.44 ? 75  SER A O    1 
ATOM 1055 C CB   . SER A 1 75  ? -8.785  0.149   13.965  1.00 0.33 ? 75  SER A CB   1 
ATOM 1056 O OG   . SER A 1 75  ? -8.351  -1.133  14.390  1.00 1.40 ? 75  SER A OG   1 
ATOM 1057 H H    . SER A 1 75  ? -6.910  0.883   12.231  1.00 0.34 ? 75  SER A H    1 
ATOM 1058 H HA   . SER A 1 75  ? -9.256  -0.936  12.150  1.00 0.26 ? 75  SER A HA   1 
ATOM 1059 H HB2  . SER A 1 75  ? -8.066  0.901   14.252  1.00 0.91 ? 75  SER A HB2  1 
ATOM 1060 H HB3  . SER A 1 75  ? -9.755  0.371   14.384  1.00 1.00 ? 75  SER A HB3  1 
ATOM 1061 H HG   . SER A 1 75  ? -8.281  -1.122  15.347  1.00 1.92 ? 75  SER A HG   1 
ATOM 1062 N N    . ILE A 1 76  ? -9.936  1.162   10.604  1.00 0.28 ? 76  ILE A N    1 
ATOM 1063 C CA   . ILE A 1 76  ? -10.820 2.187   9.989   1.00 0.34 ? 76  ILE A CA   1 
ATOM 1064 C C    . ILE A 1 76  ? -12.132 1.559   9.445   1.00 0.33 ? 76  ILE A C    1 
ATOM 1065 O O    . ILE A 1 76  ? -12.112 0.506   8.843   1.00 0.35 ? 76  ILE A O    1 
ATOM 1066 C CB   . ILE A 1 76  ? -10.037 2.859   8.832   1.00 0.37 ? 76  ILE A CB   1 
ATOM 1067 C CG1  . ILE A 1 76  ? -10.979 3.271   7.679   1.00 0.46 ? 76  ILE A CG1  1 
ATOM 1068 C CG2  . ILE A 1 76  ? -8.946  1.898   8.305   1.00 0.34 ? 76  ILE A CG2  1 
ATOM 1069 C CD1  . ILE A 1 76  ? -11.102 2.137   6.622   1.00 0.44 ? 76  ILE A CD1  1 
ATOM 1070 H H    . ILE A 1 76  ? -9.462  0.522   10.040  1.00 0.29 ? 76  ILE A H    1 
ATOM 1071 H HA   . ILE A 1 76  ? -11.058 2.918   10.742  1.00 0.41 ? 76  ILE A HA   1 
ATOM 1072 H HB   . ILE A 1 76  ? -9.573  3.766   9.229   1.00 0.42 ? 76  ILE A HB   1 
ATOM 1073 H HG12 . ILE A 1 76  ? -11.955 3.509   8.071   1.00 0.49 ? 76  ILE A HG12 1 
ATOM 1074 H HG13 . ILE A 1 76  ? -10.579 4.145   7.205   1.00 0.61 ? 76  ILE A HG13 1 
ATOM 1075 H HG21 . ILE A 1 76  ? -9.254  0.881   8.446   1.00 0.97 ? 76  ILE A HG21 1 
ATOM 1076 H HG22 . ILE A 1 76  ? -8.774  2.080   7.254   1.00 1.07 ? 76  ILE A HG22 1 
ATOM 1077 H HG23 . ILE A 1 76  ? -8.027  2.068   8.845   1.00 1.00 ? 76  ILE A HG23 1 
ATOM 1078 H HD11 . ILE A 1 76  ? -10.871 1.190   7.056   1.00 1.14 ? 76  ILE A HD11 1 
ATOM 1079 H HD12 . ILE A 1 76  ? -12.104 2.106   6.239   1.00 1.12 ? 76  ILE A HD12 1 
ATOM 1080 H HD13 . ILE A 1 76  ? -10.423 2.325   5.806   1.00 1.03 ? 76  ILE A HD13 1 
ATOM 1081 N N    . PRO A 1 77  ? -13.273 2.212   9.721   1.00 0.40 ? 77  PRO A N    1 
ATOM 1082 C CA   . PRO A 1 77  ? -14.567 1.714   9.254   1.00 0.43 ? 77  PRO A CA   1 
ATOM 1083 C C    . PRO A 1 77  ? -14.681 1.851   7.738   1.00 0.38 ? 77  PRO A C    1 
ATOM 1084 O O    . PRO A 1 77  ? -14.094 2.735   7.161   1.00 0.51 ? 77  PRO A O    1 
ATOM 1085 C CB   . PRO A 1 77  ? -15.612 2.632   9.921   1.00 0.57 ? 77  PRO A CB   1 
ATOM 1086 C CG   . PRO A 1 77  ? -14.833 3.787   10.616  1.00 0.64 ? 77  PRO A CG   1 
ATOM 1087 C CD   . PRO A 1 77  ? -13.340 3.433   10.545  1.00 0.51 ? 77  PRO A CD   1 
ATOM 1088 H HA   . PRO A 1 77  ? -14.699 0.677   9.550   1.00 0.46 ? 77  PRO A HA   1 
ATOM 1089 H HB2  . PRO A 1 77  ? -16.281 3.034   9.176   1.00 0.59 ? 77  PRO A HB2  1 
ATOM 1090 H HB3  . PRO A 1 77  ? -16.179 2.076   10.653  1.00 0.65 ? 77  PRO A HB3  1 
ATOM 1091 H HG2  . PRO A 1 77  ? -15.017 4.720   10.102  1.00 0.70 ? 77  PRO A HG2  1 
ATOM 1092 H HG3  . PRO A 1 77  ? -15.144 3.875   11.648  1.00 0.76 ? 77  PRO A HG3  1 
ATOM 1093 H HD2  . PRO A 1 77  ? -12.778 4.231   10.082  1.00 0.52 ? 77  PRO A HD2  1 
ATOM 1094 H HD3  . PRO A 1 77  ? -12.964 3.235   11.539  1.00 0.54 ? 77  PRO A HD3  1 
ATOM 1095 N N    . ALA A 1 78  ? -15.440 0.974   7.131   1.00 0.41 ? 78  ALA A N    1 
ATOM 1096 C CA   . ALA A 1 78  ? -15.613 1.027   5.652   1.00 0.44 ? 78  ALA A CA   1 
ATOM 1097 C C    . ALA A 1 78  ? -15.677 2.449   5.100   1.00 0.36 ? 78  ALA A C    1 
ATOM 1098 O O    . ALA A 1 78  ? -15.467 2.650   3.932   1.00 0.68 ? 78  ALA A O    1 
ATOM 1099 C CB   . ALA A 1 78  ? -16.924 0.342   5.312   1.00 0.67 ? 78  ALA A CB   1 
ATOM 1100 H H    . ALA A 1 78  ? -15.883 0.264   7.645   1.00 0.54 ? 78  ALA A H    1 
ATOM 1101 H HA   . ALA A 1 78  ? -14.781 0.506   5.182   1.00 0.58 ? 78  ALA A HA   1 
ATOM 1102 H HB1  . ALA A 1 78  ? -17.123 -0.441  6.026   1.00 1.22 ? 78  ALA A HB1  1 
ATOM 1103 H HB2  . ALA A 1 78  ? -17.729 1.061   5.340   1.00 1.28 ? 78  ALA A HB2  1 
ATOM 1104 H HB3  . ALA A 1 78  ? -16.859 -0.076  4.327   1.00 1.18 ? 78  ALA A HB3  1 
ATOM 1105 N N    . GLY A 1 79  ? -15.978 3.400   5.942   1.00 0.40 ? 79  GLY A N    1 
ATOM 1106 C CA   . GLY A 1 79  ? -16.058 4.815   5.467   1.00 0.40 ? 79  GLY A CA   1 
ATOM 1107 C C    . GLY A 1 79  ? -14.947 5.629   6.106   1.00 0.36 ? 79  GLY A C    1 
ATOM 1108 O O    . GLY A 1 79  ? -15.198 6.500   6.915   1.00 0.43 ? 79  GLY A O    1 
ATOM 1109 H H    . GLY A 1 79  ? -16.123 3.193   6.878   1.00 0.66 ? 79  GLY A H    1 
ATOM 1110 H HA2  . GLY A 1 79  ? -15.955 4.852   4.395   1.00 0.45 ? 79  GLY A HA2  1 
ATOM 1111 H HA3  . GLY A 1 79  ? -17.013 5.234   5.748   1.00 0.55 ? 79  GLY A HA3  1 
ATOM 1112 N N    . GLY A 1 80  ? -13.733 5.334   5.731   1.00 0.30 ? 80  GLY A N    1 
ATOM 1113 C CA   . GLY A 1 80  ? -12.595 6.097   6.325   1.00 0.31 ? 80  GLY A CA   1 
ATOM 1114 C C    . GLY A 1 80  ? -11.291 5.796   5.595   1.00 0.28 ? 80  GLY A C    1 
ATOM 1115 O O    . GLY A 1 80  ? -11.297 5.271   4.500   1.00 0.29 ? 80  GLY A O    1 
ATOM 1116 H H    . GLY A 1 80  ? -13.573 4.620   5.062   1.00 0.32 ? 80  GLY A H    1 
ATOM 1117 H HA2  . GLY A 1 80  ? -12.803 7.155   6.254   1.00 0.34 ? 80  GLY A HA2  1 
ATOM 1118 H HA3  . GLY A 1 80  ? -12.490 5.827   7.364   1.00 0.34 ? 80  GLY A HA3  1 
ATOM 1119 N N    . THR A 1 81  ? -10.187 6.126   6.235   1.00 0.27 ? 81  THR A N    1 
ATOM 1120 C CA   . THR A 1 81  ? -8.867  5.872   5.603   1.00 0.25 ? 81  THR A CA   1 
ATOM 1121 C C    . THR A 1 81  ? -7.831  5.394   6.609   1.00 0.25 ? 81  THR A C    1 
ATOM 1122 O O    . THR A 1 81  ? -8.031  5.454   7.805   1.00 0.28 ? 81  THR A O    1 
ATOM 1123 C CB   . THR A 1 81  ? -8.351  7.194   5.032   1.00 0.30 ? 81  THR A CB   1 
ATOM 1124 O OG1  . THR A 1 81  ? -8.769  8.183   5.950   1.00 0.34 ? 81  THR A OG1  1 
ATOM 1125 C CG2  . THR A 1 81  ? -9.061  7.556   3.733   1.00 0.35 ? 81  THR A CG2  1 
ATOM 1126 H H    . THR A 1 81  ? -10.238 6.537   7.124   1.00 0.29 ? 81  THR A H    1 
ATOM 1127 H HA   . THR A 1 81  ? -8.975  5.126   4.821   1.00 0.24 ? 81  THR A HA   1 
ATOM 1128 H HB   . THR A 1 81  ? -7.266  7.191   4.936   1.00 0.33 ? 81  THR A HB   1 
ATOM 1129 H HG1  . THR A 1 81  ? -8.062  8.320   6.584   1.00 0.95 ? 81  THR A HG1  1 
ATOM 1130 H HG21 . THR A 1 81  ? -9.972  7.000   3.655   1.00 1.10 ? 81  THR A HG21 1 
ATOM 1131 H HG22 . THR A 1 81  ? -9.288  8.613   3.724   1.00 1.05 ? 81  THR A HG22 1 
ATOM 1132 H HG23 . THR A 1 81  ? -8.426  7.322   2.891   1.00 1.08 ? 81  THR A HG23 1 
ATOM 1133 N N    . ALA A 1 82  ? -6.735  4.927   6.077   1.00 0.25 ? 82  ALA A N    1 
ATOM 1134 C CA   . ALA A 1 82  ? -5.630  4.430   6.926   1.00 0.27 ? 82  ALA A CA   1 
ATOM 1135 C C    . ALA A 1 82  ? -4.348  5.068   6.429   1.00 0.36 ? 82  ALA A C    1 
ATOM 1136 O O    . ALA A 1 82  ? -4.382  5.829   5.484   1.00 0.84 ? 82  ALA A O    1 
ATOM 1137 C CB   . ALA A 1 82  ? -5.532  2.902   6.784   1.00 0.27 ? 82  ALA A CB   1 
ATOM 1138 H H    . ALA A 1 82  ? -6.643  4.900   5.100   1.00 0.27 ? 82  ALA A H    1 
ATOM 1139 H HA   . ALA A 1 82  ? -5.805  4.726   7.962   1.00 0.30 ? 82  ALA A HA   1 
ATOM 1140 H HB1  . ALA A 1 82  ? -6.523  2.471   6.785   1.00 1.04 ? 82  ALA A HB1  1 
ATOM 1141 H HB2  . ALA A 1 82  ? -5.036  2.653   5.859   1.00 1.01 ? 82  ALA A HB2  1 
ATOM 1142 H HB3  . ALA A 1 82  ? -4.967  2.496   7.611   1.00 1.04 ? 82  ALA A HB3  1 
ATOM 1143 N N    . GLN A 1 83  ? -3.239  4.773   7.037   1.00 0.28 ? 83  GLN A N    1 
ATOM 1144 C CA   . GLN A 1 83  ? -2.003  5.412   6.532   1.00 0.24 ? 83  GLN A CA   1 
ATOM 1145 C C    . GLN A 1 83  ? -0.740  4.790   7.089   1.00 0.23 ? 83  GLN A C    1 
ATOM 1146 O O    . GLN A 1 83  ? -0.668  4.428   8.247   1.00 0.29 ? 83  GLN A O    1 
ATOM 1147 C CB   . GLN A 1 83  ? -2.042  6.898   6.937   1.00 0.34 ? 83  GLN A CB   1 
ATOM 1148 C CG   . GLN A 1 83  ? -0.804  7.617   6.385   1.00 0.92 ? 83  GLN A CG   1 
ATOM 1149 C CD   . GLN A 1 83  ? -0.186  8.479   7.488   1.00 1.59 ? 83  GLN A CD   1 
ATOM 1150 O OE1  . GLN A 1 83  ? 0.505   7.990   8.360   1.00 2.15 ? 83  GLN A OE1  1 
ATOM 1151 N NE2  . GLN A 1 83  ? -0.409  9.765   7.488   1.00 2.23 ? 83  GLN A NE2  1 
ATOM 1152 H H    . GLN A 1 83  ? -3.221  4.154   7.797   1.00 0.64 ? 83  GLN A H    1 
ATOM 1153 H HA   . GLN A 1 83  ? -1.986  5.314   5.456   1.00 0.24 ? 83  GLN A HA   1 
ATOM 1154 H HB2  . GLN A 1 83  ? -2.933  7.359   6.540   1.00 0.81 ? 83  GLN A HB2  1 
ATOM 1155 H HB3  . GLN A 1 83  ? -2.054  6.978   8.015   1.00 0.93 ? 83  GLN A HB3  1 
ATOM 1156 H HG2  . GLN A 1 83  ? -0.080  6.896   6.051   1.00 1.30 ? 83  GLN A HG2  1 
ATOM 1157 H HG3  . GLN A 1 83  ? -1.088  8.248   5.556   1.00 1.38 ? 83  GLN A HG3  1 
ATOM 1158 H HE21 . GLN A 1 83  ? -0.965  10.166  6.788   1.00 2.48 ? 83  GLN A HE21 1 
ATOM 1159 H HE22 . GLN A 1 83  ? -0.020  10.330  8.187   1.00 2.77 ? 83  GLN A HE22 1 
ATOM 1160 N N    . PHE A 1 84  ? 0.240   4.681   6.232   1.00 0.20 ? 84  PHE A N    1 
ATOM 1161 C CA   . PHE A 1 84  ? 1.528   4.096   6.654   1.00 0.23 ? 84  PHE A CA   1 
ATOM 1162 C C    . PHE A 1 84  ? 2.645   4.637   5.785   1.00 0.25 ? 84  PHE A C    1 
ATOM 1163 O O    . PHE A 1 84  ? 2.391   5.325   4.816   1.00 0.30 ? 84  PHE A O    1 
ATOM 1164 C CB   . PHE A 1 84  ? 1.455   2.571   6.519   1.00 0.27 ? 84  PHE A CB   1 
ATOM 1165 C CG   . PHE A 1 84  ? 1.715   2.146   5.061   1.00 0.25 ? 84  PHE A CG   1 
ATOM 1166 C CD1  . PHE A 1 84  ? 3.006   1.901   4.612   1.00 1.17 ? 84  PHE A CD1  1 
ATOM 1167 C CD2  . PHE A 1 84  ? 0.657   1.962   4.182   1.00 1.24 ? 84  PHE A CD2  1 
ATOM 1168 C CE1  . PHE A 1 84  ? 3.227   1.477   3.313   1.00 1.17 ? 84  PHE A CE1  1 
ATOM 1169 C CE2  . PHE A 1 84  ? 0.887   1.539   2.885   1.00 1.23 ? 84  PHE A CE2  1 
ATOM 1170 C CZ   . PHE A 1 84  ? 2.170   1.299   2.453   1.00 0.27 ? 84  PHE A CZ   1 
ATOM 1171 H H    . PHE A 1 84  ? 0.118   4.987   5.299   1.00 0.22 ? 84  PHE A H    1 
ATOM 1172 H HA   . PHE A 1 84  ? 1.720   4.385   7.687   1.00 0.25 ? 84  PHE A HA   1 
ATOM 1173 H HB2  . PHE A 1 84  ? 2.196   2.126   7.158   1.00 0.30 ? 84  PHE A HB2  1 
ATOM 1174 H HB3  . PHE A 1 84  ? 0.477   2.226   6.819   1.00 0.30 ? 84  PHE A HB3  1 
ATOM 1175 H HD1  . PHE A 1 84  ? 3.843   2.047   5.278   1.00 2.08 ? 84  PHE A HD1  1 
ATOM 1176 H HD2  . PHE A 1 84  ? -0.353  2.151   4.513   1.00 2.16 ? 84  PHE A HD2  1 
ATOM 1177 H HE1  . PHE A 1 84  ? 4.233   1.275   2.975   1.00 2.08 ? 84  PHE A HE1  1 
ATOM 1178 H HE2  . PHE A 1 84  ? 0.058   1.392   2.211   1.00 2.14 ? 84  PHE A HE2  1 
ATOM 1179 H HZ   . PHE A 1 84  ? 2.348   0.969   1.435   1.00 0.29 ? 84  PHE A HZ   1 
ATOM 1180 N N    . GLY A 1 85  ? 3.866   4.332   6.126   1.00 0.24 ? 85  GLY A N    1 
ATOM 1181 C CA   . GLY A 1 85  ? 4.980   4.858   5.285   1.00 0.27 ? 85  GLY A CA   1 
ATOM 1182 C C    . GLY A 1 85  ? 6.232   3.993   5.384   1.00 0.24 ? 85  GLY A C    1 
ATOM 1183 O O    . GLY A 1 85  ? 6.382   3.203   6.295   1.00 0.28 ? 85  GLY A O    1 
ATOM 1184 H H    . GLY A 1 85  ? 4.045   3.760   6.906   1.00 0.24 ? 85  GLY A H    1 
ATOM 1185 H HA2  . GLY A 1 85  ? 4.655   4.884   4.261   1.00 0.29 ? 85  GLY A HA2  1 
ATOM 1186 H HA3  . GLY A 1 85  ? 5.219   5.862   5.604   1.00 0.31 ? 85  GLY A HA3  1 
ATOM 1187 N N    . PHE A 1 86  ? 7.112   4.169   4.426   1.00 0.22 ? 86  PHE A N    1 
ATOM 1188 C CA   . PHE A 1 86  ? 8.366   3.378   4.424   1.00 0.21 ? 86  PHE A CA   1 
ATOM 1189 C C    . PHE A 1 86  ? 9.464   4.088   3.637   1.00 0.21 ? 86  PHE A C    1 
ATOM 1190 O O    . PHE A 1 86  ? 9.229   5.116   3.032   1.00 0.31 ? 86  PHE A O    1 
ATOM 1191 C CB   . PHE A 1 86  ? 8.080   2.024   3.755   1.00 0.22 ? 86  PHE A CB   1 
ATOM 1192 C CG   . PHE A 1 86  ? 7.374   2.254   2.420   1.00 0.21 ? 86  PHE A CG   1 
ATOM 1193 C CD1  . PHE A 1 86  ? 6.082   2.744   2.382   1.00 1.21 ? 86  PHE A CD1  1 
ATOM 1194 C CD2  . PHE A 1 86  ? 8.017   1.965   1.230   1.00 1.20 ? 86  PHE A CD2  1 
ATOM 1195 C CE1  . PHE A 1 86  ? 5.446   2.940   1.178   1.00 1.20 ? 86  PHE A CE1  1 
ATOM 1196 C CE2  . PHE A 1 86  ? 7.376   2.162   0.027   1.00 1.21 ? 86  PHE A CE2  1 
ATOM 1197 C CZ   . PHE A 1 86  ? 6.089   2.651   0.003   1.00 0.20 ? 86  PHE A CZ   1 
ATOM 1198 H H    . PHE A 1 86  ? 6.938   4.822   3.711   1.00 0.26 ? 86  PHE A H    1 
ATOM 1199 H HA   . PHE A 1 86  ? 8.699   3.240   5.450   1.00 0.22 ? 86  PHE A HA   1 
ATOM 1200 H HB2  . PHE A 1 86  ? 9.005   1.503   3.575   1.00 0.24 ? 86  PHE A HB2  1 
ATOM 1201 H HB3  . PHE A 1 86  ? 7.450   1.424   4.395   1.00 0.26 ? 86  PHE A HB3  1 
ATOM 1202 H HD1  . PHE A 1 86  ? 5.568   2.971   3.298   1.00 2.14 ? 86  PHE A HD1  1 
ATOM 1203 H HD2  . PHE A 1 86  ? 9.027   1.582   1.245   1.00 2.13 ? 86  PHE A HD2  1 
ATOM 1204 H HE1  . PHE A 1 86  ? 4.437   3.321   1.159   1.00 2.12 ? 86  PHE A HE1  1 
ATOM 1205 H HE2  . PHE A 1 86  ? 7.886   1.933   -0.899  1.00 2.13 ? 86  PHE A HE2  1 
ATOM 1206 H HZ   . PHE A 1 86  ? 5.585   2.803   -0.936  1.00 0.22 ? 86  PHE A HZ   1 
ATOM 1207 N N    . ASN A 1 87  ? 10.647  3.517   3.666   1.00 0.27 ? 87  ASN A N    1 
ATOM 1208 C CA   . ASN A 1 87  ? 11.793  4.127   2.930   1.00 0.26 ? 87  ASN A CA   1 
ATOM 1209 C C    . ASN A 1 87  ? 12.437  3.110   2.016   1.00 0.26 ? 87  ASN A C    1 
ATOM 1210 O O    . ASN A 1 87  ? 13.074  2.175   2.475   1.00 0.28 ? 87  ASN A O    1 
ATOM 1211 C CB   . ASN A 1 87  ? 12.832  4.606   3.952   1.00 0.29 ? 87  ASN A CB   1 
ATOM 1212 C CG   . ASN A 1 87  ? 12.114  5.267   5.130   1.00 0.48 ? 87  ASN A CG   1 
ATOM 1213 O OD1  . ASN A 1 87  ? 11.515  4.607   5.956   1.00 1.32 ? 87  ASN A OD1  1 
ATOM 1214 N ND2  . ASN A 1 87  ? 12.146  6.567   5.244   1.00 1.17 ? 87  ASN A ND2  1 
ATOM 1215 H H    . ASN A 1 87  ? 10.777  2.687   4.174   1.00 0.39 ? 87  ASN A H    1 
ATOM 1216 H HA   . ASN A 1 87  ? 11.439  4.953   2.325   1.00 0.28 ? 87  ASN A HA   1 
ATOM 1217 H HB2  . ASN A 1 87  ? 13.407  3.766   4.308   1.00 0.46 ? 87  ASN A HB2  1 
ATOM 1218 H HB3  . ASN A 1 87  ? 13.496  5.322   3.492   1.00 0.43 ? 87  ASN A HB3  1 
ATOM 1219 H HD21 . ASN A 1 87  ? 12.625  7.105   4.580   1.00 1.92 ? 87  ASN A HD21 1 
ATOM 1220 H HD22 . ASN A 1 87  ? 11.691  7.004   5.995   1.00 1.27 ? 87  ASN A HD22 1 
ATOM 1221 N N    . GLY A 1 88  ? 12.250  3.307   0.729   1.00 0.26 ? 88  GLY A N    1 
ATOM 1222 C CA   . GLY A 1 88  ? 12.845  2.356   -0.266  1.00 0.30 ? 88  GLY A CA   1 
ATOM 1223 C C    . GLY A 1 88  ? 13.829  3.064   -1.195  1.00 0.40 ? 88  GLY A C    1 
ATOM 1224 O O    . GLY A 1 88  ? 13.771  4.265   -1.370  1.00 0.58 ? 88  GLY A O    1 
ATOM 1225 H H    . GLY A 1 88  ? 11.703  4.073   0.422   1.00 0.26 ? 88  GLY A H    1 
ATOM 1226 H HA2  . GLY A 1 88  ? 13.364  1.569   0.255   1.00 0.30 ? 88  GLY A HA2  1 
ATOM 1227 H HA3  . GLY A 1 88  ? 12.053  1.928   -0.861  1.00 0.31 ? 88  GLY A HA3  1 
ATOM 1228 N N    . SER A 1 89  ? 14.717  2.286   -1.774  1.00 0.39 ? 89  SER A N    1 
ATOM 1229 C CA   . SER A 1 89  ? 15.724  2.861   -2.698  1.00 0.50 ? 89  SER A CA   1 
ATOM 1230 C C    . SER A 1 89  ? 15.396  2.497   -4.137  1.00 0.56 ? 89  SER A C    1 
ATOM 1231 O O    . SER A 1 89  ? 14.794  1.469   -4.401  1.00 0.64 ? 89  SER A O    1 
ATOM 1232 C CB   . SER A 1 89  ? 17.099  2.274   -2.344  1.00 0.66 ? 89  SER A CB   1 
ATOM 1233 O OG   . SER A 1 89  ? 16.965  0.886   -2.612  1.00 0.81 ? 89  SER A OG   1 
ATOM 1234 H H    . SER A 1 89  ? 14.717  1.325   -1.591  1.00 0.40 ? 89  SER A H    1 
ATOM 1235 H HA   . SER A 1 89  ? 15.727  3.940   -2.600  1.00 0.53 ? 89  SER A HA   1 
ATOM 1236 H HB2  . SER A 1 89  ? 17.871  2.703   -2.967  1.00 0.77 ? 89  SER A HB2  1 
ATOM 1237 H HB3  . SER A 1 89  ? 17.325  2.432   -1.300  1.00 0.79 ? 89  SER A HB3  1 
ATOM 1238 H HG   . SER A 1 89  ? 17.845  0.506   -2.657  1.00 1.15 ? 89  SER A HG   1 
ATOM 1239 N N    . HIS A 1 90  ? 15.798  3.343   -5.044  1.00 0.61 ? 90  HIS A N    1 
ATOM 1240 C CA   . HIS A 1 90  ? 15.519  3.064   -6.477  1.00 0.75 ? 90  HIS A CA   1 
ATOM 1241 C C    . HIS A 1 90  ? 16.645  3.575   -7.363  1.00 0.71 ? 90  HIS A C    1 
ATOM 1242 O O    . HIS A 1 90  ? 17.758  3.768   -6.912  1.00 0.80 ? 90  HIS A O    1 
ATOM 1243 C CB   . HIS A 1 90  ? 14.232  3.797   -6.866  1.00 0.86 ? 90  HIS A CB   1 
ATOM 1244 C CG   . HIS A 1 90  ? 14.494  5.304   -6.836  1.00 0.76 ? 90  HIS A CG   1 
ATOM 1245 N ND1  . HIS A 1 90  ? 15.421  5.879   -7.441  1.00 0.79 ? 90  HIS A ND1  1 
ATOM 1246 C CD2  . HIS A 1 90  ? 13.817  6.301   -6.168  1.00 1.00 ? 90  HIS A CD2  1 
ATOM 1247 C CE1  . HIS A 1 90  ? 15.409  7.128   -7.230  1.00 1.02 ? 90  HIS A CE1  1 
ATOM 1248 N NE2  . HIS A 1 90  ? 14.415  7.497   -6.424  1.00 1.24 ? 90  HIS A NE2  1 
ATOM 1249 H H    . HIS A 1 90  ? 16.278  4.161   -4.780  1.00 0.61 ? 90  HIS A H    1 
ATOM 1250 H HA   . HIS A 1 90  ? 15.413  1.990   -6.618  1.00 1.02 ? 90  HIS A HA   1 
ATOM 1251 H HB2  . HIS A 1 90  ? 13.930  3.506   -7.862  1.00 1.11 ? 90  HIS A HB2  1 
ATOM 1252 H HB3  . HIS A 1 90  ? 13.445  3.555   -6.167  1.00 0.97 ? 90  HIS A HB3  1 
ATOM 1253 H HD1  . HIS A 1 90  ? 16.076  5.421   -8.009  1.00 0.82 ? 90  HIS A HD1  1 
ATOM 1254 H HD2  . HIS A 1 90  ? 12.954  6.159   -5.547  1.00 1.11 ? 90  HIS A HD2  1 
ATOM 1255 H HE1  . HIS A 1 90  ? 16.126  7.816   -7.653  1.00 1.14 ? 90  HIS A HE1  1 
ATOM 1256 N N    . THR A 1 91  ? 16.326  3.786   -8.617  1.00 0.88 ? 91  THR A N    1 
ATOM 1257 C CA   . THR A 1 91  ? 17.348  4.285   -9.570  1.00 0.98 ? 91  THR A CA   1 
ATOM 1258 C C    . THR A 1 91  ? 16.759  5.371   -10.465 1.00 1.52 ? 91  THR A C    1 
ATOM 1259 O O    . THR A 1 91  ? 17.415  5.867   -11.360 1.00 2.02 ? 91  THR A O    1 
ATOM 1260 C CB   . THR A 1 91  ? 17.801  3.115   -10.452 1.00 1.20 ? 91  THR A CB   1 
ATOM 1261 O OG1  . THR A 1 91  ? 16.609  2.529   -10.933 1.00 1.87 ? 91  THR A OG1  1 
ATOM 1262 C CG2  . THR A 1 91  ? 18.461  2.010   -9.610  1.00 0.97 ? 91  THR A CG2  1 
ATOM 1263 H H    . THR A 1 91  ? 15.412  3.612   -8.925  1.00 1.09 ? 91  THR A H    1 
ATOM 1264 H HA   . THR A 1 91  ? 18.187  4.701   -9.013  1.00 0.98 ? 91  THR A HA   1 
ATOM 1265 H HB   . THR A 1 91  ? 18.427  3.449   -11.277 1.00 1.75 ? 91  THR A HB   1 
ATOM 1266 H HG1  . THR A 1 91  ? 15.888  3.143   -10.768 1.00 2.34 ? 91  THR A HG1  1 
ATOM 1267 H HG21 . THR A 1 91  ? 18.220  2.152   -8.568  1.00 1.51 ? 91  THR A HG21 1 
ATOM 1268 H HG22 . THR A 1 91  ? 18.100  1.044   -9.929  1.00 1.29 ? 91  THR A HG22 1 
ATOM 1269 H HG23 . THR A 1 91  ? 19.533  2.049   -9.735  1.00 1.48 ? 91  THR A HG23 1 
ATOM 1270 N N    . GLY A 1 92  ? 15.523  5.721   -10.206 1.00 1.59 ? 92  GLY A N    1 
ATOM 1271 C CA   . GLY A 1 92  ? 14.864  6.777   -11.032 1.00 2.24 ? 92  GLY A CA   1 
ATOM 1272 C C    . GLY A 1 92  ? 13.985  6.139   -12.113 1.00 1.55 ? 92  GLY A C    1 
ATOM 1273 O O    . GLY A 1 92  ? 14.390  6.017   -13.252 1.00 1.30 ? 92  GLY A O    1 
ATOM 1274 H H    . GLY A 1 92  ? 15.033  5.292   -9.472  1.00 1.33 ? 92  GLY A H    1 
ATOM 1275 H HA2  . GLY A 1 92  ? 14.251  7.397   -10.394 1.00 2.87 ? 92  GLY A HA2  1 
ATOM 1276 H HA3  . GLY A 1 92  ? 15.620  7.388   -11.501 1.00 2.91 ? 92  GLY A HA3  1 
ATOM 1277 N N    . THR A 1 93  ? 12.795  5.749   -11.733 1.00 1.48 ? 93  THR A N    1 
ATOM 1278 C CA   . THR A 1 93  ? 11.884  5.120   -12.726 1.00 1.03 ? 93  THR A CA   1 
ATOM 1279 C C    . THR A 1 93  ? 10.432  5.168   -12.246 1.00 1.02 ? 93  THR A C    1 
ATOM 1280 O O    . THR A 1 93  ? 10.022  6.112   -11.601 1.00 1.73 ? 93  THR A O    1 
ATOM 1281 C CB   . THR A 1 93  ? 12.304  3.659   -12.893 1.00 1.30 ? 93  THR A CB   1 
ATOM 1282 O OG1  . THR A 1 93  ? 13.680  3.699   -13.207 1.00 1.71 ? 93  THR A OG1  1 
ATOM 1283 C CG2  . THR A 1 93  ? 11.642  3.035   -14.130 1.00 1.45 ? 93  THR A CG2  1 
ATOM 1284 H H    . THR A 1 93  ? 12.507  5.870   -10.804 1.00 1.89 ? 93  THR A H    1 
ATOM 1285 H HA   . THR A 1 93  ? 11.964  5.656   -13.670 1.00 1.06 ? 93  THR A HA   1 
ATOM 1286 H HB   . THR A 1 93  ? 12.131  3.088   -11.988 1.00 1.57 ? 93  THR A HB   1 
ATOM 1287 H HG1  . THR A 1 93  ? 13.991  2.794   -13.289 1.00 2.19 ? 93  THR A HG1  1 
ATOM 1288 H HG21 . THR A 1 93  ? 11.036  3.774   -14.632 1.00 1.65 ? 93  THR A HG21 1 
ATOM 1289 H HG22 . THR A 1 93  ? 12.402  2.679   -14.809 1.00 1.97 ? 93  THR A HG22 1 
ATOM 1290 H HG23 . THR A 1 93  ? 11.017  2.206   -13.830 1.00 1.81 ? 93  THR A HG23 1 
ATOM 1291 N N    . ASN A 1 94  ? 9.680   4.139   -12.572 1.00 0.77 ? 94  ASN A N    1 
ATOM 1292 C CA   . ASN A 1 94  ? 8.251   4.102   -12.148 1.00 0.93 ? 94  ASN A CA   1 
ATOM 1293 C C    . ASN A 1 94  ? 8.062   3.207   -10.927 1.00 0.64 ? 94  ASN A C    1 
ATOM 1294 O O    . ASN A 1 94  ? 8.550   2.090   -10.890 1.00 0.65 ? 94  ASN A O    1 
ATOM 1295 C CB   . ASN A 1 94  ? 7.420   3.532   -13.307 1.00 1.43 ? 94  ASN A CB   1 
ATOM 1296 C CG   . ASN A 1 94  ? 8.340   2.772   -14.264 1.00 1.53 ? 94  ASN A CG   1 
ATOM 1297 O OD1  . ASN A 1 94  ? 8.735   3.276   -15.295 1.00 2.16 ? 94  ASN A OD1  1 
ATOM 1298 N ND2  . ASN A 1 94  ? 8.704   1.555   -13.959 1.00 1.83 ? 94  ASN A ND2  1 
ATOM 1299 H H    . ASN A 1 94  ? 10.057  3.400   -13.091 1.00 1.10 ? 94  ASN A H    1 
ATOM 1300 H HA   . ASN A 1 94  ? 7.926   5.111   -11.901 1.00 1.21 ? 94  ASN A HA   1 
ATOM 1301 H HB2  . ASN A 1 94  ? 6.669   2.857   -12.923 1.00 1.91 ? 94  ASN A HB2  1 
ATOM 1302 H HB3  . ASN A 1 94  ? 6.935   4.336   -13.842 1.00 2.09 ? 94  ASN A HB3  1 
ATOM 1303 H HD21 . ASN A 1 94  ? 8.389   1.143   -13.129 1.00 1.86 ? 94  ASN A HD21 1 
ATOM 1304 H HD22 . ASN A 1 94  ? 9.293   1.055   -14.562 1.00 2.42 ? 94  ASN A HD22 1 
ATOM 1305 N N    . ALA A 1 95  ? 7.351   3.723   -9.949  1.00 0.72 ? 95  ALA A N    1 
ATOM 1306 C CA   . ALA A 1 95  ? 7.103   2.940   -8.712  1.00 0.75 ? 95  ALA A CA   1 
ATOM 1307 C C    . ALA A 1 95  ? 5.638   2.522   -8.604  1.00 0.68 ? 95  ALA A C    1 
ATOM 1308 O O    . ALA A 1 95  ? 5.190   1.628   -9.295  1.00 1.21 ? 95  ALA A O    1 
ATOM 1309 C CB   . ALA A 1 95  ? 7.445   3.833   -7.511  1.00 1.18 ? 95  ALA A CB   1 
ATOM 1310 H H    . ALA A 1 95  ? 6.985   4.620   -10.035 1.00 0.95 ? 95  ALA A H    1 
ATOM 1311 H HA   . ALA A 1 95  ? 7.725   2.055   -8.720  1.00 0.77 ? 95  ALA A HA   1 
ATOM 1312 H HB1  . ALA A 1 95  ? 8.471   4.161   -7.581  1.00 1.47 ? 95  ALA A HB1  1 
ATOM 1313 H HB2  . ALA A 1 95  ? 6.797   4.697   -7.503  1.00 1.64 ? 95  ALA A HB2  1 
ATOM 1314 H HB3  . ALA A 1 95  ? 7.310   3.279   -6.593  1.00 1.63 ? 95  ALA A HB3  1 
ATOM 1315 N N    . ALA A 1 96  ? 4.921   3.183   -7.730  1.00 0.57 ? 96  ALA A N    1 
ATOM 1316 C CA   . ALA A 1 96  ? 3.482   2.854   -7.547  1.00 0.55 ? 96  ALA A CA   1 
ATOM 1317 C C    . ALA A 1 96  ? 2.798   2.572   -8.901  1.00 0.44 ? 96  ALA A C    1 
ATOM 1318 O O    . ALA A 1 96  ? 2.573   3.480   -9.677  1.00 0.47 ? 96  ALA A O    1 
ATOM 1319 C CB   . ALA A 1 96  ? 2.804   4.078   -6.909  1.00 0.69 ? 96  ALA A CB   1 
ATOM 1320 H H    . ALA A 1 96  ? 5.333   3.894   -7.197  1.00 0.96 ? 96  ALA A H    1 
ATOM 1321 H HA   . ALA A 1 96  ? 3.402   1.993   -6.900  1.00 0.64 ? 96  ALA A HA   1 
ATOM 1322 H HB1  . ALA A 1 96  ? 3.507   4.593   -6.273  1.00 1.06 ? 96  ALA A HB1  1 
ATOM 1323 H HB2  . ALA A 1 96  ? 2.467   4.752   -7.683  1.00 1.27 ? 96  ALA A HB2  1 
ATOM 1324 H HB3  . ALA A 1 96  ? 1.958   3.761   -6.322  1.00 1.31 ? 96  ALA A HB3  1 
ATOM 1325 N N    . PRO A 1 97  ? 2.477   1.305   -9.167  1.00 0.39 ? 97  PRO A N    1 
ATOM 1326 C CA   . PRO A 1 97  ? 1.829   0.940   -10.422 1.00 0.39 ? 97  PRO A CA   1 
ATOM 1327 C C    . PRO A 1 97  ? 0.449   1.590   -10.587 1.00 0.48 ? 97  PRO A C    1 
ATOM 1328 O O    . PRO A 1 97  ? 0.349   2.712   -11.043 1.00 0.74 ? 97  PRO A O    1 
ATOM 1329 C CB   . PRO A 1 97  ? 1.718   -0.606  -10.384 1.00 0.46 ? 97  PRO A CB   1 
ATOM 1330 C CG   . PRO A 1 97  ? 2.306   -1.077  -9.023  1.00 0.47 ? 97  PRO A CG   1 
ATOM 1331 C CD   . PRO A 1 97  ? 2.772   0.177   -8.265  1.00 0.43 ? 97  PRO A CD   1 
ATOM 1332 H HA   . PRO A 1 97  ? 2.449   1.248   -11.227 1.00 0.37 ? 97  PRO A HA   1 
ATOM 1333 H HB2  . PRO A 1 97  ? 0.694   -0.915  -10.472 1.00 0.56 ? 97  PRO A HB2  1 
ATOM 1334 H HB3  . PRO A 1 97  ? 2.290   -1.031  -11.195 1.00 0.48 ? 97  PRO A HB3  1 
ATOM 1335 H HG2  . PRO A 1 97  ? 1.548   -1.592  -8.451  1.00 0.56 ? 97  PRO A HG2  1 
ATOM 1336 H HG3  . PRO A 1 97  ? 3.140   -1.736  -9.193  1.00 0.48 ? 97  PRO A HG3  1 
ATOM 1337 H HD2  . PRO A 1 97  ? 2.225   0.278   -7.350  1.00 0.52 ? 97  PRO A HD2  1 
ATOM 1338 H HD3  . PRO A 1 97  ? 3.833   0.130   -8.065  1.00 0.43 ? 97  PRO A HD3  1 
ATOM 1339 N N    . THR A 1 98  ? -0.583  0.886   -10.223 1.00 0.46 ? 98  THR A N    1 
ATOM 1340 C CA   . THR A 1 98  ? -1.944  1.474   -10.368 1.00 0.52 ? 98  THR A CA   1 
ATOM 1341 C C    . THR A 1 98  ? -2.920  0.925   -9.330  1.00 0.45 ? 98  THR A C    1 
ATOM 1342 O O    . THR A 1 98  ? -2.907  1.339   -8.186  1.00 0.56 ? 98  THR A O    1 
ATOM 1343 C CB   . THR A 1 98  ? -2.465  1.126   -11.763 1.00 0.67 ? 98  THR A CB   1 
ATOM 1344 O OG1  . THR A 1 98  ? -2.124  -0.231  -11.962 1.00 0.80 ? 98  THR A OG1  1 
ATOM 1345 C CG2  . THR A 1 98  ? -1.681  1.886   -12.842 1.00 0.56 ? 98  THR A CG2  1 
ATOM 1346 H H    . THR A 1 98  ? -0.465  -0.005  -9.857  1.00 0.58 ? 98  THR A H    1 
ATOM 1347 H HA   . THR A 1 98  ? -1.872  2.552   -10.246 1.00 0.57 ? 98  THR A HA   1 
ATOM 1348 H HB   . THR A 1 98  ? -3.541  1.270   -11.840 1.00 0.91 ? 98  THR A HB   1 
ATOM 1349 H HG1  . THR A 1 98  ? -2.781  -0.620  -12.541 1.00 1.23 ? 98  THR A HG1  1 
ATOM 1350 H HG21 . THR A 1 98  ? -1.688  2.943   -12.621 1.00 1.21 ? 98  THR A HG21 1 
ATOM 1351 H HG22 . THR A 1 98  ? -0.660  1.534   -12.866 1.00 1.06 ? 98  THR A HG22 1 
ATOM 1352 H HG23 . THR A 1 98  ? -2.138  1.722   -13.807 1.00 1.18 ? 98  THR A HG23 1 
ATOM 1353 N N    . ALA A 1 99  ? -3.763  0.009   -9.744  1.00 0.40 ? 99  ALA A N    1 
ATOM 1354 C CA   . ALA A 1 99  ? -4.734  -0.556  -8.778  1.00 0.32 ? 99  ALA A CA   1 
ATOM 1355 C C    . ALA A 1 99  ? -4.181  -1.779  -8.077  1.00 0.34 ? 99  ALA A C    1 
ATOM 1356 O O    . ALA A 1 99  ? -4.226  -2.876  -8.598  1.00 0.41 ? 99  ALA A O    1 
ATOM 1357 C CB   . ALA A 1 99  ? -6.028  -0.947  -9.518  1.00 0.34 ? 99  ALA A CB   1 
ATOM 1358 H H    . ALA A 1 99  ? -3.753  -0.293  -10.673 1.00 0.50 ? 99  ALA A H    1 
ATOM 1359 H HA   . ALA A 1 99  ? -4.938  0.191   -8.037  1.00 0.31 ? 99  ALA A HA   1 
ATOM 1360 H HB1  . ALA A 1 99  ? -6.282  -0.186  -10.239 1.00 1.14 ? 99  ALA A HB1  1 
ATOM 1361 H HB2  . ALA A 1 99  ? -5.891  -1.888  -10.025 1.00 1.00 ? 99  ALA A HB2  1 
ATOM 1362 H HB3  . ALA A 1 99  ? -6.840  -1.044  -8.805  1.00 1.06 ? 99  ALA A HB3  1 
ATOM 1363 N N    . PHE A 1 100 ? -3.667  -1.566  -6.899  1.00 0.35 ? 100 PHE A N    1 
ATOM 1364 C CA   . PHE A 1 100 ? -3.106  -2.696  -6.136  1.00 0.38 ? 100 PHE A CA   1 
ATOM 1365 C C    . PHE A 1 100 ? -4.225  -3.632  -5.729  1.00 0.34 ? 100 PHE A C    1 
ATOM 1366 O O    . PHE A 1 100 ? -5.235  -3.701  -6.404  1.00 0.42 ? 100 PHE A O    1 
ATOM 1367 C CB   . PHE A 1 100 ? -2.414  -2.129  -4.886  1.00 0.43 ? 100 PHE A CB   1 
ATOM 1368 C CG   . PHE A 1 100 ? -1.430  -1.007  -5.300  1.00 0.41 ? 100 PHE A CG   1 
ATOM 1369 C CD1  . PHE A 1 100 ? -1.082  -0.803  -6.640  1.00 1.28 ? 100 PHE A CD1  1 
ATOM 1370 C CD2  . PHE A 1 100 ? -0.872  -0.178  -4.339  1.00 1.18 ? 100 PHE A CD2  1 
ATOM 1371 C CE1  . PHE A 1 100 ? -0.207  0.198   -6.990  1.00 1.26 ? 100 PHE A CE1  1 
ATOM 1372 C CE2  . PHE A 1 100 ? 0.007   0.825   -4.705  1.00 1.17 ? 100 PHE A CE2  1 
ATOM 1373 C CZ   . PHE A 1 100 ? 0.337   1.008   -6.029  1.00 0.38 ? 100 PHE A CZ   1 
ATOM 1374 H H    . PHE A 1 100 ? -3.654  -0.661  -6.522  1.00 0.37 ? 100 PHE A H    1 
ATOM 1375 H HA   . PHE A 1 100 ? -2.401  -3.243  -6.763  1.00 0.43 ? 100 PHE A HA   1 
ATOM 1376 H HB2  . PHE A 1 100 ? -3.155  -1.722  -4.213  1.00 0.44 ? 100 PHE A HB2  1 
ATOM 1377 H HB3  . PHE A 1 100 ? -1.870  -2.912  -4.381  1.00 0.50 ? 100 PHE A HB3  1 
ATOM 1378 H HD1  . PHE A 1 100 ? -1.494  -1.429  -7.408  1.00 2.17 ? 100 PHE A HD1  1 
ATOM 1379 H HD2  . PHE A 1 100 ? -1.124  -0.318  -3.299  1.00 2.06 ? 100 PHE A HD2  1 
ATOM 1380 H HE1  . PHE A 1 100 ? 0.050   0.349   -8.030  1.00 2.15 ? 100 PHE A HE1  1 
ATOM 1381 H HE2  . PHE A 1 100 ? 0.435   1.468   -3.950  1.00 2.06 ? 100 PHE A HE2  1 
ATOM 1382 H HZ   . PHE A 1 100 ? 1.038   1.781   -6.313  1.00 0.38 ? 100 PHE A HZ   1 
ATOM 1383 N N    . SER A 1 101 ? -4.057  -4.341  -4.646  1.00 0.26 ? 101 SER A N    1 
ATOM 1384 C CA   . SER A 1 101 ? -5.152  -5.258  -4.251  1.00 0.28 ? 101 SER A CA   1 
ATOM 1385 C C    . SER A 1 101 ? -5.172  -5.557  -2.764  1.00 0.25 ? 101 SER A C    1 
ATOM 1386 O O    . SER A 1 101 ? -4.314  -6.244  -2.255  1.00 0.29 ? 101 SER A O    1 
ATOM 1387 C CB   . SER A 1 101 ? -4.963  -6.580  -5.008  1.00 0.36 ? 101 SER A CB   1 
ATOM 1388 O OG   . SER A 1 101 ? -4.984  -6.203  -6.377  1.00 0.65 ? 101 SER A OG   1 
ATOM 1389 H H    . SER A 1 101 ? -3.229  -4.272  -4.113  1.00 0.25 ? 101 SER A H    1 
ATOM 1390 H HA   . SER A 1 101 ? -6.099  -4.804  -4.520  1.00 0.31 ? 101 SER A HA   1 
ATOM 1391 H HB2  . SER A 1 101 ? -4.013  -7.031  -4.759  1.00 0.48 ? 101 SER A HB2  1 
ATOM 1392 H HB3  . SER A 1 101 ? -5.772  -7.263  -4.796  1.00 0.55 ? 101 SER A HB3  1 
ATOM 1393 H HG   . SER A 1 101 ? -4.132  -6.427  -6.759  1.00 1.15 ? 101 SER A HG   1 
ATOM 1394 N N    . LEU A 1 102 ? -6.172  -5.035  -2.095  1.00 0.24 ? 102 LEU A N    1 
ATOM 1395 C CA   . LEU A 1 102 ? -6.287  -5.271  -0.645  1.00 0.25 ? 102 LEU A CA   1 
ATOM 1396 C C    . LEU A 1 102 ? -6.304  -6.775  -0.388  1.00 0.31 ? 102 LEU A C    1 
ATOM 1397 O O    . LEU A 1 102 ? -6.267  -7.552  -1.319  1.00 0.40 ? 102 LEU A O    1 
ATOM 1398 C CB   . LEU A 1 102 ? -7.620  -4.674  -0.176  1.00 0.29 ? 102 LEU A CB   1 
ATOM 1399 C CG   . LEU A 1 102 ? -7.355  -3.426  0.660   1.00 0.27 ? 102 LEU A CG   1 
ATOM 1400 C CD1  . LEU A 1 102 ? -8.691  -2.850  1.132   1.00 0.33 ? 102 LEU A CD1  1 
ATOM 1401 C CD2  . LEU A 1 102 ? -6.510  -3.805  1.875   1.00 0.29 ? 102 LEU A CD2  1 
ATOM 1402 H H    . LEU A 1 102 ? -6.848  -4.494  -2.561  1.00 0.29 ? 102 LEU A H    1 
ATOM 1403 H HA   . LEU A 1 102 ? -5.449  -4.814  -0.129  1.00 0.23 ? 102 LEU A HA   1 
ATOM 1404 H HB2  . LEU A 1 102 ? -8.213  -4.409  -1.035  1.00 0.36 ? 102 LEU A HB2  1 
ATOM 1405 H HB3  . LEU A 1 102 ? -8.156  -5.402  0.414   1.00 0.36 ? 102 LEU A HB3  1 
ATOM 1406 H HG   . LEU A 1 102 ? -6.830  -2.693  0.065   1.00 0.33 ? 102 LEU A HG   1 
ATOM 1407 H HD11 . LEU A 1 102 ? -9.393  -2.839  0.310   1.00 1.03 ? 102 LEU A HD11 1 
ATOM 1408 H HD12 . LEU A 1 102 ? -9.089  -3.459  1.931   1.00 1.10 ? 102 LEU A HD12 1 
ATOM 1409 H HD13 . LEU A 1 102 ? -8.547  -1.842  1.491   1.00 1.09 ? 102 LEU A HD13 1 
ATOM 1410 H HD21 . LEU A 1 102 ? -6.366  -4.874  1.900   1.00 1.06 ? 102 LEU A HD21 1 
ATOM 1411 H HD22 . LEU A 1 102 ? -5.548  -3.319  1.816   1.00 1.02 ? 102 LEU A HD22 1 
ATOM 1412 H HD23 . LEU A 1 102 ? -7.011  -3.494  2.779   1.00 1.10 ? 102 LEU A HD23 1 
ATOM 1413 N N    . ASN A 1 103 ? -6.353  -7.168  0.850   1.00 0.31 ? 103 ASN A N    1 
ATOM 1414 C CA   . ASN A 1 103 ? -6.372  -8.614  1.140   1.00 0.39 ? 103 ASN A CA   1 
ATOM 1415 C C    . ASN A 1 103 ? -7.638  -9.286  0.591   1.00 0.58 ? 103 ASN A C    1 
ATOM 1416 O O    . ASN A 1 103 ? -8.552  -9.579  1.337   1.00 1.41 ? 103 ASN A O    1 
ATOM 1417 C CB   . ASN A 1 103 ? -6.340  -8.807  2.664   1.00 0.51 ? 103 ASN A CB   1 
ATOM 1418 C CG   . ASN A 1 103 ? -7.561  -8.129  3.287   1.00 0.73 ? 103 ASN A CG   1 
ATOM 1419 O OD1  . ASN A 1 103 ? -8.408  -8.772  3.876   1.00 1.65 ? 103 ASN A OD1  1 
ATOM 1420 N ND2  . ASN A 1 103 ? -7.690  -6.834  3.182   1.00 0.88 ? 103 ASN A ND2  1 
ATOM 1421 H H    . ASN A 1 103 ? -6.351  -6.525  1.576   1.00 0.31 ? 103 ASN A H    1 
ATOM 1422 H HA   . ASN A 1 103 ? -5.506  -9.067  0.681   1.00 0.49 ? 103 ASN A HA   1 
ATOM 1423 H HB2  . ASN A 1 103 ? -6.360  -9.861  2.899   1.00 0.99 ? 103 ASN A HB2  1 
ATOM 1424 H HB3  . ASN A 1 103 ? -5.443  -8.370  3.069   1.00 1.08 ? 103 ASN A HB3  1 
ATOM 1425 H HD21 . ASN A 1 103 ? -7.010  -6.311  2.709   1.00 1.23 ? 103 ASN A HD21 1 
ATOM 1426 H HD22 . ASN A 1 103 ? -8.467  -6.386  3.576   1.00 1.28 ? 103 ASN A HD22 1 
ATOM 1427 N N    . GLY A 1 104 ? -7.667  -9.514  -0.710  1.00 0.66 ? 104 GLY A N    1 
ATOM 1428 C CA   . GLY A 1 104 ? -8.872  -10.173 -1.324  1.00 0.70 ? 104 GLY A CA   1 
ATOM 1429 C C    . GLY A 1 104 ? -9.701  -9.199  -2.179  1.00 0.54 ? 104 GLY A C    1 
ATOM 1430 O O    . GLY A 1 104 ? -10.742 -9.567  -2.686  1.00 0.62 ? 104 GLY A O    1 
ATOM 1431 H H    . GLY A 1 104 ? -6.907  -9.262  -1.272  1.00 1.27 ? 104 GLY A H    1 
ATOM 1432 H HA2  . GLY A 1 104 ? -8.543  -10.990 -1.948  1.00 0.82 ? 104 GLY A HA2  1 
ATOM 1433 H HA3  . GLY A 1 104 ? -9.500  -10.567 -0.540  1.00 0.90 ? 104 GLY A HA3  1 
ATOM 1434 N N    . THR A 1 105 ? -9.236  -7.985  -2.332  1.00 0.53 ? 105 THR A N    1 
ATOM 1435 C CA   . THR A 1 105 ? -10.017 -7.017  -3.158  1.00 0.48 ? 105 THR A CA   1 
ATOM 1436 C C    . THR A 1 105 ? -9.102  -5.985  -3.836  1.00 0.37 ? 105 THR A C    1 
ATOM 1437 O O    . THR A 1 105 ? -8.047  -5.684  -3.344  1.00 0.35 ? 105 THR A O    1 
ATOM 1438 C CB   . THR A 1 105 ? -10.972 -6.271  -2.225  1.00 0.70 ? 105 THR A CB   1 
ATOM 1439 O OG1  . THR A 1 105 ? -10.156 -5.388  -1.495  1.00 1.33 ? 105 THR A OG1  1 
ATOM 1440 C CG2  . THR A 1 105 ? -11.557 -7.211  -1.162  1.00 1.47 ? 105 THR A CG2  1 
ATOM 1441 H H    . THR A 1 105 ? -8.392  -7.716  -1.909  1.00 0.69 ? 105 THR A H    1 
ATOM 1442 H HA   . THR A 1 105 ? -10.565 -7.567  -3.908  1.00 0.49 ? 105 THR A HA   1 
ATOM 1443 H HB   . THR A 1 105 ? -11.730 -5.728  -2.778  1.00 1.31 ? 105 THR A HB   1 
ATOM 1444 H HG1  . THR A 1 105 ? -9.702  -5.898  -0.819  1.00 1.78 ? 105 THR A HG1  1 
ATOM 1445 H HG21 . THR A 1 105 ? -10.757 -7.667  -0.598  1.00 2.12 ? 105 THR A HG21 1 
ATOM 1446 H HG22 . THR A 1 105 ? -12.190 -6.652  -0.489  1.00 1.88 ? 105 THR A HG22 1 
ATOM 1447 H HG23 . THR A 1 105 ? -12.140 -7.982  -1.636  1.00 2.00 ? 105 THR A HG23 1 
ATOM 1448 N N    . PRO A 1 106 ? -9.538  -5.464  -4.979  1.00 0.40 ? 106 PRO A N    1 
ATOM 1449 C CA   . PRO A 1 106 ? -8.753  -4.466  -5.719  1.00 0.37 ? 106 PRO A CA   1 
ATOM 1450 C C    . PRO A 1 106 ? -8.673  -3.130  -4.964  1.00 0.35 ? 106 PRO A C    1 
ATOM 1451 O O    . PRO A 1 106 ? -9.396  -2.905  -4.014  1.00 0.59 ? 106 PRO A O    1 
ATOM 1452 C CB   . PRO A 1 106 ? -9.534  -4.244  -7.029  1.00 0.50 ? 106 PRO A CB   1 
ATOM 1453 C CG   . PRO A 1 106 ? -10.884 -5.015  -6.901  1.00 0.60 ? 106 PRO A CG   1 
ATOM 1454 C CD   . PRO A 1 106 ? -10.805 -5.861  -5.619  1.00 0.53 ? 106 PRO A CD   1 
ATOM 1455 H HA   . PRO A 1 106 ? -7.759  -4.846  -5.915  1.00 0.35 ? 106 PRO A HA   1 
ATOM 1456 H HB2  . PRO A 1 106 ? -9.722  -3.190  -7.174  1.00 0.53 ? 106 PRO A HB2  1 
ATOM 1457 H HB3  . PRO A 1 106 ? -8.967  -4.627  -7.866  1.00 0.56 ? 106 PRO A HB3  1 
ATOM 1458 H HG2  . PRO A 1 106 ? -11.704 -4.315  -6.832  1.00 0.69 ? 106 PRO A HG2  1 
ATOM 1459 H HG3  . PRO A 1 106 ? -11.028 -5.657  -7.758  1.00 0.69 ? 106 PRO A HG3  1 
ATOM 1460 H HD2  . PRO A 1 106 ? -11.639 -5.646  -4.967  1.00 0.60 ? 106 PRO A HD2  1 
ATOM 1461 H HD3  . PRO A 1 106 ? -10.785 -6.907  -5.874  1.00 0.56 ? 106 PRO A HD3  1 
ATOM 1462 N N    . CYS A 1 107 ? -7.788  -2.272  -5.410  1.00 0.29 ? 107 CYS A N    1 
ATOM 1463 C CA   . CYS A 1 107 ? -7.637  -0.943  -4.745  1.00 0.27 ? 107 CYS A CA   1 
ATOM 1464 C C    . CYS A 1 107 ? -6.964  0.046   -5.706  1.00 0.28 ? 107 CYS A C    1 
ATOM 1465 O O    . CYS A 1 107 ? -5.774  -0.005  -5.910  1.00 0.34 ? 107 CYS A O    1 
ATOM 1466 C CB   . CYS A 1 107 ? -6.764  -1.111  -3.487  1.00 0.27 ? 107 CYS A CB   1 
ATOM 1467 S SG   . CYS A 1 107 ? -7.036  0.059   -2.125  1.00 0.44 ? 107 CYS A SG   1 
ATOM 1468 H H    . CYS A 1 107 ? -7.221  -2.504  -6.177  1.00 0.45 ? 107 CYS A H    1 
ATOM 1469 H HA   . CYS A 1 107 ? -8.625  -0.571  -4.486  1.00 0.30 ? 107 CYS A HA   1 
ATOM 1470 H HB2  . CYS A 1 107 ? -6.920  -2.107  -3.100  1.00 0.30 ? 107 CYS A HB2  1 
ATOM 1471 H HB3  . CYS A 1 107 ? -5.728  -1.034  -3.784  1.00 0.26 ? 107 CYS A HB3  1 
ATOM 1472 N N    . THR A 1 108 ? -7.754  0.948   -6.255  1.00 0.29 ? 108 THR A N    1 
ATOM 1473 C CA   . THR A 1 108 ? -7.193  1.964   -7.220  1.00 0.31 ? 108 THR A CA   1 
ATOM 1474 C C    . THR A 1 108 ? -6.275  2.996   -6.553  1.00 0.00 ? 108 THR A C    1 
ATOM 1475 O O    . THR A 1 108 ? -6.610  3.565   -5.542  1.00 0.00 ? 108 THR A O    1 
ATOM 1476 C CB   . THR A 1 108 ? -8.375  2.712   -7.846  1.00 0.39 ? 108 THR A CB   1 
ATOM 1477 O OG1  . THR A 1 108 ? -9.399  2.672   -6.873  1.00 0.96 ? 108 THR A OG1  1 
ATOM 1478 C CG2  . THR A 1 108 ? -8.946  1.933   -9.041  1.00 1.04 ? 108 THR A CG2  1 
ATOM 1479 H H    . THR A 1 108 ? -8.709  0.969   -6.022  1.00 0.33 ? 108 THR A H    1 
ATOM 1480 H HA   . THR A 1 108 ? -6.637  1.446   -7.988  1.00 0.31 ? 108 THR A HA   1 
ATOM 1481 H HB   . THR A 1 108 ? -8.118  3.739   -8.095  1.00 0.87 ? 108 THR A HB   1 
ATOM 1482 H HG1  . THR A 1 108 ? -10.236 2.548   -7.328  1.00 1.45 ? 108 THR A HG1  1 
ATOM 1483 H HG21 . THR A 1 108 ? -8.816  0.873   -8.881  1.00 1.65 ? 108 THR A HG21 1 
ATOM 1484 H HG22 . THR A 1 108 ? -9.998  2.150   -9.150  1.00 1.73 ? 108 THR A HG22 1 
ATOM 1485 H HG23 . THR A 1 108 ? -8.429  2.221   -9.945  1.00 1.44 ? 108 THR A HG23 1 
ATOM 1486 N N    . VAL A 1 109 ? -5.119  3.224   -7.140  1.00 0.00 ? 109 VAL A N    1 
ATOM 1487 C CA   . VAL A 1 109 ? -4.198  4.220   -6.532  1.00 0.00 ? 109 VAL A CA   1 
ATOM 1488 C C    . VAL A 1 109 ? -4.952  5.508   -6.211  1.00 0.00 ? 109 VAL A C    1 
ATOM 1489 O O    . VAL A 1 109 ? -6.047  5.721   -6.696  1.00 0.00 ? 109 VAL A O    1 
ATOM 1490 C CB   . VAL A 1 109 ? -3.074  4.558   -7.535  1.00 0.00 ? 109 VAL A CB   1 
ATOM 1491 C CG1  . VAL A 1 109 ? -1.855  3.663   -7.273  1.00 0.00 ? 109 VAL A CG1  1 
ATOM 1492 C CG2  . VAL A 1 109 ? -3.579  4.335   -8.965  1.00 0.00 ? 109 VAL A CG2  1 
ATOM 1493 H H    . VAL A 1 109 ? -4.858  2.729   -7.950  1.00 0.00 ? 109 VAL A H    1 
ATOM 1494 H HA   . VAL A 1 109 ? -3.792  3.809   -5.612  1.00 0.00 ? 109 VAL A HA   1 
ATOM 1495 H HB   . VAL A 1 109 ? -2.789  5.594   -7.415  1.00 0.00 ? 109 VAL A HB   1 
ATOM 1496 H HG11 . VAL A 1 109 ? -2.119  2.867   -6.595  1.00 0.00 ? 109 VAL A HG11 1 
ATOM 1497 H HG12 . VAL A 1 109 ? -1.509  3.238   -8.201  1.00 0.00 ? 109 VAL A HG12 1 
ATOM 1498 H HG13 . VAL A 1 109 ? -1.061  4.251   -6.836  1.00 0.00 ? 109 VAL A HG13 1 
ATOM 1499 H HG21 . VAL A 1 109 ? -4.481  4.906   -9.126  1.00 0.00 ? 109 VAL A HG21 1 
ATOM 1500 H HG22 . VAL A 1 109 ? -2.826  4.655   -9.671  1.00 0.00 ? 109 VAL A HG22 1 
ATOM 1501 H HG23 . VAL A 1 109 ? -3.789  3.291   -9.121  1.00 0.00 ? 109 VAL A HG23 1 
ATOM 1502 N N    . GLY A 1 110 ? -4.344  6.349   -5.410  1.00 0.00 ? 110 GLY A N    1 
ATOM 1503 C CA   . GLY A 1 110 ? -5.007  7.640   -5.039  1.00 0.00 ? 110 GLY A CA   1 
ATOM 1504 C C    . GLY A 1 110 ? -4.210  8.824   -5.588  1.00 0.00 ? 110 GLY A C    1 
ATOM 1505 O O    . GLY A 1 110 ? -4.185  9.827   -4.894  1.00 0.00 ? 110 GLY A O    1 
ATOM 1506 O OXT  . GLY A 1 110 ? -3.672  8.660   -6.671  1.00 0.00 ? 110 GLY A OXT  1 
ATOM 1507 H H    . GLY A 1 110 ? -3.455  6.138   -5.062  1.00 0.00 ? 110 GLY A H    1 
ATOM 1508 H HA2  . GLY A 1 110 ? -6.006  7.665   -5.445  1.00 0.00 ? 110 GLY A HA2  1 
ATOM 1509 H HA3  . GLY A 1 110 ? -5.060  7.715   -3.964  1.00 0.00 ? 110 GLY A HA3  1 
# 
